data_7AUQ
# 
_entry.id   7AUQ 
# 
_audit_conform.dict_name       mmcif_pdbx.dic 
_audit_conform.dict_version    5.384 
_audit_conform.dict_location   http://mmcif.pdb.org/dictionaries/ascii/mmcif_pdbx.dic 
# 
loop_
_database_2.database_id 
_database_2.database_code 
_database_2.pdbx_database_accession 
_database_2.pdbx_DOI 
PDB   7AUQ         pdb_00007auq 10.2210/pdb7auq/pdb 
WWPDB D_1292111074 ?            ?                   
# 
loop_
_pdbx_audit_revision_history.ordinal 
_pdbx_audit_revision_history.data_content_type 
_pdbx_audit_revision_history.major_revision 
_pdbx_audit_revision_history.minor_revision 
_pdbx_audit_revision_history.revision_date 
1 'Structure model' 1 0 2021-05-19 
2 'Structure model' 1 1 2024-01-31 
# 
_pdbx_audit_revision_details.ordinal             1 
_pdbx_audit_revision_details.revision_ordinal    1 
_pdbx_audit_revision_details.data_content_type   'Structure model' 
_pdbx_audit_revision_details.provider            repository 
_pdbx_audit_revision_details.type                'Initial release' 
_pdbx_audit_revision_details.description         ? 
_pdbx_audit_revision_details.details             ? 
# 
loop_
_pdbx_audit_revision_group.ordinal 
_pdbx_audit_revision_group.revision_ordinal 
_pdbx_audit_revision_group.data_content_type 
_pdbx_audit_revision_group.group 
1 2 'Structure model' 'Data collection'        
2 2 'Structure model' 'Database references'    
3 2 'Structure model' 'Refinement description' 
# 
loop_
_pdbx_audit_revision_category.ordinal 
_pdbx_audit_revision_category.revision_ordinal 
_pdbx_audit_revision_category.data_content_type 
_pdbx_audit_revision_category.category 
1 2 'Structure model' chem_comp_atom                
2 2 'Structure model' chem_comp_bond                
3 2 'Structure model' database_2                    
4 2 'Structure model' pdbx_initial_refinement_model 
# 
loop_
_pdbx_audit_revision_item.ordinal 
_pdbx_audit_revision_item.revision_ordinal 
_pdbx_audit_revision_item.data_content_type 
_pdbx_audit_revision_item.item 
1 2 'Structure model' '_database_2.pdbx_DOI'                
2 2 'Structure model' '_database_2.pdbx_database_accession' 
# 
_pdbx_database_status.status_code                     REL 
_pdbx_database_status.status_code_sf                  REL 
_pdbx_database_status.status_code_mr                  ? 
_pdbx_database_status.entry_id                        7AUQ 
_pdbx_database_status.recvd_initial_deposition_date   2020-11-03 
_pdbx_database_status.SG_entry                        N 
_pdbx_database_status.deposit_site                    PDBE 
_pdbx_database_status.process_site                    PDBE 
_pdbx_database_status.status_code_cs                  ? 
_pdbx_database_status.status_code_nmr_data            ? 
_pdbx_database_status.methods_development_category    ? 
_pdbx_database_status.pdb_format_compatible           Y 
# 
loop_
_pdbx_database_related.db_name 
_pdbx_database_related.details 
_pdbx_database_related.db_id 
_pdbx_database_related.content_type 
PDB . 7AUI unspecified 
PDB . 7AUJ unspecified 
PDB . 7AUK unspecified 
PDB . 7AUL unspecified 
PDB . 7AUM unspecified 
PDB . 7AUN unspecified 
PDB . 7AUO unspecified 
PDB . 7AUP unspecified 
# 
loop_
_audit_author.name 
_audit_author.pdbx_ordinal 
_audit_author.identifier_ORCID 
'Marquez-Monino, M.A.' 1 0000-0003-4177-9359 
'Gonzalez, B.'         2 0000-0002-0710-0202 
# 
_citation.abstract                  ? 
_citation.abstract_id_CAS           ? 
_citation.book_id_ISBN              ? 
_citation.book_publisher            ? 
_citation.book_publisher_city       ? 
_citation.book_title                ? 
_citation.coordinate_linkage        ? 
_citation.country                   US 
_citation.database_id_Medline       ? 
_citation.details                   ? 
_citation.id                        primary 
_citation.journal_abbrev            'Sci Adv' 
_citation.journal_id_ASTM           ? 
_citation.journal_id_CSD            ? 
_citation.journal_id_ISSN           2375-2548 
_citation.journal_full              ? 
_citation.journal_issue             ? 
_citation.journal_volume            7 
_citation.language                  ? 
_citation.page_first                ? 
_citation.page_last                 ? 
_citation.title                     
;Multiple substrate recognition by yeast diadenosine and diphosphoinositol polyphosphate phosphohydrolase through phosphate clamping.
;
_citation.year                      2021 
_citation.database_id_CSD           ? 
_citation.pdbx_database_id_DOI      10.1126/sciadv.abf6744 
_citation.pdbx_database_id_PubMed   33893105 
_citation.unpublished_flag          ? 
# 
loop_
_citation_author.citation_id 
_citation_author.name 
_citation_author.ordinal 
_citation_author.identifier_ORCID 
primary 'Marquez-Monino, M.A.'  1 0000-0003-4177-9359 
primary 'Ortega-Garcia, R.'     2 ?                   
primary 'Shipton, M.L.'         3 0000-0002-9982-0927 
primary 'Franco-Echevarria, E.' 4 0000-0001-7306-6594 
primary 'Riley, A.M.'           5 0000-0001-9003-3540 
primary 'Sanz-Aparicio, J.'     6 ?                   
primary 'Potter, B.V.L.'        7 0000-0003-3255-9135 
primary 'Gonzalez, B.'          8 0000-0002-0710-0202 
# 
loop_
_entity.id 
_entity.type 
_entity.src_method 
_entity.pdbx_description 
_entity.formula_weight 
_entity.pdbx_number_of_molecules 
_entity.pdbx_ec 
_entity.pdbx_mutation 
_entity.pdbx_fragment 
_entity.details 
1 polymer     man 'Diphosphoinositol polyphosphate phosphohydrolase DDP1' 21812.713 1  3.6.1.52,3.6.1.60 ? ? 
'GGS is a rest of purification linker, protein starts in MGK.' 
2 non-polymer syn "ADENOSINE-5'-PENTAPHOSPHATE"                           667.141   1  ?                 ? ? ? 
3 non-polymer syn ADENINE                                                 135.127   1  ?                 ? ? ? 
4 non-polymer syn 'CALCIUM ION'                                           40.078    1  ?                 ? ? ? 
5 water       nat water                                                   18.015    32 ?                 ? ? ? 
# 
_entity_name_com.entity_id   1 
_entity_name_com.name        
;Diadenosine 5',5'''-P1,P6-hexaphosphate hydrolase,Ap6A hydrolase,Diadenosine and diphosphoinositol polyphosphate phosphohydrolase 1,Diadenosine hexaphosphate hydrolase (AMP-forming)
;
# 
_entity_poly.entity_id                      1 
_entity_poly.type                           'polypeptide(L)' 
_entity_poly.nstd_linkage                   no 
_entity_poly.nstd_monomer                   no 
_entity_poly.pdbx_seq_one_letter_code       
;GGSMGKTADNHGPVRSETAREGRENQVYSPVTGARLVAGCICLTPDKKQVLMITSSAHKKRWIVPKGGVEKDEPNYETTA
QRETWEEAGCIGKIVANLGTVEDMRPPKDWNKDIKQFENSRKDSEVAKHPPRTEFHFYELEIENLLDKFPECHKRHRKLY
SYTEAKQNLIDAKRPELLEALNRSAIIKDDK
;
_entity_poly.pdbx_seq_one_letter_code_can   
;GGSMGKTADNHGPVRSETAREGRENQVYSPVTGARLVAGCICLTPDKKQVLMITSSAHKKRWIVPKGGVEKDEPNYETTA
QRETWEEAGCIGKIVANLGTVEDMRPPKDWNKDIKQFENSRKDSEVAKHPPRTEFHFYELEIENLLDKFPECHKRHRKLY
SYTEAKQNLIDAKRPELLEALNRSAIIKDDK
;
_entity_poly.pdbx_strand_id                 A 
_entity_poly.pdbx_target_identifier         ? 
# 
loop_
_pdbx_entity_nonpoly.entity_id 
_pdbx_entity_nonpoly.name 
_pdbx_entity_nonpoly.comp_id 
2 "ADENOSINE-5'-PENTAPHOSPHATE" 5FA 
3 ADENINE                       ADE 
4 'CALCIUM ION'                 CA  
5 water                         HOH 
# 
loop_
_entity_poly_seq.entity_id 
_entity_poly_seq.num 
_entity_poly_seq.mon_id 
_entity_poly_seq.hetero 
1 1   GLY n 
1 2   GLY n 
1 3   SER n 
1 4   MET n 
1 5   GLY n 
1 6   LYS n 
1 7   THR n 
1 8   ALA n 
1 9   ASP n 
1 10  ASN n 
1 11  HIS n 
1 12  GLY n 
1 13  PRO n 
1 14  VAL n 
1 15  ARG n 
1 16  SER n 
1 17  GLU n 
1 18  THR n 
1 19  ALA n 
1 20  ARG n 
1 21  GLU n 
1 22  GLY n 
1 23  ARG n 
1 24  GLU n 
1 25  ASN n 
1 26  GLN n 
1 27  VAL n 
1 28  TYR n 
1 29  SER n 
1 30  PRO n 
1 31  VAL n 
1 32  THR n 
1 33  GLY n 
1 34  ALA n 
1 35  ARG n 
1 36  LEU n 
1 37  VAL n 
1 38  ALA n 
1 39  GLY n 
1 40  CYS n 
1 41  ILE n 
1 42  CYS n 
1 43  LEU n 
1 44  THR n 
1 45  PRO n 
1 46  ASP n 
1 47  LYS n 
1 48  LYS n 
1 49  GLN n 
1 50  VAL n 
1 51  LEU n 
1 52  MET n 
1 53  ILE n 
1 54  THR n 
1 55  SER n 
1 56  SER n 
1 57  ALA n 
1 58  HIS n 
1 59  LYS n 
1 60  LYS n 
1 61  ARG n 
1 62  TRP n 
1 63  ILE n 
1 64  VAL n 
1 65  PRO n 
1 66  LYS n 
1 67  GLY n 
1 68  GLY n 
1 69  VAL n 
1 70  GLU n 
1 71  LYS n 
1 72  ASP n 
1 73  GLU n 
1 74  PRO n 
1 75  ASN n 
1 76  TYR n 
1 77  GLU n 
1 78  THR n 
1 79  THR n 
1 80  ALA n 
1 81  GLN n 
1 82  ARG n 
1 83  GLU n 
1 84  THR n 
1 85  TRP n 
1 86  GLU n 
1 87  GLU n 
1 88  ALA n 
1 89  GLY n 
1 90  CYS n 
1 91  ILE n 
1 92  GLY n 
1 93  LYS n 
1 94  ILE n 
1 95  VAL n 
1 96  ALA n 
1 97  ASN n 
1 98  LEU n 
1 99  GLY n 
1 100 THR n 
1 101 VAL n 
1 102 GLU n 
1 103 ASP n 
1 104 MET n 
1 105 ARG n 
1 106 PRO n 
1 107 PRO n 
1 108 LYS n 
1 109 ASP n 
1 110 TRP n 
1 111 ASN n 
1 112 LYS n 
1 113 ASP n 
1 114 ILE n 
1 115 LYS n 
1 116 GLN n 
1 117 PHE n 
1 118 GLU n 
1 119 ASN n 
1 120 SER n 
1 121 ARG n 
1 122 LYS n 
1 123 ASP n 
1 124 SER n 
1 125 GLU n 
1 126 VAL n 
1 127 ALA n 
1 128 LYS n 
1 129 HIS n 
1 130 PRO n 
1 131 PRO n 
1 132 ARG n 
1 133 THR n 
1 134 GLU n 
1 135 PHE n 
1 136 HIS n 
1 137 PHE n 
1 138 TYR n 
1 139 GLU n 
1 140 LEU n 
1 141 GLU n 
1 142 ILE n 
1 143 GLU n 
1 144 ASN n 
1 145 LEU n 
1 146 LEU n 
1 147 ASP n 
1 148 LYS n 
1 149 PHE n 
1 150 PRO n 
1 151 GLU n 
1 152 CYS n 
1 153 HIS n 
1 154 LYS n 
1 155 ARG n 
1 156 HIS n 
1 157 ARG n 
1 158 LYS n 
1 159 LEU n 
1 160 TYR n 
1 161 SER n 
1 162 TYR n 
1 163 THR n 
1 164 GLU n 
1 165 ALA n 
1 166 LYS n 
1 167 GLN n 
1 168 ASN n 
1 169 LEU n 
1 170 ILE n 
1 171 ASP n 
1 172 ALA n 
1 173 LYS n 
1 174 ARG n 
1 175 PRO n 
1 176 GLU n 
1 177 LEU n 
1 178 LEU n 
1 179 GLU n 
1 180 ALA n 
1 181 LEU n 
1 182 ASN n 
1 183 ARG n 
1 184 SER n 
1 185 ALA n 
1 186 ILE n 
1 187 ILE n 
1 188 LYS n 
1 189 ASP n 
1 190 ASP n 
1 191 LYS n 
# 
_entity_src_gen.entity_id                          1 
_entity_src_gen.pdbx_src_id                        1 
_entity_src_gen.pdbx_alt_source_flag               sample 
_entity_src_gen.pdbx_seq_type                      'Biological sequence' 
_entity_src_gen.pdbx_beg_seq_num                   1 
_entity_src_gen.pdbx_end_seq_num                   191 
_entity_src_gen.gene_src_common_name               
;Baker's yeast
;
_entity_src_gen.gene_src_genus                     ? 
_entity_src_gen.pdbx_gene_src_gene                 'DDP1, YOR163W, O3575' 
_entity_src_gen.gene_src_species                   ? 
_entity_src_gen.gene_src_strain                    'ATCC 204508 / S288c' 
_entity_src_gen.gene_src_tissue                    ? 
_entity_src_gen.gene_src_tissue_fraction           ? 
_entity_src_gen.gene_src_details                   ? 
_entity_src_gen.pdbx_gene_src_fragment             ? 
_entity_src_gen.pdbx_gene_src_scientific_name      'Saccharomyces cerevisiae (strain ATCC 204508 / S288c)' 
_entity_src_gen.pdbx_gene_src_ncbi_taxonomy_id     559292 
_entity_src_gen.pdbx_gene_src_variant              ? 
_entity_src_gen.pdbx_gene_src_cell_line            ? 
_entity_src_gen.pdbx_gene_src_atcc                 ? 
_entity_src_gen.pdbx_gene_src_organ                ? 
_entity_src_gen.pdbx_gene_src_organelle            ? 
_entity_src_gen.pdbx_gene_src_cell                 ? 
_entity_src_gen.pdbx_gene_src_cellular_location    ? 
_entity_src_gen.host_org_common_name               ? 
_entity_src_gen.pdbx_host_org_scientific_name      'Escherichia coli' 
_entity_src_gen.pdbx_host_org_ncbi_taxonomy_id     562 
_entity_src_gen.host_org_genus                     ? 
_entity_src_gen.pdbx_host_org_gene                 ? 
_entity_src_gen.pdbx_host_org_organ                ? 
_entity_src_gen.host_org_species                   ? 
_entity_src_gen.pdbx_host_org_tissue               ? 
_entity_src_gen.pdbx_host_org_tissue_fraction      ? 
_entity_src_gen.pdbx_host_org_strain               'Rossetta2(DE3)' 
_entity_src_gen.pdbx_host_org_variant              ? 
_entity_src_gen.pdbx_host_org_cell_line            ? 
_entity_src_gen.pdbx_host_org_atcc                 ? 
_entity_src_gen.pdbx_host_org_culture_collection   ? 
_entity_src_gen.pdbx_host_org_cell                 ? 
_entity_src_gen.pdbx_host_org_organelle            ? 
_entity_src_gen.pdbx_host_org_cellular_location    ? 
_entity_src_gen.pdbx_host_org_vector_type          'pET28a(+)' 
_entity_src_gen.pdbx_host_org_vector               ? 
_entity_src_gen.host_org_details                   ? 
_entity_src_gen.expression_system_id               ? 
_entity_src_gen.plasmid_name                       pKLSLt 
_entity_src_gen.plasmid_details                    ? 
_entity_src_gen.pdbx_description                   ? 
# 
loop_
_chem_comp.id 
_chem_comp.type 
_chem_comp.mon_nstd_flag 
_chem_comp.name 
_chem_comp.pdbx_synonyms 
_chem_comp.formula 
_chem_comp.formula_weight 
5FA 'RNA linking'       n "ADENOSINE-5'-PENTAPHOSPHATE" ? 'C10 H18 N5 O19 P5' 667.141 
ADE non-polymer         . ADENINE                       ? 'C5 H5 N5'          135.127 
ALA 'L-peptide linking' y ALANINE                       ? 'C3 H7 N O2'        89.093  
ARG 'L-peptide linking' y ARGININE                      ? 'C6 H15 N4 O2 1'    175.209 
ASN 'L-peptide linking' y ASPARAGINE                    ? 'C4 H8 N2 O3'       132.118 
ASP 'L-peptide linking' y 'ASPARTIC ACID'               ? 'C4 H7 N O4'        133.103 
CA  non-polymer         . 'CALCIUM ION'                 ? 'Ca 2'              40.078  
CYS 'L-peptide linking' y CYSTEINE                      ? 'C3 H7 N O2 S'      121.158 
GLN 'L-peptide linking' y GLUTAMINE                     ? 'C5 H10 N2 O3'      146.144 
GLU 'L-peptide linking' y 'GLUTAMIC ACID'               ? 'C5 H9 N O4'        147.129 
GLY 'peptide linking'   y GLYCINE                       ? 'C2 H5 N O2'        75.067  
HIS 'L-peptide linking' y HISTIDINE                     ? 'C6 H10 N3 O2 1'    156.162 
HOH non-polymer         . WATER                         ? 'H2 O'              18.015  
ILE 'L-peptide linking' y ISOLEUCINE                    ? 'C6 H13 N O2'       131.173 
LEU 'L-peptide linking' y LEUCINE                       ? 'C6 H13 N O2'       131.173 
LYS 'L-peptide linking' y LYSINE                        ? 'C6 H15 N2 O2 1'    147.195 
MET 'L-peptide linking' y METHIONINE                    ? 'C5 H11 N O2 S'     149.211 
PHE 'L-peptide linking' y PHENYLALANINE                 ? 'C9 H11 N O2'       165.189 
PRO 'L-peptide linking' y PROLINE                       ? 'C5 H9 N O2'        115.130 
SER 'L-peptide linking' y SERINE                        ? 'C3 H7 N O3'        105.093 
THR 'L-peptide linking' y THREONINE                     ? 'C4 H9 N O3'        119.119 
TRP 'L-peptide linking' y TRYPTOPHAN                    ? 'C11 H12 N2 O2'     204.225 
TYR 'L-peptide linking' y TYROSINE                      ? 'C9 H11 N O3'       181.189 
VAL 'L-peptide linking' y VALINE                        ? 'C5 H11 N O2'       117.146 
# 
loop_
_pdbx_poly_seq_scheme.asym_id 
_pdbx_poly_seq_scheme.entity_id 
_pdbx_poly_seq_scheme.seq_id 
_pdbx_poly_seq_scheme.mon_id 
_pdbx_poly_seq_scheme.ndb_seq_num 
_pdbx_poly_seq_scheme.pdb_seq_num 
_pdbx_poly_seq_scheme.auth_seq_num 
_pdbx_poly_seq_scheme.pdb_mon_id 
_pdbx_poly_seq_scheme.auth_mon_id 
_pdbx_poly_seq_scheme.pdb_strand_id 
_pdbx_poly_seq_scheme.pdb_ins_code 
_pdbx_poly_seq_scheme.hetero 
A 1 1   GLY 1   -2  ?   ?   ?   A . n 
A 1 2   GLY 2   -1  ?   ?   ?   A . n 
A 1 3   SER 3   0   ?   ?   ?   A . n 
A 1 4   MET 4   1   ?   ?   ?   A . n 
A 1 5   GLY 5   2   ?   ?   ?   A . n 
A 1 6   LYS 6   3   ?   ?   ?   A . n 
A 1 7   THR 7   4   ?   ?   ?   A . n 
A 1 8   ALA 8   5   ?   ?   ?   A . n 
A 1 9   ASP 9   6   ?   ?   ?   A . n 
A 1 10  ASN 10  7   ?   ?   ?   A . n 
A 1 11  HIS 11  8   ?   ?   ?   A . n 
A 1 12  GLY 12  9   ?   ?   ?   A . n 
A 1 13  PRO 13  10  ?   ?   ?   A . n 
A 1 14  VAL 14  11  ?   ?   ?   A . n 
A 1 15  ARG 15  12  ?   ?   ?   A . n 
A 1 16  SER 16  13  ?   ?   ?   A . n 
A 1 17  GLU 17  14  ?   ?   ?   A . n 
A 1 18  THR 18  15  ?   ?   ?   A . n 
A 1 19  ALA 19  16  ?   ?   ?   A . n 
A 1 20  ARG 20  17  ?   ?   ?   A . n 
A 1 21  GLU 21  18  ?   ?   ?   A . n 
A 1 22  GLY 22  19  ?   ?   ?   A . n 
A 1 23  ARG 23  20  ?   ?   ?   A . n 
A 1 24  GLU 24  21  21  GLU GLU A . n 
A 1 25  ASN 25  22  22  ASN ASN A . n 
A 1 26  GLN 26  23  23  GLN GLN A . n 
A 1 27  VAL 27  24  24  VAL VAL A . n 
A 1 28  TYR 28  25  25  TYR TYR A . n 
A 1 29  SER 29  26  26  SER SER A . n 
A 1 30  PRO 30  27  27  PRO PRO A . n 
A 1 31  VAL 31  28  28  VAL VAL A . n 
A 1 32  THR 32  29  29  THR THR A . n 
A 1 33  GLY 33  30  30  GLY GLY A . n 
A 1 34  ALA 34  31  31  ALA ALA A . n 
A 1 35  ARG 35  32  32  ARG ARG A . n 
A 1 36  LEU 36  33  33  LEU LEU A . n 
A 1 37  VAL 37  34  34  VAL VAL A . n 
A 1 38  ALA 38  35  35  ALA ALA A . n 
A 1 39  GLY 39  36  36  GLY GLY A . n 
A 1 40  CYS 40  37  37  CYS CYS A . n 
A 1 41  ILE 41  38  38  ILE ILE A . n 
A 1 42  CYS 42  39  39  CYS CYS A . n 
A 1 43  LEU 43  40  40  LEU LEU A . n 
A 1 44  THR 44  41  41  THR THR A . n 
A 1 45  PRO 45  42  42  PRO PRO A . n 
A 1 46  ASP 46  43  43  ASP ASP A . n 
A 1 47  LYS 47  44  44  LYS LYS A . n 
A 1 48  LYS 48  45  45  LYS LYS A . n 
A 1 49  GLN 49  46  46  GLN GLN A . n 
A 1 50  VAL 50  47  47  VAL VAL A . n 
A 1 51  LEU 51  48  48  LEU LEU A . n 
A 1 52  MET 52  49  49  MET MET A . n 
A 1 53  ILE 53  50  50  ILE ILE A . n 
A 1 54  THR 54  51  51  THR THR A . n 
A 1 55  SER 55  52  52  SER SER A . n 
A 1 56  SER 56  53  53  SER SER A . n 
A 1 57  ALA 57  54  54  ALA ALA A . n 
A 1 58  HIS 58  55  55  HIS HIS A . n 
A 1 59  LYS 59  56  56  LYS LYS A . n 
A 1 60  LYS 60  57  57  LYS LYS A . n 
A 1 61  ARG 61  58  58  ARG ARG A . n 
A 1 62  TRP 62  59  59  TRP TRP A . n 
A 1 63  ILE 63  60  60  ILE ILE A . n 
A 1 64  VAL 64  61  61  VAL VAL A . n 
A 1 65  PRO 65  62  62  PRO PRO A . n 
A 1 66  LYS 66  63  63  LYS LYS A . n 
A 1 67  GLY 67  64  64  GLY GLY A . n 
A 1 68  GLY 68  65  65  GLY GLY A . n 
A 1 69  VAL 69  66  66  VAL VAL A . n 
A 1 70  GLU 70  67  67  GLU GLU A . n 
A 1 71  LYS 71  68  68  LYS LYS A . n 
A 1 72  ASP 72  69  69  ASP ASP A . n 
A 1 73  GLU 73  70  70  GLU GLU A . n 
A 1 74  PRO 74  71  71  PRO PRO A . n 
A 1 75  ASN 75  72  72  ASN ASN A . n 
A 1 76  TYR 76  73  73  TYR TYR A . n 
A 1 77  GLU 77  74  74  GLU GLU A . n 
A 1 78  THR 78  75  75  THR THR A . n 
A 1 79  THR 79  76  76  THR THR A . n 
A 1 80  ALA 80  77  77  ALA ALA A . n 
A 1 81  GLN 81  78  78  GLN GLN A . n 
A 1 82  ARG 82  79  79  ARG ARG A . n 
A 1 83  GLU 83  80  80  GLU GLU A . n 
A 1 84  THR 84  81  81  THR THR A . n 
A 1 85  TRP 85  82  82  TRP TRP A . n 
A 1 86  GLU 86  83  83  GLU GLU A . n 
A 1 87  GLU 87  84  84  GLU GLU A . n 
A 1 88  ALA 88  85  85  ALA ALA A . n 
A 1 89  GLY 89  86  86  GLY GLY A . n 
A 1 90  CYS 90  87  87  CYS CYS A . n 
A 1 91  ILE 91  88  88  ILE ILE A . n 
A 1 92  GLY 92  89  89  GLY GLY A . n 
A 1 93  LYS 93  90  90  LYS LYS A . n 
A 1 94  ILE 94  91  91  ILE ILE A . n 
A 1 95  VAL 95  92  92  VAL VAL A . n 
A 1 96  ALA 96  93  93  ALA ALA A . n 
A 1 97  ASN 97  94  94  ASN ASN A . n 
A 1 98  LEU 98  95  95  LEU LEU A . n 
A 1 99  GLY 99  96  96  GLY GLY A . n 
A 1 100 THR 100 97  97  THR THR A . n 
A 1 101 VAL 101 98  98  VAL VAL A . n 
A 1 102 GLU 102 99  99  GLU GLU A . n 
A 1 103 ASP 103 100 100 ASP ASP A . n 
A 1 104 MET 104 101 101 MET MET A . n 
A 1 105 ARG 105 102 102 ARG ARG A . n 
A 1 106 PRO 106 103 ?   ?   ?   A . n 
A 1 107 PRO 107 104 ?   ?   ?   A . n 
A 1 108 LYS 108 105 ?   ?   ?   A . n 
A 1 109 ASP 109 106 ?   ?   ?   A . n 
A 1 110 TRP 110 107 ?   ?   ?   A . n 
A 1 111 ASN 111 108 ?   ?   ?   A . n 
A 1 112 LYS 112 109 ?   ?   ?   A . n 
A 1 113 ASP 113 110 ?   ?   ?   A . n 
A 1 114 ILE 114 111 ?   ?   ?   A . n 
A 1 115 LYS 115 112 ?   ?   ?   A . n 
A 1 116 GLN 116 113 ?   ?   ?   A . n 
A 1 117 PHE 117 114 ?   ?   ?   A . n 
A 1 118 GLU 118 115 ?   ?   ?   A . n 
A 1 119 ASN 119 116 ?   ?   ?   A . n 
A 1 120 SER 120 117 ?   ?   ?   A . n 
A 1 121 ARG 121 118 ?   ?   ?   A . n 
A 1 122 LYS 122 119 ?   ?   ?   A . n 
A 1 123 ASP 123 120 ?   ?   ?   A . n 
A 1 124 SER 124 121 ?   ?   ?   A . n 
A 1 125 GLU 125 122 ?   ?   ?   A . n 
A 1 126 VAL 126 123 ?   ?   ?   A . n 
A 1 127 ALA 127 124 ?   ?   ?   A . n 
A 1 128 LYS 128 125 ?   ?   ?   A . n 
A 1 129 HIS 129 126 ?   ?   ?   A . n 
A 1 130 PRO 130 127 127 PRO PRO A . n 
A 1 131 PRO 131 128 128 PRO PRO A . n 
A 1 132 ARG 132 129 129 ARG ARG A . n 
A 1 133 THR 133 130 130 THR THR A . n 
A 1 134 GLU 134 131 131 GLU GLU A . n 
A 1 135 PHE 135 132 132 PHE PHE A . n 
A 1 136 HIS 136 133 133 HIS HIS A . n 
A 1 137 PHE 137 134 134 PHE PHE A . n 
A 1 138 TYR 138 135 135 TYR TYR A . n 
A 1 139 GLU 139 136 136 GLU GLU A . n 
A 1 140 LEU 140 137 137 LEU LEU A . n 
A 1 141 GLU 141 138 138 GLU GLU A . n 
A 1 142 ILE 142 139 139 ILE ILE A . n 
A 1 143 GLU 143 140 140 GLU GLU A . n 
A 1 144 ASN 144 141 141 ASN ASN A . n 
A 1 145 LEU 145 142 142 LEU LEU A . n 
A 1 146 LEU 146 143 143 LEU LEU A . n 
A 1 147 ASP 147 144 144 ASP ASP A . n 
A 1 148 LYS 148 145 145 LYS LYS A . n 
A 1 149 PHE 149 146 146 PHE PHE A . n 
A 1 150 PRO 150 147 147 PRO PRO A . n 
A 1 151 GLU 151 148 148 GLU GLU A . n 
A 1 152 CYS 152 149 149 CYS CYS A . n 
A 1 153 HIS 153 150 150 HIS HIS A . n 
A 1 154 LYS 154 151 151 LYS LYS A . n 
A 1 155 ARG 155 152 152 ARG ARG A . n 
A 1 156 HIS 156 153 153 HIS HIS A . n 
A 1 157 ARG 157 154 154 ARG ARG A . n 
A 1 158 LYS 158 155 155 LYS LYS A . n 
A 1 159 LEU 159 156 156 LEU LEU A . n 
A 1 160 TYR 160 157 157 TYR TYR A . n 
A 1 161 SER 161 158 158 SER SER A . n 
A 1 162 TYR 162 159 159 TYR TYR A . n 
A 1 163 THR 163 160 160 THR THR A . n 
A 1 164 GLU 164 161 161 GLU GLU A . n 
A 1 165 ALA 165 162 162 ALA ALA A . n 
A 1 166 LYS 166 163 163 LYS LYS A . n 
A 1 167 GLN 167 164 164 GLN GLN A . n 
A 1 168 ASN 168 165 165 ASN ASN A . n 
A 1 169 LEU 169 166 166 LEU LEU A . n 
A 1 170 ILE 170 167 167 ILE ILE A . n 
A 1 171 ASP 171 168 168 ASP ASP A . n 
A 1 172 ALA 172 169 169 ALA ALA A . n 
A 1 173 LYS 173 170 170 LYS LYS A . n 
A 1 174 ARG 174 171 171 ARG ARG A . n 
A 1 175 PRO 175 172 172 PRO PRO A . n 
A 1 176 GLU 176 173 173 GLU GLU A . n 
A 1 177 LEU 177 174 174 LEU LEU A . n 
A 1 178 LEU 178 175 175 LEU LEU A . n 
A 1 179 GLU 179 176 176 GLU GLU A . n 
A 1 180 ALA 180 177 177 ALA ALA A . n 
A 1 181 LEU 181 178 178 LEU LEU A . n 
A 1 182 ASN 182 179 179 ASN ASN A . n 
A 1 183 ARG 183 180 180 ARG ARG A . n 
A 1 184 SER 184 181 181 SER SER A . n 
A 1 185 ALA 185 182 182 ALA ALA A . n 
A 1 186 ILE 186 183 183 ILE ILE A . n 
A 1 187 ILE 187 184 184 ILE ILE A . n 
A 1 188 LYS 188 185 185 LYS LYS A . n 
A 1 189 ASP 189 186 186 ASP ASP A . n 
A 1 190 ASP 190 187 ?   ?   ?   A . n 
A 1 191 LYS 191 188 ?   ?   ?   A . n 
# 
loop_
_pdbx_nonpoly_scheme.asym_id 
_pdbx_nonpoly_scheme.entity_id 
_pdbx_nonpoly_scheme.mon_id 
_pdbx_nonpoly_scheme.ndb_seq_num 
_pdbx_nonpoly_scheme.pdb_seq_num 
_pdbx_nonpoly_scheme.auth_seq_num 
_pdbx_nonpoly_scheme.pdb_mon_id 
_pdbx_nonpoly_scheme.auth_mon_id 
_pdbx_nonpoly_scheme.pdb_strand_id 
_pdbx_nonpoly_scheme.pdb_ins_code 
B 2 5FA 1  201 201 5FA 5FA A . 
C 3 ADE 1  202 301 ADE ADE A . 
D 4 CA  1  203 1   CA  CA  A . 
E 5 HOH 1  301 50  HOH HOH A . 
E 5 HOH 2  302 34  HOH HOH A . 
E 5 HOH 3  303 54  HOH HOH A . 
E 5 HOH 4  304 49  HOH HOH A . 
E 5 HOH 5  305 55  HOH HOH A . 
E 5 HOH 6  306 48  HOH HOH A . 
E 5 HOH 7  307 13  HOH HOH A . 
E 5 HOH 8  308 4   HOH HOH A . 
E 5 HOH 9  309 6   HOH HOH A . 
E 5 HOH 10 310 52  HOH HOH A . 
E 5 HOH 11 311 20  HOH HOH A . 
E 5 HOH 12 312 12  HOH HOH A . 
E 5 HOH 13 313 14  HOH HOH A . 
E 5 HOH 14 314 43  HOH HOH A . 
E 5 HOH 15 315 35  HOH HOH A . 
E 5 HOH 16 316 2   HOH HOH A . 
E 5 HOH 17 317 26  HOH HOH A . 
E 5 HOH 18 318 19  HOH HOH A . 
E 5 HOH 19 319 41  HOH HOH A . 
E 5 HOH 20 320 44  HOH HOH A . 
E 5 HOH 21 321 27  HOH HOH A . 
E 5 HOH 22 322 21  HOH HOH A . 
E 5 HOH 23 323 37  HOH HOH A . 
E 5 HOH 24 324 7   HOH HOH A . 
E 5 HOH 25 325 9   HOH HOH A . 
E 5 HOH 26 326 45  HOH HOH A . 
E 5 HOH 27 327 31  HOH HOH A . 
E 5 HOH 28 328 28  HOH HOH A . 
E 5 HOH 29 329 51  HOH HOH A . 
E 5 HOH 30 330 29  HOH HOH A . 
E 5 HOH 31 331 33  HOH HOH A . 
E 5 HOH 32 332 42  HOH HOH A . 
# 
loop_
_software.citation_id 
_software.classification 
_software.compiler_name 
_software.compiler_version 
_software.contact_author 
_software.contact_author_email 
_software.date 
_software.description 
_software.dependencies 
_software.hardware 
_software.language 
_software.location 
_software.mods 
_software.name 
_software.os 
_software.os_version 
_software.type 
_software.version 
_software.pdbx_ordinal 
? refinement        ? ? ? ? ? ? ? ? ? ? ? REFMAC      ? ? ? 5.8.0258 1 
? 'data extraction' ? ? ? ? ? ? ? ? ? ? ? PDB_EXTRACT ? ? ? 3.25     2 
? 'data reduction'  ? ? ? ? ? ? ? ? ? ? ? XDS         ? ? ? .        3 
? 'data scaling'    ? ? ? ? ? ? ? ? ? ? ? XDS         ? ? ? .        4 
? phasing           ? ? ? ? ? ? ? ? ? ? ? REFMAC      ? ? ? .        5 
? 'model building'  ? ? ? ? ? ? ? ? ? ? ? Coot        ? ? ? .        6 
# 
_cell.angle_alpha                  90.000 
_cell.angle_alpha_esd              ? 
_cell.angle_beta                   90.000 
_cell.angle_beta_esd               ? 
_cell.angle_gamma                  120.000 
_cell.angle_gamma_esd              ? 
_cell.entry_id                     7AUQ 
_cell.details                      ? 
_cell.formula_units_Z              ? 
_cell.length_a                     61.999 
_cell.length_a_esd                 ? 
_cell.length_b                     61.999 
_cell.length_b_esd                 ? 
_cell.length_c                     95.405 
_cell.length_c_esd                 ? 
_cell.volume                       ? 
_cell.volume_esd                   ? 
_cell.Z_PDB                        6 
_cell.reciprocal_angle_alpha       ? 
_cell.reciprocal_angle_beta        ? 
_cell.reciprocal_angle_gamma       ? 
_cell.reciprocal_angle_alpha_esd   ? 
_cell.reciprocal_angle_beta_esd    ? 
_cell.reciprocal_angle_gamma_esd   ? 
_cell.reciprocal_length_a          ? 
_cell.reciprocal_length_b          ? 
_cell.reciprocal_length_c          ? 
_cell.reciprocal_length_a_esd      ? 
_cell.reciprocal_length_b_esd      ? 
_cell.reciprocal_length_c_esd      ? 
_cell.pdbx_unique_axis             ? 
# 
_symmetry.entry_id                         7AUQ 
_symmetry.cell_setting                     ? 
_symmetry.Int_Tables_number                154 
_symmetry.space_group_name_Hall            ? 
_symmetry.space_group_name_H-M             'P 32 2 1' 
_symmetry.pdbx_full_space_group_name_H-M   ? 
# 
_exptl.absorpt_coefficient_mu     ? 
_exptl.absorpt_correction_T_max   ? 
_exptl.absorpt_correction_T_min   ? 
_exptl.absorpt_correction_type    ? 
_exptl.absorpt_process_details    ? 
_exptl.entry_id                   7AUQ 
_exptl.crystals_number            1 
_exptl.details                    ? 
_exptl.method                     'X-RAY DIFFRACTION' 
_exptl.method_details             ? 
# 
_exptl_crystal.colour                      ? 
_exptl_crystal.density_diffrn              ? 
_exptl_crystal.density_Matthews            2.43 
_exptl_crystal.density_method              ? 
_exptl_crystal.density_percent_sol         49.44 
_exptl_crystal.description                 ? 
_exptl_crystal.F_000                       ? 
_exptl_crystal.id                          1 
_exptl_crystal.preparation                 ? 
_exptl_crystal.size_max                    ? 
_exptl_crystal.size_mid                    ? 
_exptl_crystal.size_min                    ? 
_exptl_crystal.size_rad                    ? 
_exptl_crystal.colour_lustre               ? 
_exptl_crystal.colour_modifier             ? 
_exptl_crystal.colour_primary              ? 
_exptl_crystal.density_meas                ? 
_exptl_crystal.density_meas_esd            ? 
_exptl_crystal.density_meas_gt             ? 
_exptl_crystal.density_meas_lt             ? 
_exptl_crystal.density_meas_temp           ? 
_exptl_crystal.density_meas_temp_esd       ? 
_exptl_crystal.density_meas_temp_gt        ? 
_exptl_crystal.density_meas_temp_lt        ? 
_exptl_crystal.pdbx_crystal_image_url      ? 
_exptl_crystal.pdbx_crystal_image_format   ? 
_exptl_crystal.pdbx_mosaicity              ? 
_exptl_crystal.pdbx_mosaicity_esd          ? 
# 
_exptl_crystal_grow.apparatus       ? 
_exptl_crystal_grow.atmosphere      ? 
_exptl_crystal_grow.crystal_id      1 
_exptl_crystal_grow.details         ? 
_exptl_crystal_grow.method          'VAPOR DIFFUSION, SITTING DROP' 
_exptl_crystal_grow.method_ref      ? 
_exptl_crystal_grow.pH              5.0 
_exptl_crystal_grow.pressure        ? 
_exptl_crystal_grow.pressure_esd    ? 
_exptl_crystal_grow.seeding         ? 
_exptl_crystal_grow.seeding_ref     ? 
_exptl_crystal_grow.temp            291 
_exptl_crystal_grow.temp_details    ? 
_exptl_crystal_grow.temp_esd        ? 
_exptl_crystal_grow.time            ? 
_exptl_crystal_grow.pdbx_details    
;27% PEG 1500, 0.1 M PCB pH 5.0, 5 mM Calcium chloride. 

Protein buffer: 20 mM Tris pH 8.0, 150 mM NaCl, 1 mM DTT, 10 mM Ap5A.
;
_exptl_crystal_grow.pdbx_pH_range   ? 
# 
_diffrn.ambient_environment              ? 
_diffrn.ambient_temp                     100 
_diffrn.ambient_temp_details             ? 
_diffrn.ambient_temp_esd                 ? 
_diffrn.crystal_id                       1 
_diffrn.crystal_support                  ? 
_diffrn.crystal_treatment                ? 
_diffrn.details                          ? 
_diffrn.id                               1 
_diffrn.ambient_pressure                 ? 
_diffrn.ambient_pressure_esd             ? 
_diffrn.ambient_pressure_gt              ? 
_diffrn.ambient_pressure_lt              ? 
_diffrn.ambient_temp_gt                  ? 
_diffrn.ambient_temp_lt                  ? 
_diffrn.pdbx_serial_crystal_experiment   N 
# 
_diffrn_detector.details                      'KB focusing mirrors' 
_diffrn_detector.detector                     PIXEL 
_diffrn_detector.diffrn_id                    1 
_diffrn_detector.type                         'DECTRIS PILATUS 6M' 
_diffrn_detector.area_resol_mean              ? 
_diffrn_detector.dtime                        ? 
_diffrn_detector.pdbx_frames_total            ? 
_diffrn_detector.pdbx_collection_time_total   ? 
_diffrn_detector.pdbx_collection_date         2019-10-19 
_diffrn_detector.pdbx_frequency               ? 
# 
_diffrn_radiation.collimation                      ? 
_diffrn_radiation.diffrn_id                        1 
_diffrn_radiation.filter_edge                      ? 
_diffrn_radiation.inhomogeneity                    ? 
_diffrn_radiation.monochromator                    'Si(111) channel-cut, cryocooled' 
_diffrn_radiation.polarisn_norm                    ? 
_diffrn_radiation.polarisn_ratio                   ? 
_diffrn_radiation.probe                            ? 
_diffrn_radiation.type                             ? 
_diffrn_radiation.xray_symbol                      ? 
_diffrn_radiation.wavelength_id                    1 
_diffrn_radiation.pdbx_monochromatic_or_laue_m_l   M 
_diffrn_radiation.pdbx_wavelength_list             ? 
_diffrn_radiation.pdbx_wavelength                  ? 
_diffrn_radiation.pdbx_diffrn_protocol             'SINGLE WAVELENGTH' 
_diffrn_radiation.pdbx_analyzer                    ? 
_diffrn_radiation.pdbx_scattering_type             x-ray 
# 
_diffrn_radiation_wavelength.id           1 
_diffrn_radiation_wavelength.wavelength   0.979260 
_diffrn_radiation_wavelength.wt           1.0 
# 
_diffrn_source.current                     ? 
_diffrn_source.details                     ? 
_diffrn_source.diffrn_id                   1 
_diffrn_source.power                       ? 
_diffrn_source.size                        ? 
_diffrn_source.source                      SYNCHROTRON 
_diffrn_source.target                      ? 
_diffrn_source.type                        'ALBA BEAMLINE XALOC' 
_diffrn_source.voltage                     ? 
_diffrn_source.take-off_angle              ? 
_diffrn_source.pdbx_wavelength_list        0.979260 
_diffrn_source.pdbx_wavelength             ? 
_diffrn_source.pdbx_synchrotron_beamline   XALOC 
_diffrn_source.pdbx_synchrotron_site       ALBA 
# 
_reflns.B_iso_Wilson_estimate            55.090 
_reflns.entry_id                         7AUQ 
_reflns.data_reduction_details           ? 
_reflns.data_reduction_method            ? 
_reflns.d_resolution_high                2.25 
_reflns.d_resolution_low                 46.84 
_reflns.details                          ? 
_reflns.limit_h_max                      ? 
_reflns.limit_h_min                      ? 
_reflns.limit_k_max                      ? 
_reflns.limit_k_min                      ? 
_reflns.limit_l_max                      ? 
_reflns.limit_l_min                      ? 
_reflns.number_all                       ? 
_reflns.number_obs                       10184 
_reflns.observed_criterion               ? 
_reflns.observed_criterion_F_max         ? 
_reflns.observed_criterion_F_min         ? 
_reflns.observed_criterion_I_max         ? 
_reflns.observed_criterion_I_min         ? 
_reflns.observed_criterion_sigma_F       ? 
_reflns.observed_criterion_sigma_I       ? 
_reflns.percent_possible_obs             97.9 
_reflns.R_free_details                   ? 
_reflns.Rmerge_F_all                     ? 
_reflns.Rmerge_F_obs                     ? 
_reflns.Friedel_coverage                 ? 
_reflns.number_gt                        ? 
_reflns.threshold_expression             ? 
_reflns.pdbx_redundancy                  9.6 
_reflns.pdbx_Rmerge_I_obs                0.105 
_reflns.pdbx_Rmerge_I_all                ? 
_reflns.pdbx_Rsym_value                  ? 
_reflns.pdbx_netI_over_av_sigmaI         ? 
_reflns.pdbx_netI_over_sigmaI            11.7 
_reflns.pdbx_res_netI_over_av_sigmaI_2   ? 
_reflns.pdbx_res_netI_over_sigmaI_2      ? 
_reflns.pdbx_chi_squared                 ? 
_reflns.pdbx_scaling_rejects             ? 
_reflns.pdbx_d_res_high_opt              ? 
_reflns.pdbx_d_res_low_opt               ? 
_reflns.pdbx_d_res_opt_method            ? 
_reflns.phase_calculation_details        ? 
_reflns.pdbx_Rrim_I_all                  ? 
_reflns.pdbx_Rpim_I_all                  0.035 
_reflns.pdbx_d_opt                       ? 
_reflns.pdbx_number_measured_all         ? 
_reflns.pdbx_diffrn_id                   1 
_reflns.pdbx_ordinal                     1 
_reflns.pdbx_CC_half                     0.995 
_reflns.pdbx_CC_star                     ? 
_reflns.pdbx_R_split                     ? 
# 
_reflns_shell.d_res_high                  2.25 
_reflns_shell.d_res_low                   2.32 
_reflns_shell.meanI_over_sigI_all         ? 
_reflns_shell.meanI_over_sigI_obs         3.3 
_reflns_shell.number_measured_all         ? 
_reflns_shell.number_measured_obs         ? 
_reflns_shell.number_possible             ? 
_reflns_shell.number_unique_all           ? 
_reflns_shell.number_unique_obs           945 
_reflns_shell.percent_possible_all        99.5 
_reflns_shell.percent_possible_obs        ? 
_reflns_shell.Rmerge_F_all                ? 
_reflns_shell.Rmerge_F_obs                ? 
_reflns_shell.Rmerge_I_all                ? 
_reflns_shell.Rmerge_I_obs                0.652 
_reflns_shell.meanI_over_sigI_gt          ? 
_reflns_shell.meanI_over_uI_all           ? 
_reflns_shell.meanI_over_uI_gt            ? 
_reflns_shell.number_measured_gt          ? 
_reflns_shell.number_unique_gt            ? 
_reflns_shell.percent_possible_gt         ? 
_reflns_shell.Rmerge_F_gt                 ? 
_reflns_shell.Rmerge_I_gt                 ? 
_reflns_shell.pdbx_redundancy             10.0 
_reflns_shell.pdbx_Rsym_value             ? 
_reflns_shell.pdbx_chi_squared            ? 
_reflns_shell.pdbx_netI_over_sigmaI_all   ? 
_reflns_shell.pdbx_netI_over_sigmaI_obs   ? 
_reflns_shell.pdbx_Rrim_I_all             ? 
_reflns_shell.pdbx_Rpim_I_all             0.211 
_reflns_shell.pdbx_rejects                ? 
_reflns_shell.pdbx_ordinal                1 
_reflns_shell.pdbx_diffrn_id              1 
_reflns_shell.pdbx_CC_half                0.883 
_reflns_shell.pdbx_CC_star                ? 
_reflns_shell.pdbx_R_split                ? 
# 
_refine.aniso_B[1][1]                            -1.1800 
_refine.aniso_B[1][2]                            -0.5900 
_refine.aniso_B[1][3]                            0.0000 
_refine.aniso_B[2][2]                            -1.1800 
_refine.aniso_B[2][3]                            0.0000 
_refine.aniso_B[3][3]                            3.8300 
_refine.B_iso_max                                166.120 
_refine.B_iso_mean                               63.8290 
_refine.B_iso_min                                29.480 
_refine.correlation_coeff_Fo_to_Fc               0.9630 
_refine.correlation_coeff_Fo_to_Fc_free          0.9560 
_refine.details                                  
'HYDROGENS HAVE BEEN ADDED IN THE RIDING POSITIONS U VALUES      : REFINED INDIVIDUALLY' 
_refine.diff_density_max                         ? 
_refine.diff_density_max_esd                     ? 
_refine.diff_density_min                         ? 
_refine.diff_density_min_esd                     ? 
_refine.diff_density_rms                         ? 
_refine.diff_density_rms_esd                     ? 
_refine.entry_id                                 7AUQ 
_refine.pdbx_refine_id                           'X-RAY DIFFRACTION' 
_refine.ls_abs_structure_details                 ? 
_refine.ls_abs_structure_Flack                   ? 
_refine.ls_abs_structure_Flack_esd               ? 
_refine.ls_abs_structure_Rogers                  ? 
_refine.ls_abs_structure_Rogers_esd              ? 
_refine.ls_d_res_high                            2.2500 
_refine.ls_d_res_low                             46.8400 
_refine.ls_extinction_coef                       ? 
_refine.ls_extinction_coef_esd                   ? 
_refine.ls_extinction_expression                 ? 
_refine.ls_extinction_method                     ? 
_refine.ls_goodness_of_fit_all                   ? 
_refine.ls_goodness_of_fit_all_esd               ? 
_refine.ls_goodness_of_fit_obs                   ? 
_refine.ls_goodness_of_fit_obs_esd               ? 
_refine.ls_hydrogen_treatment                    ? 
_refine.ls_matrix_type                           ? 
_refine.ls_number_constraints                    ? 
_refine.ls_number_parameters                     ? 
_refine.ls_number_reflns_all                     ? 
_refine.ls_number_reflns_obs                     9703 
_refine.ls_number_reflns_R_free                  479 
_refine.ls_number_reflns_R_work                  ? 
_refine.ls_number_restraints                     ? 
_refine.ls_percent_reflns_obs                    96.7600 
_refine.ls_percent_reflns_R_free                 4.7000 
_refine.ls_R_factor_all                          ? 
_refine.ls_R_factor_obs                          0.2062 
_refine.ls_R_factor_R_free                       0.2284 
_refine.ls_R_factor_R_free_error                 ? 
_refine.ls_R_factor_R_free_error_details         ? 
_refine.ls_R_factor_R_work                       0.2052 
_refine.ls_R_Fsqd_factor_obs                     ? 
_refine.ls_R_I_factor_obs                        ? 
_refine.ls_redundancy_reflns_all                 ? 
_refine.ls_redundancy_reflns_obs                 ? 
_refine.ls_restrained_S_all                      ? 
_refine.ls_restrained_S_obs                      ? 
_refine.ls_shift_over_esd_max                    ? 
_refine.ls_shift_over_esd_mean                   ? 
_refine.ls_structure_factor_coef                 ? 
_refine.ls_weighting_details                     ? 
_refine.ls_weighting_scheme                      ? 
_refine.ls_wR_factor_all                         ? 
_refine.ls_wR_factor_obs                         ? 
_refine.ls_wR_factor_R_free                      ? 
_refine.ls_wR_factor_R_work                      ? 
_refine.occupancy_max                            ? 
_refine.occupancy_min                            ? 
_refine.solvent_model_details                    MASK 
_refine.solvent_model_param_bsol                 ? 
_refine.solvent_model_param_ksol                 ? 
_refine.pdbx_R_complete                          ? 
_refine.ls_R_factor_gt                           ? 
_refine.ls_goodness_of_fit_gt                    ? 
_refine.ls_goodness_of_fit_ref                   ? 
_refine.ls_shift_over_su_max                     ? 
_refine.ls_shift_over_su_max_lt                  ? 
_refine.ls_shift_over_su_mean                    ? 
_refine.ls_shift_over_su_mean_lt                 ? 
_refine.pdbx_ls_sigma_I                          ? 
_refine.pdbx_ls_sigma_F                          0.000 
_refine.pdbx_ls_sigma_Fsqd                       ? 
_refine.pdbx_data_cutoff_high_absF               ? 
_refine.pdbx_data_cutoff_high_rms_absF           ? 
_refine.pdbx_data_cutoff_low_absF                ? 
_refine.pdbx_isotropic_thermal_model             ? 
_refine.pdbx_ls_cross_valid_method               THROUGHOUT 
_refine.pdbx_method_to_determine_struct          'FOURIER SYNTHESIS' 
_refine.pdbx_starting_model                      7AUI 
_refine.pdbx_stereochemistry_target_values       'MAXIMUM LIKELIHOOD' 
_refine.pdbx_R_Free_selection_details            RANDOM 
_refine.pdbx_stereochem_target_val_spec_case     ? 
_refine.pdbx_overall_ESU_R                       0.2410 
_refine.pdbx_overall_ESU_R_Free                  0.1880 
_refine.pdbx_solvent_vdw_probe_radii             1.2000 
_refine.pdbx_solvent_ion_probe_radii             0.8000 
_refine.pdbx_solvent_shrinkage_radii             0.8000 
_refine.pdbx_real_space_R                        ? 
_refine.pdbx_density_correlation                 ? 
_refine.pdbx_pd_number_of_powder_patterns        ? 
_refine.pdbx_pd_number_of_points                 ? 
_refine.pdbx_pd_meas_number_of_points            ? 
_refine.pdbx_pd_proc_ls_prof_R_factor            ? 
_refine.pdbx_pd_proc_ls_prof_wR_factor           ? 
_refine.pdbx_pd_Marquardt_correlation_coeff      ? 
_refine.pdbx_pd_Fsqrd_R_factor                   ? 
_refine.pdbx_pd_ls_matrix_band_width             ? 
_refine.pdbx_overall_phase_error                 ? 
_refine.pdbx_overall_SU_R_free_Cruickshank_DPI   ? 
_refine.pdbx_overall_SU_R_free_Blow_DPI          ? 
_refine.pdbx_overall_SU_R_Blow_DPI               ? 
_refine.pdbx_TLS_residual_ADP_flag               ? 
_refine.pdbx_diffrn_id                           1 
_refine.overall_SU_B                             8.2540 
_refine.overall_SU_ML                            0.1860 
_refine.overall_SU_R_Cruickshank_DPI             ? 
_refine.overall_SU_R_free                        ? 
_refine.overall_FOM_free_R_set                   ? 
_refine.overall_FOM_work_R_set                   ? 
_refine.pdbx_average_fsc_overall                 ? 
_refine.pdbx_average_fsc_work                    ? 
_refine.pdbx_average_fsc_free                    ? 
# 
_refine_hist.pdbx_refine_id                   'X-RAY DIFFRACTION' 
_refine_hist.cycle_id                         final 
_refine_hist.details                          ? 
_refine_hist.d_res_high                       2.2500 
_refine_hist.d_res_low                        46.8400 
_refine_hist.number_atoms_solvent             37 
_refine_hist.number_atoms_total               1231 
_refine_hist.number_reflns_all                ? 
_refine_hist.number_reflns_obs                ? 
_refine_hist.number_reflns_R_free             ? 
_refine_hist.number_reflns_R_work             ? 
_refine_hist.R_factor_all                     ? 
_refine_hist.R_factor_obs                     ? 
_refine_hist.R_factor_R_free                  ? 
_refine_hist.R_factor_R_work                  ? 
_refine_hist.pdbx_number_residues_total       142 
_refine_hist.pdbx_B_iso_mean_ligand           98.37 
_refine_hist.pdbx_B_iso_mean_solvent          63.00 
_refine_hist.pdbx_number_atoms_protein        1144 
_refine_hist.pdbx_number_atoms_nucleic_acid   0 
_refine_hist.pdbx_number_atoms_ligand         50 
_refine_hist.pdbx_number_atoms_lipid          ? 
_refine_hist.pdbx_number_atoms_carb           ? 
_refine_hist.pdbx_pseudo_atom_details         ? 
# 
loop_
_refine_ls_restr.pdbx_refine_id 
_refine_ls_restr.criterion 
_refine_ls_restr.dev_ideal 
_refine_ls_restr.dev_ideal_target 
_refine_ls_restr.number 
_refine_ls_restr.rejects 
_refine_ls_restr.type 
_refine_ls_restr.weight 
_refine_ls_restr.pdbx_restraint_function 
'X-RAY DIFFRACTION' ? 0.008  0.013  1218 ? r_bond_refined_d       ? ? 
'X-RAY DIFFRACTION' ? 0.006  0.017  1121 ? r_bond_other_d         ? ? 
'X-RAY DIFFRACTION' ? 1.639  1.711  1653 ? r_angle_refined_deg    ? ? 
'X-RAY DIFFRACTION' ? 1.271  1.596  2610 ? r_angle_other_deg      ? ? 
'X-RAY DIFFRACTION' ? 6.427  5.000  140  ? r_dihedral_angle_1_deg ? ? 
'X-RAY DIFFRACTION' ? 30.425 22.188 64   ? r_dihedral_angle_2_deg ? ? 
'X-RAY DIFFRACTION' ? 18.396 15.000 219  ? r_dihedral_angle_3_deg ? ? 
'X-RAY DIFFRACTION' ? 17.789 15.000 9    ? r_dihedral_angle_4_deg ? ? 
'X-RAY DIFFRACTION' ? 0.071  0.200  157  ? r_chiral_restr         ? ? 
'X-RAY DIFFRACTION' ? 0.006  0.020  1305 ? r_gen_planes_refined   ? ? 
'X-RAY DIFFRACTION' ? 0.001  0.020  244  ? r_gen_planes_other     ? ? 
# 
_refine_ls_shell.pdbx_refine_id                   'X-RAY DIFFRACTION' 
_refine_ls_shell.d_res_high                       2.2500 
_refine_ls_shell.d_res_low                        2.3080 
_refine_ls_shell.number_reflns_all                761 
_refine_ls_shell.number_reflns_obs                ? 
_refine_ls_shell.number_reflns_R_free             28 
_refine_ls_shell.number_reflns_R_work             733 
_refine_ls_shell.percent_reflns_obs               99.2200 
_refine_ls_shell.percent_reflns_R_free            ? 
_refine_ls_shell.R_factor_all                     ? 
_refine_ls_shell.R_factor_obs                     ? 
_refine_ls_shell.R_factor_R_free                  0.3440 
_refine_ls_shell.R_factor_R_free_error            0.0000 
_refine_ls_shell.R_factor_R_work                  0.2900 
_refine_ls_shell.redundancy_reflns_all            ? 
_refine_ls_shell.redundancy_reflns_obs            ? 
_refine_ls_shell.wR_factor_all                    ? 
_refine_ls_shell.wR_factor_obs                    ? 
_refine_ls_shell.wR_factor_R_free                 ? 
_refine_ls_shell.wR_factor_R_work                 ? 
_refine_ls_shell.pdbx_R_complete                  ? 
_refine_ls_shell.pdbx_total_number_of_bins_used   20 
_refine_ls_shell.pdbx_phase_error                 ? 
_refine_ls_shell.pdbx_fsc_work                    ? 
_refine_ls_shell.pdbx_fsc_free                    ? 
# 
_struct.entry_id                     7AUQ 
_struct.title                        'Yeast Diphosphoinositol Polyphosphate Phosphohydrolase DDP1 in complex with Ap5A and Ca2+' 
_struct.pdbx_model_details           ? 
_struct.pdbx_formula_weight          ? 
_struct.pdbx_formula_weight_method   ? 
_struct.pdbx_model_type_details      ? 
_struct.pdbx_CASP_flag               N 
# 
_struct_keywords.entry_id        7AUQ 
_struct_keywords.text            
'Inositol, PP-InsP, Pyrophosphatase, Polyphosphate, Diadenosine polyphosphate, DDP1, Nudix, HYDROLASE' 
_struct_keywords.pdbx_keywords   HYDROLASE 
# 
loop_
_struct_asym.id 
_struct_asym.pdbx_blank_PDB_chainid_flag 
_struct_asym.pdbx_modified 
_struct_asym.entity_id 
_struct_asym.details 
A N N 1 ? 
B N N 2 ? 
C N N 3 ? 
D N N 4 ? 
E N N 5 ? 
# 
_struct_ref.id                         1 
_struct_ref.db_name                    UNP 
_struct_ref.db_code                    DDP1_YEAST 
_struct_ref.pdbx_db_accession          Q99321 
_struct_ref.pdbx_db_isoform            ? 
_struct_ref.entity_id                  1 
_struct_ref.pdbx_seq_one_letter_code   
;MGKTADNHGPVRSETAREGRENQVYSPVTGARLVAGCICLTPDKKQVLMITSSAHKKRWIVPKGGVEKDEPNYETTAQRE
TWEEAGCIGKIVANLGTVEDMRPPKDWNKDIKQFENSRKDSEVAKHPPRTEFHFYELEIENLLDKFPECHKRHRKLYSYT
EAKQNLIDAKRPELLEALNRSAIIKDDK
;
_struct_ref.pdbx_align_begin           1 
# 
_struct_ref_seq.align_id                      1 
_struct_ref_seq.ref_id                        1 
_struct_ref_seq.pdbx_PDB_id_code              7AUQ 
_struct_ref_seq.pdbx_strand_id                A 
_struct_ref_seq.seq_align_beg                 4 
_struct_ref_seq.pdbx_seq_align_beg_ins_code   ? 
_struct_ref_seq.seq_align_end                 191 
_struct_ref_seq.pdbx_seq_align_end_ins_code   ? 
_struct_ref_seq.pdbx_db_accession             Q99321 
_struct_ref_seq.db_align_beg                  1 
_struct_ref_seq.pdbx_db_align_beg_ins_code    ? 
_struct_ref_seq.db_align_end                  188 
_struct_ref_seq.pdbx_db_align_end_ins_code    ? 
_struct_ref_seq.pdbx_auth_seq_align_beg       1 
_struct_ref_seq.pdbx_auth_seq_align_end       188 
# 
loop_
_struct_ref_seq_dif.align_id 
_struct_ref_seq_dif.pdbx_pdb_id_code 
_struct_ref_seq_dif.mon_id 
_struct_ref_seq_dif.pdbx_pdb_strand_id 
_struct_ref_seq_dif.seq_num 
_struct_ref_seq_dif.pdbx_pdb_ins_code 
_struct_ref_seq_dif.pdbx_seq_db_name 
_struct_ref_seq_dif.pdbx_seq_db_accession_code 
_struct_ref_seq_dif.db_mon_id 
_struct_ref_seq_dif.pdbx_seq_db_seq_num 
_struct_ref_seq_dif.details 
_struct_ref_seq_dif.pdbx_auth_seq_num 
_struct_ref_seq_dif.pdbx_ordinal 
1 7AUQ GLY A 1 ? UNP Q99321 ? ? 'expression tag' -2 1 
1 7AUQ GLY A 2 ? UNP Q99321 ? ? 'expression tag' -1 2 
1 7AUQ SER A 3 ? UNP Q99321 ? ? 'expression tag' 0  3 
# 
_pdbx_struct_assembly.id                   1 
_pdbx_struct_assembly.details              author_and_software_defined_assembly 
_pdbx_struct_assembly.method_details       PISA 
_pdbx_struct_assembly.oligomeric_details   monomeric 
_pdbx_struct_assembly.oligomeric_count     1 
# 
loop_
_pdbx_struct_assembly_prop.biol_id 
_pdbx_struct_assembly_prop.type 
_pdbx_struct_assembly_prop.value 
_pdbx_struct_assembly_prop.details 
1 'ABSA (A^2)' 1100 ? 
1 MORE         -11  ? 
1 'SSA (A^2)'  7810 ? 
# 
_pdbx_struct_assembly_gen.assembly_id       1 
_pdbx_struct_assembly_gen.oper_expression   1 
_pdbx_struct_assembly_gen.asym_id_list      A,B,C,D,E 
# 
_pdbx_struct_assembly_auth_evidence.id                     1 
_pdbx_struct_assembly_auth_evidence.assembly_id            1 
_pdbx_struct_assembly_auth_evidence.experimental_support   'gel filtration' 
_pdbx_struct_assembly_auth_evidence.details                ? 
# 
_pdbx_struct_oper_list.id                   1 
_pdbx_struct_oper_list.type                 'identity operation' 
_pdbx_struct_oper_list.name                 1_555 
_pdbx_struct_oper_list.symmetry_operation   x,y,z 
_pdbx_struct_oper_list.matrix[1][1]         1.0000000000 
_pdbx_struct_oper_list.matrix[1][2]         0.0000000000 
_pdbx_struct_oper_list.matrix[1][3]         0.0000000000 
_pdbx_struct_oper_list.vector[1]            0.0000000000 
_pdbx_struct_oper_list.matrix[2][1]         0.0000000000 
_pdbx_struct_oper_list.matrix[2][2]         1.0000000000 
_pdbx_struct_oper_list.matrix[2][3]         0.0000000000 
_pdbx_struct_oper_list.vector[2]            0.0000000000 
_pdbx_struct_oper_list.matrix[3][1]         0.0000000000 
_pdbx_struct_oper_list.matrix[3][2]         0.0000000000 
_pdbx_struct_oper_list.matrix[3][3]         1.0000000000 
_pdbx_struct_oper_list.vector[3]            0.0000000000 
# 
loop_
_struct_conf.conf_type_id 
_struct_conf.id 
_struct_conf.pdbx_PDB_helix_id 
_struct_conf.beg_label_comp_id 
_struct_conf.beg_label_asym_id 
_struct_conf.beg_label_seq_id 
_struct_conf.pdbx_beg_PDB_ins_code 
_struct_conf.end_label_comp_id 
_struct_conf.end_label_asym_id 
_struct_conf.end_label_seq_id 
_struct_conf.pdbx_end_PDB_ins_code 
_struct_conf.beg_auth_comp_id 
_struct_conf.beg_auth_asym_id 
_struct_conf.beg_auth_seq_id 
_struct_conf.end_auth_comp_id 
_struct_conf.end_auth_asym_id 
_struct_conf.end_auth_seq_id 
_struct_conf.pdbx_PDB_helix_class 
_struct_conf.details 
_struct_conf.pdbx_PDB_helix_length 
HELX_P HELX_P1 AA1 ASN A 75  ? GLY A 89  ? ASN A 72  GLY A 86  1 ? 15 
HELX_P HELX_P2 AA2 SER A 161 ? LYS A 173 ? SER A 158 LYS A 170 1 ? 13 
HELX_P HELX_P3 AA3 ARG A 174 ? SER A 184 ? ARG A 171 SER A 181 1 ? 11 
# 
_struct_conf_type.id          HELX_P 
_struct_conf_type.criteria    ? 
_struct_conf_type.reference   ? 
# 
loop_
_struct_conn.id 
_struct_conn.conn_type_id 
_struct_conn.pdbx_leaving_atom_flag 
_struct_conn.pdbx_PDB_id 
_struct_conn.ptnr1_label_asym_id 
_struct_conn.ptnr1_label_comp_id 
_struct_conn.ptnr1_label_seq_id 
_struct_conn.ptnr1_label_atom_id 
_struct_conn.pdbx_ptnr1_label_alt_id 
_struct_conn.pdbx_ptnr1_PDB_ins_code 
_struct_conn.pdbx_ptnr1_standard_comp_id 
_struct_conn.ptnr1_symmetry 
_struct_conn.ptnr2_label_asym_id 
_struct_conn.ptnr2_label_comp_id 
_struct_conn.ptnr2_label_seq_id 
_struct_conn.ptnr2_label_atom_id 
_struct_conn.pdbx_ptnr2_label_alt_id 
_struct_conn.pdbx_ptnr2_PDB_ins_code 
_struct_conn.ptnr1_auth_asym_id 
_struct_conn.ptnr1_auth_comp_id 
_struct_conn.ptnr1_auth_seq_id 
_struct_conn.ptnr2_auth_asym_id 
_struct_conn.ptnr2_auth_comp_id 
_struct_conn.ptnr2_auth_seq_id 
_struct_conn.ptnr2_symmetry 
_struct_conn.pdbx_ptnr3_label_atom_id 
_struct_conn.pdbx_ptnr3_label_seq_id 
_struct_conn.pdbx_ptnr3_label_comp_id 
_struct_conn.pdbx_ptnr3_label_asym_id 
_struct_conn.pdbx_ptnr3_label_alt_id 
_struct_conn.pdbx_ptnr3_PDB_ins_code 
_struct_conn.details 
_struct_conn.pdbx_dist_value 
_struct_conn.pdbx_value_order 
_struct_conn.pdbx_role 
metalc1 metalc ? ? A LYS 66 O   ? ? ? 1_555 D CA  . CA ? ? A LYS 63  A CA  203 1_555 ? ? ? ? ? ? ? 2.726 ? ? 
metalc2 metalc ? ? A GLU 87 OE1 ? ? ? 1_555 D CA  . CA ? ? A GLU 84  A CA  203 1_555 ? ? ? ? ? ? ? 2.270 ? ? 
metalc3 metalc ? ? B 5FA .  O3G ? ? ? 1_555 D CA  . CA ? ? A 5FA 201 A CA  203 1_555 ? ? ? ? ? ? ? 2.986 ? ? 
metalc4 metalc ? ? B 5FA .  O1D ? ? ? 1_555 D CA  . CA ? ? A 5FA 201 A CA  203 1_555 ? ? ? ? ? ? ? 2.826 ? ? 
metalc5 metalc ? ? B 5FA .  O2E ? ? ? 1_555 D CA  . CA ? ? A 5FA 201 A CA  203 1_555 ? ? ? ? ? ? ? 2.463 ? ? 
metalc6 metalc ? ? D CA  .  CA  ? ? ? 1_555 E HOH . O  ? ? A CA  203 A HOH 317 1_555 ? ? ? ? ? ? ? 2.908 ? ? 
# 
_struct_conn_type.id          metalc 
_struct_conn_type.criteria    ? 
_struct_conn_type.reference   ? 
# 
loop_
_pdbx_struct_conn_angle.id 
_pdbx_struct_conn_angle.ptnr1_label_atom_id 
_pdbx_struct_conn_angle.ptnr1_label_alt_id 
_pdbx_struct_conn_angle.ptnr1_label_asym_id 
_pdbx_struct_conn_angle.ptnr1_label_comp_id 
_pdbx_struct_conn_angle.ptnr1_label_seq_id 
_pdbx_struct_conn_angle.ptnr1_auth_atom_id 
_pdbx_struct_conn_angle.ptnr1_auth_asym_id 
_pdbx_struct_conn_angle.ptnr1_auth_comp_id 
_pdbx_struct_conn_angle.ptnr1_auth_seq_id 
_pdbx_struct_conn_angle.ptnr1_PDB_ins_code 
_pdbx_struct_conn_angle.ptnr1_symmetry 
_pdbx_struct_conn_angle.ptnr2_label_atom_id 
_pdbx_struct_conn_angle.ptnr2_label_alt_id 
_pdbx_struct_conn_angle.ptnr2_label_asym_id 
_pdbx_struct_conn_angle.ptnr2_label_comp_id 
_pdbx_struct_conn_angle.ptnr2_label_seq_id 
_pdbx_struct_conn_angle.ptnr2_auth_atom_id 
_pdbx_struct_conn_angle.ptnr2_auth_asym_id 
_pdbx_struct_conn_angle.ptnr2_auth_comp_id 
_pdbx_struct_conn_angle.ptnr2_auth_seq_id 
_pdbx_struct_conn_angle.ptnr2_PDB_ins_code 
_pdbx_struct_conn_angle.ptnr2_symmetry 
_pdbx_struct_conn_angle.ptnr3_label_atom_id 
_pdbx_struct_conn_angle.ptnr3_label_alt_id 
_pdbx_struct_conn_angle.ptnr3_label_asym_id 
_pdbx_struct_conn_angle.ptnr3_label_comp_id 
_pdbx_struct_conn_angle.ptnr3_label_seq_id 
_pdbx_struct_conn_angle.ptnr3_auth_atom_id 
_pdbx_struct_conn_angle.ptnr3_auth_asym_id 
_pdbx_struct_conn_angle.ptnr3_auth_comp_id 
_pdbx_struct_conn_angle.ptnr3_auth_seq_id 
_pdbx_struct_conn_angle.ptnr3_PDB_ins_code 
_pdbx_struct_conn_angle.ptnr3_symmetry 
_pdbx_struct_conn_angle.value 
_pdbx_struct_conn_angle.value_esd 
1  O   ? A LYS 66 ? A LYS 63  ? 1_555 CA ? D CA . ? A CA 203 ? 1_555 OE1 ? A GLU 87 ? A GLU 84  ? 1_555 70.6  ? 
2  O   ? A LYS 66 ? A LYS 63  ? 1_555 CA ? D CA . ? A CA 203 ? 1_555 O3G ? B 5FA .  ? A 5FA 201 ? 1_555 155.3 ? 
3  OE1 ? A GLU 87 ? A GLU 84  ? 1_555 CA ? D CA . ? A CA 203 ? 1_555 O3G ? B 5FA .  ? A 5FA 201 ? 1_555 133.6 ? 
4  O   ? A LYS 66 ? A LYS 63  ? 1_555 CA ? D CA . ? A CA 203 ? 1_555 O1D ? B 5FA .  ? A 5FA 201 ? 1_555 106.2 ? 
5  OE1 ? A GLU 87 ? A GLU 84  ? 1_555 CA ? D CA . ? A CA 203 ? 1_555 O1D ? B 5FA .  ? A 5FA 201 ? 1_555 166.5 ? 
6  O3G ? B 5FA .  ? A 5FA 201 ? 1_555 CA ? D CA . ? A CA 203 ? 1_555 O1D ? B 5FA .  ? A 5FA 201 ? 1_555 51.8  ? 
7  O   ? A LYS 66 ? A LYS 63  ? 1_555 CA ? D CA . ? A CA 203 ? 1_555 O2E ? B 5FA .  ? A 5FA 201 ? 1_555 106.3 ? 
8  OE1 ? A GLU 87 ? A GLU 84  ? 1_555 CA ? D CA . ? A CA 203 ? 1_555 O2E ? B 5FA .  ? A 5FA 201 ? 1_555 100.1 ? 
9  O3G ? B 5FA .  ? A 5FA 201 ? 1_555 CA ? D CA . ? A CA 203 ? 1_555 O2E ? B 5FA .  ? A 5FA 201 ? 1_555 68.6  ? 
10 O1D ? B 5FA .  ? A 5FA 201 ? 1_555 CA ? D CA . ? A CA 203 ? 1_555 O2E ? B 5FA .  ? A 5FA 201 ? 1_555 93.4  ? 
11 O   ? A LYS 66 ? A LYS 63  ? 1_555 CA ? D CA . ? A CA 203 ? 1_555 O   ? E HOH .  ? A HOH 317 ? 1_555 79.2  ? 
12 OE1 ? A GLU 87 ? A GLU 84  ? 1_555 CA ? D CA . ? A CA 203 ? 1_555 O   ? E HOH .  ? A HOH 317 ? 1_555 80.3  ? 
13 O3G ? B 5FA .  ? A 5FA 201 ? 1_555 CA ? D CA . ? A CA 203 ? 1_555 O   ? E HOH .  ? A HOH 317 ? 1_555 107.0 ? 
14 O1D ? B 5FA .  ? A 5FA 201 ? 1_555 CA ? D CA . ? A CA 203 ? 1_555 O   ? E HOH .  ? A HOH 317 ? 1_555 86.3  ? 
15 O2E ? B 5FA .  ? A 5FA 201 ? 1_555 CA ? D CA . ? A CA 203 ? 1_555 O   ? E HOH .  ? A HOH 317 ? 1_555 174.4 ? 
# 
loop_
_struct_sheet.id 
_struct_sheet.type 
_struct_sheet.number_strands 
_struct_sheet.details 
AA1 ? 4 ? 
AA2 ? 3 ? 
# 
loop_
_struct_sheet_order.sheet_id 
_struct_sheet_order.range_id_1 
_struct_sheet_order.range_id_2 
_struct_sheet_order.offset 
_struct_sheet_order.sense 
AA1 1 2 ? anti-parallel 
AA1 2 3 ? parallel      
AA1 3 4 ? anti-parallel 
AA2 1 2 ? anti-parallel 
AA2 2 3 ? anti-parallel 
# 
loop_
_struct_sheet_range.sheet_id 
_struct_sheet_range.id 
_struct_sheet_range.beg_label_comp_id 
_struct_sheet_range.beg_label_asym_id 
_struct_sheet_range.beg_label_seq_id 
_struct_sheet_range.pdbx_beg_PDB_ins_code 
_struct_sheet_range.end_label_comp_id 
_struct_sheet_range.end_label_asym_id 
_struct_sheet_range.end_label_seq_id 
_struct_sheet_range.pdbx_end_PDB_ins_code 
_struct_sheet_range.beg_auth_comp_id 
_struct_sheet_range.beg_auth_asym_id 
_struct_sheet_range.beg_auth_seq_id 
_struct_sheet_range.end_auth_comp_id 
_struct_sheet_range.end_auth_asym_id 
_struct_sheet_range.end_auth_seq_id 
AA1 1 LYS A 66  ? GLY A 68  ? LYS A 63  GLY A 65  
AA1 2 ARG A 35  ? LEU A 43  ? ARG A 32  LEU A 40  
AA1 3 THR A 133 ? LEU A 145 ? THR A 130 LEU A 142 
AA1 4 CYS A 90  ? GLU A 102 ? CYS A 87  GLU A 99  
AA2 1 TRP A 62  ? ILE A 63  ? TRP A 59  ILE A 60  
AA2 2 VAL A 50  ? THR A 54  ? VAL A 47  THR A 51  
AA2 3 ARG A 157 ? TYR A 160 ? ARG A 154 TYR A 157 
# 
loop_
_pdbx_struct_sheet_hbond.sheet_id 
_pdbx_struct_sheet_hbond.range_id_1 
_pdbx_struct_sheet_hbond.range_id_2 
_pdbx_struct_sheet_hbond.range_1_label_atom_id 
_pdbx_struct_sheet_hbond.range_1_label_comp_id 
_pdbx_struct_sheet_hbond.range_1_label_asym_id 
_pdbx_struct_sheet_hbond.range_1_label_seq_id 
_pdbx_struct_sheet_hbond.range_1_PDB_ins_code 
_pdbx_struct_sheet_hbond.range_1_auth_atom_id 
_pdbx_struct_sheet_hbond.range_1_auth_comp_id 
_pdbx_struct_sheet_hbond.range_1_auth_asym_id 
_pdbx_struct_sheet_hbond.range_1_auth_seq_id 
_pdbx_struct_sheet_hbond.range_2_label_atom_id 
_pdbx_struct_sheet_hbond.range_2_label_comp_id 
_pdbx_struct_sheet_hbond.range_2_label_asym_id 
_pdbx_struct_sheet_hbond.range_2_label_seq_id 
_pdbx_struct_sheet_hbond.range_2_PDB_ins_code 
_pdbx_struct_sheet_hbond.range_2_auth_atom_id 
_pdbx_struct_sheet_hbond.range_2_auth_comp_id 
_pdbx_struct_sheet_hbond.range_2_auth_asym_id 
_pdbx_struct_sheet_hbond.range_2_auth_seq_id 
AA1 1 2 O GLY A 67  ? O GLY A 64  N ALA A 38  ? N ALA A 35  
AA1 2 3 N LEU A 43  ? N LEU A 40  O LEU A 140 ? O LEU A 137 
AA1 3 4 O PHE A 137 ? O PHE A 134 N LEU A 98  ? N LEU A 95  
AA2 1 2 O ILE A 63  ? O ILE A 60  N ILE A 53  ? N ILE A 50  
AA2 2 3 N MET A 52  ? N MET A 49  O LYS A 158 ? O LYS A 155 
# 
_pdbx_validate_close_contact.id               1 
_pdbx_validate_close_contact.PDB_model_num    1 
_pdbx_validate_close_contact.auth_atom_id_1   OD2 
_pdbx_validate_close_contact.auth_asym_id_1   A 
_pdbx_validate_close_contact.auth_comp_id_1   ASP 
_pdbx_validate_close_contact.auth_seq_id_1    100 
_pdbx_validate_close_contact.PDB_ins_code_1   ? 
_pdbx_validate_close_contact.label_alt_id_1   ? 
_pdbx_validate_close_contact.auth_atom_id_2   N1 
_pdbx_validate_close_contact.auth_asym_id_2   A 
_pdbx_validate_close_contact.auth_comp_id_2   5FA 
_pdbx_validate_close_contact.auth_seq_id_2    201 
_pdbx_validate_close_contact.PDB_ins_code_2   ? 
_pdbx_validate_close_contact.label_alt_id_2   ? 
_pdbx_validate_close_contact.dist             2.11 
# 
loop_
_pdbx_validate_torsion.id 
_pdbx_validate_torsion.PDB_model_num 
_pdbx_validate_torsion.auth_comp_id 
_pdbx_validate_torsion.auth_asym_id 
_pdbx_validate_torsion.auth_seq_id 
_pdbx_validate_torsion.PDB_ins_code 
_pdbx_validate_torsion.label_alt_id 
_pdbx_validate_torsion.phi 
_pdbx_validate_torsion.psi 
1 1 ASN A 22 ? ? -109.11 75.43  
2 1 VAL A 28 ? ? -94.69  -66.00 
# 
loop_
_pdbx_struct_special_symmetry.id 
_pdbx_struct_special_symmetry.PDB_model_num 
_pdbx_struct_special_symmetry.auth_asym_id 
_pdbx_struct_special_symmetry.auth_comp_id 
_pdbx_struct_special_symmetry.auth_seq_id 
_pdbx_struct_special_symmetry.PDB_ins_code 
_pdbx_struct_special_symmetry.label_asym_id 
_pdbx_struct_special_symmetry.label_comp_id 
_pdbx_struct_special_symmetry.label_seq_id 
1 1 A ADE 202 ? C ADE . 
2 1 A HOH 314 ? E HOH . 
# 
_pdbx_entry_details.entry_id                 7AUQ 
_pdbx_entry_details.has_ligand_of_interest   Y 
_pdbx_entry_details.compound_details         ? 
_pdbx_entry_details.source_details           ? 
_pdbx_entry_details.nonpolymer_details       ? 
_pdbx_entry_details.sequence_details         ? 
# 
loop_
_pdbx_unobs_or_zero_occ_residues.id 
_pdbx_unobs_or_zero_occ_residues.PDB_model_num 
_pdbx_unobs_or_zero_occ_residues.polymer_flag 
_pdbx_unobs_or_zero_occ_residues.occupancy_flag 
_pdbx_unobs_or_zero_occ_residues.auth_asym_id 
_pdbx_unobs_or_zero_occ_residues.auth_comp_id 
_pdbx_unobs_or_zero_occ_residues.auth_seq_id 
_pdbx_unobs_or_zero_occ_residues.PDB_ins_code 
_pdbx_unobs_or_zero_occ_residues.label_asym_id 
_pdbx_unobs_or_zero_occ_residues.label_comp_id 
_pdbx_unobs_or_zero_occ_residues.label_seq_id 
1  1 Y 1 A GLY -2  ? A GLY 1   
2  1 Y 1 A GLY -1  ? A GLY 2   
3  1 Y 1 A SER 0   ? A SER 3   
4  1 Y 1 A MET 1   ? A MET 4   
5  1 Y 1 A GLY 2   ? A GLY 5   
6  1 Y 1 A LYS 3   ? A LYS 6   
7  1 Y 1 A THR 4   ? A THR 7   
8  1 Y 1 A ALA 5   ? A ALA 8   
9  1 Y 1 A ASP 6   ? A ASP 9   
10 1 Y 1 A ASN 7   ? A ASN 10  
11 1 Y 1 A HIS 8   ? A HIS 11  
12 1 Y 1 A GLY 9   ? A GLY 12  
13 1 Y 1 A PRO 10  ? A PRO 13  
14 1 Y 1 A VAL 11  ? A VAL 14  
15 1 Y 1 A ARG 12  ? A ARG 15  
16 1 Y 1 A SER 13  ? A SER 16  
17 1 Y 1 A GLU 14  ? A GLU 17  
18 1 Y 1 A THR 15  ? A THR 18  
19 1 Y 1 A ALA 16  ? A ALA 19  
20 1 Y 1 A ARG 17  ? A ARG 20  
21 1 Y 1 A GLU 18  ? A GLU 21  
22 1 Y 1 A GLY 19  ? A GLY 22  
23 1 Y 1 A ARG 20  ? A ARG 23  
24 1 Y 1 A PRO 103 ? A PRO 106 
25 1 Y 1 A PRO 104 ? A PRO 107 
26 1 Y 1 A LYS 105 ? A LYS 108 
27 1 Y 1 A ASP 106 ? A ASP 109 
28 1 Y 1 A TRP 107 ? A TRP 110 
29 1 Y 1 A ASN 108 ? A ASN 111 
30 1 Y 1 A LYS 109 ? A LYS 112 
31 1 Y 1 A ASP 110 ? A ASP 113 
32 1 Y 1 A ILE 111 ? A ILE 114 
33 1 Y 1 A LYS 112 ? A LYS 115 
34 1 Y 1 A GLN 113 ? A GLN 116 
35 1 Y 1 A PHE 114 ? A PHE 117 
36 1 Y 1 A GLU 115 ? A GLU 118 
37 1 Y 1 A ASN 116 ? A ASN 119 
38 1 Y 1 A SER 117 ? A SER 120 
39 1 Y 1 A ARG 118 ? A ARG 121 
40 1 Y 1 A LYS 119 ? A LYS 122 
41 1 Y 1 A ASP 120 ? A ASP 123 
42 1 Y 1 A SER 121 ? A SER 124 
43 1 Y 1 A GLU 122 ? A GLU 125 
44 1 Y 1 A VAL 123 ? A VAL 126 
45 1 Y 1 A ALA 124 ? A ALA 127 
46 1 Y 1 A LYS 125 ? A LYS 128 
47 1 Y 1 A HIS 126 ? A HIS 129 
48 1 Y 1 A ASP 187 ? A ASP 190 
49 1 Y 1 A LYS 188 ? A LYS 191 
# 
loop_
_chem_comp_atom.comp_id 
_chem_comp_atom.atom_id 
_chem_comp_atom.type_symbol 
_chem_comp_atom.pdbx_aromatic_flag 
_chem_comp_atom.pdbx_stereo_config 
_chem_comp_atom.pdbx_ordinal 
5FA N9     N  Y N 1   
5FA C8     C  Y N 2   
5FA N7     N  Y N 3   
5FA C5     C  Y N 4   
5FA C6     C  Y N 5   
5FA N6     N  N N 6   
5FA N1     N  Y N 7   
5FA C2     C  Y N 8   
5FA N3     N  Y N 9   
5FA C4     C  Y N 10  
5FA "O5'"  O  N N 11  
5FA "C5'"  C  N N 12  
5FA "C4'"  C  N R 13  
5FA "O4'"  O  N N 14  
5FA "C3'"  C  N S 15  
5FA "O3'"  O  N N 16  
5FA "C2'"  C  N R 17  
5FA "O2'"  O  N N 18  
5FA "C1'"  C  N R 19  
5FA PA     P  N S 20  
5FA O1A    O  N N 21  
5FA O2A    O  N N 22  
5FA O3A    O  N N 23  
5FA PB     P  N R 24  
5FA O1B    O  N N 25  
5FA O2B    O  N N 26  
5FA O3B    O  N N 27  
5FA PG     P  N R 28  
5FA O2G    O  N N 29  
5FA O1G    O  N N 30  
5FA O3G    O  N N 31  
5FA PD     P  N S 32  
5FA O1D    O  N N 33  
5FA O2D    O  N N 34  
5FA O3D    O  N N 35  
5FA PE     P  N N 36  
5FA O1E    O  N N 37  
5FA O2E    O  N N 38  
5FA O3E    O  N N 39  
5FA H8     H  N N 40  
5FA H61    H  N N 41  
5FA H62    H  N N 42  
5FA H2     H  N N 43  
5FA "H5'1" H  N N 44  
5FA "H5'2" H  N N 45  
5FA "H4'"  H  N N 46  
5FA "H3'"  H  N N 47  
5FA H3T    H  N N 48  
5FA "H2'"  H  N N 49  
5FA "HO'2" H  N N 50  
5FA "H1'"  H  N N 51  
5FA H2A    H  N N 52  
5FA H2B    H  N N 53  
5FA H1G    H  N N 54  
5FA H2D    H  N N 55  
5FA H2E    H  N N 56  
5FA H3E    H  N N 57  
ADE N9     N  Y N 58  
ADE C8     C  Y N 59  
ADE N7     N  Y N 60  
ADE C5     C  Y N 61  
ADE C6     C  Y N 62  
ADE N6     N  N N 63  
ADE N1     N  Y N 64  
ADE C2     C  Y N 65  
ADE N3     N  Y N 66  
ADE C4     C  Y N 67  
ADE HN9    H  N N 68  
ADE H8     H  N N 69  
ADE HN61   H  N N 70  
ADE HN62   H  N N 71  
ADE H2     H  N N 72  
ALA N      N  N N 73  
ALA CA     C  N S 74  
ALA C      C  N N 75  
ALA O      O  N N 76  
ALA CB     C  N N 77  
ALA OXT    O  N N 78  
ALA H      H  N N 79  
ALA H2     H  N N 80  
ALA HA     H  N N 81  
ALA HB1    H  N N 82  
ALA HB2    H  N N 83  
ALA HB3    H  N N 84  
ALA HXT    H  N N 85  
ARG N      N  N N 86  
ARG CA     C  N S 87  
ARG C      C  N N 88  
ARG O      O  N N 89  
ARG CB     C  N N 90  
ARG CG     C  N N 91  
ARG CD     C  N N 92  
ARG NE     N  N N 93  
ARG CZ     C  N N 94  
ARG NH1    N  N N 95  
ARG NH2    N  N N 96  
ARG OXT    O  N N 97  
ARG H      H  N N 98  
ARG H2     H  N N 99  
ARG HA     H  N N 100 
ARG HB2    H  N N 101 
ARG HB3    H  N N 102 
ARG HG2    H  N N 103 
ARG HG3    H  N N 104 
ARG HD2    H  N N 105 
ARG HD3    H  N N 106 
ARG HE     H  N N 107 
ARG HH11   H  N N 108 
ARG HH12   H  N N 109 
ARG HH21   H  N N 110 
ARG HH22   H  N N 111 
ARG HXT    H  N N 112 
ASN N      N  N N 113 
ASN CA     C  N S 114 
ASN C      C  N N 115 
ASN O      O  N N 116 
ASN CB     C  N N 117 
ASN CG     C  N N 118 
ASN OD1    O  N N 119 
ASN ND2    N  N N 120 
ASN OXT    O  N N 121 
ASN H      H  N N 122 
ASN H2     H  N N 123 
ASN HA     H  N N 124 
ASN HB2    H  N N 125 
ASN HB3    H  N N 126 
ASN HD21   H  N N 127 
ASN HD22   H  N N 128 
ASN HXT    H  N N 129 
ASP N      N  N N 130 
ASP CA     C  N S 131 
ASP C      C  N N 132 
ASP O      O  N N 133 
ASP CB     C  N N 134 
ASP CG     C  N N 135 
ASP OD1    O  N N 136 
ASP OD2    O  N N 137 
ASP OXT    O  N N 138 
ASP H      H  N N 139 
ASP H2     H  N N 140 
ASP HA     H  N N 141 
ASP HB2    H  N N 142 
ASP HB3    H  N N 143 
ASP HD2    H  N N 144 
ASP HXT    H  N N 145 
CA  CA     CA N N 146 
CYS N      N  N N 147 
CYS CA     C  N R 148 
CYS C      C  N N 149 
CYS O      O  N N 150 
CYS CB     C  N N 151 
CYS SG     S  N N 152 
CYS OXT    O  N N 153 
CYS H      H  N N 154 
CYS H2     H  N N 155 
CYS HA     H  N N 156 
CYS HB2    H  N N 157 
CYS HB3    H  N N 158 
CYS HG     H  N N 159 
CYS HXT    H  N N 160 
GLN N      N  N N 161 
GLN CA     C  N S 162 
GLN C      C  N N 163 
GLN O      O  N N 164 
GLN CB     C  N N 165 
GLN CG     C  N N 166 
GLN CD     C  N N 167 
GLN OE1    O  N N 168 
GLN NE2    N  N N 169 
GLN OXT    O  N N 170 
GLN H      H  N N 171 
GLN H2     H  N N 172 
GLN HA     H  N N 173 
GLN HB2    H  N N 174 
GLN HB3    H  N N 175 
GLN HG2    H  N N 176 
GLN HG3    H  N N 177 
GLN HE21   H  N N 178 
GLN HE22   H  N N 179 
GLN HXT    H  N N 180 
GLU N      N  N N 181 
GLU CA     C  N S 182 
GLU C      C  N N 183 
GLU O      O  N N 184 
GLU CB     C  N N 185 
GLU CG     C  N N 186 
GLU CD     C  N N 187 
GLU OE1    O  N N 188 
GLU OE2    O  N N 189 
GLU OXT    O  N N 190 
GLU H      H  N N 191 
GLU H2     H  N N 192 
GLU HA     H  N N 193 
GLU HB2    H  N N 194 
GLU HB3    H  N N 195 
GLU HG2    H  N N 196 
GLU HG3    H  N N 197 
GLU HE2    H  N N 198 
GLU HXT    H  N N 199 
GLY N      N  N N 200 
GLY CA     C  N N 201 
GLY C      C  N N 202 
GLY O      O  N N 203 
GLY OXT    O  N N 204 
GLY H      H  N N 205 
GLY H2     H  N N 206 
GLY HA2    H  N N 207 
GLY HA3    H  N N 208 
GLY HXT    H  N N 209 
HIS N      N  N N 210 
HIS CA     C  N S 211 
HIS C      C  N N 212 
HIS O      O  N N 213 
HIS CB     C  N N 214 
HIS CG     C  Y N 215 
HIS ND1    N  Y N 216 
HIS CD2    C  Y N 217 
HIS CE1    C  Y N 218 
HIS NE2    N  Y N 219 
HIS OXT    O  N N 220 
HIS H      H  N N 221 
HIS H2     H  N N 222 
HIS HA     H  N N 223 
HIS HB2    H  N N 224 
HIS HB3    H  N N 225 
HIS HD1    H  N N 226 
HIS HD2    H  N N 227 
HIS HE1    H  N N 228 
HIS HE2    H  N N 229 
HIS HXT    H  N N 230 
HOH O      O  N N 231 
HOH H1     H  N N 232 
HOH H2     H  N N 233 
ILE N      N  N N 234 
ILE CA     C  N S 235 
ILE C      C  N N 236 
ILE O      O  N N 237 
ILE CB     C  N S 238 
ILE CG1    C  N N 239 
ILE CG2    C  N N 240 
ILE CD1    C  N N 241 
ILE OXT    O  N N 242 
ILE H      H  N N 243 
ILE H2     H  N N 244 
ILE HA     H  N N 245 
ILE HB     H  N N 246 
ILE HG12   H  N N 247 
ILE HG13   H  N N 248 
ILE HG21   H  N N 249 
ILE HG22   H  N N 250 
ILE HG23   H  N N 251 
ILE HD11   H  N N 252 
ILE HD12   H  N N 253 
ILE HD13   H  N N 254 
ILE HXT    H  N N 255 
LEU N      N  N N 256 
LEU CA     C  N S 257 
LEU C      C  N N 258 
LEU O      O  N N 259 
LEU CB     C  N N 260 
LEU CG     C  N N 261 
LEU CD1    C  N N 262 
LEU CD2    C  N N 263 
LEU OXT    O  N N 264 
LEU H      H  N N 265 
LEU H2     H  N N 266 
LEU HA     H  N N 267 
LEU HB2    H  N N 268 
LEU HB3    H  N N 269 
LEU HG     H  N N 270 
LEU HD11   H  N N 271 
LEU HD12   H  N N 272 
LEU HD13   H  N N 273 
LEU HD21   H  N N 274 
LEU HD22   H  N N 275 
LEU HD23   H  N N 276 
LEU HXT    H  N N 277 
LYS N      N  N N 278 
LYS CA     C  N S 279 
LYS C      C  N N 280 
LYS O      O  N N 281 
LYS CB     C  N N 282 
LYS CG     C  N N 283 
LYS CD     C  N N 284 
LYS CE     C  N N 285 
LYS NZ     N  N N 286 
LYS OXT    O  N N 287 
LYS H      H  N N 288 
LYS H2     H  N N 289 
LYS HA     H  N N 290 
LYS HB2    H  N N 291 
LYS HB3    H  N N 292 
LYS HG2    H  N N 293 
LYS HG3    H  N N 294 
LYS HD2    H  N N 295 
LYS HD3    H  N N 296 
LYS HE2    H  N N 297 
LYS HE3    H  N N 298 
LYS HZ1    H  N N 299 
LYS HZ2    H  N N 300 
LYS HZ3    H  N N 301 
LYS HXT    H  N N 302 
MET N      N  N N 303 
MET CA     C  N S 304 
MET C      C  N N 305 
MET O      O  N N 306 
MET CB     C  N N 307 
MET CG     C  N N 308 
MET SD     S  N N 309 
MET CE     C  N N 310 
MET OXT    O  N N 311 
MET H      H  N N 312 
MET H2     H  N N 313 
MET HA     H  N N 314 
MET HB2    H  N N 315 
MET HB3    H  N N 316 
MET HG2    H  N N 317 
MET HG3    H  N N 318 
MET HE1    H  N N 319 
MET HE2    H  N N 320 
MET HE3    H  N N 321 
MET HXT    H  N N 322 
PHE N      N  N N 323 
PHE CA     C  N S 324 
PHE C      C  N N 325 
PHE O      O  N N 326 
PHE CB     C  N N 327 
PHE CG     C  Y N 328 
PHE CD1    C  Y N 329 
PHE CD2    C  Y N 330 
PHE CE1    C  Y N 331 
PHE CE2    C  Y N 332 
PHE CZ     C  Y N 333 
PHE OXT    O  N N 334 
PHE H      H  N N 335 
PHE H2     H  N N 336 
PHE HA     H  N N 337 
PHE HB2    H  N N 338 
PHE HB3    H  N N 339 
PHE HD1    H  N N 340 
PHE HD2    H  N N 341 
PHE HE1    H  N N 342 
PHE HE2    H  N N 343 
PHE HZ     H  N N 344 
PHE HXT    H  N N 345 
PRO N      N  N N 346 
PRO CA     C  N S 347 
PRO C      C  N N 348 
PRO O      O  N N 349 
PRO CB     C  N N 350 
PRO CG     C  N N 351 
PRO CD     C  N N 352 
PRO OXT    O  N N 353 
PRO H      H  N N 354 
PRO HA     H  N N 355 
PRO HB2    H  N N 356 
PRO HB3    H  N N 357 
PRO HG2    H  N N 358 
PRO HG3    H  N N 359 
PRO HD2    H  N N 360 
PRO HD3    H  N N 361 
PRO HXT    H  N N 362 
SER N      N  N N 363 
SER CA     C  N S 364 
SER C      C  N N 365 
SER O      O  N N 366 
SER CB     C  N N 367 
SER OG     O  N N 368 
SER OXT    O  N N 369 
SER H      H  N N 370 
SER H2     H  N N 371 
SER HA     H  N N 372 
SER HB2    H  N N 373 
SER HB3    H  N N 374 
SER HG     H  N N 375 
SER HXT    H  N N 376 
THR N      N  N N 377 
THR CA     C  N S 378 
THR C      C  N N 379 
THR O      O  N N 380 
THR CB     C  N R 381 
THR OG1    O  N N 382 
THR CG2    C  N N 383 
THR OXT    O  N N 384 
THR H      H  N N 385 
THR H2     H  N N 386 
THR HA     H  N N 387 
THR HB     H  N N 388 
THR HG1    H  N N 389 
THR HG21   H  N N 390 
THR HG22   H  N N 391 
THR HG23   H  N N 392 
THR HXT    H  N N 393 
TRP N      N  N N 394 
TRP CA     C  N S 395 
TRP C      C  N N 396 
TRP O      O  N N 397 
TRP CB     C  N N 398 
TRP CG     C  Y N 399 
TRP CD1    C  Y N 400 
TRP CD2    C  Y N 401 
TRP NE1    N  Y N 402 
TRP CE2    C  Y N 403 
TRP CE3    C  Y N 404 
TRP CZ2    C  Y N 405 
TRP CZ3    C  Y N 406 
TRP CH2    C  Y N 407 
TRP OXT    O  N N 408 
TRP H      H  N N 409 
TRP H2     H  N N 410 
TRP HA     H  N N 411 
TRP HB2    H  N N 412 
TRP HB3    H  N N 413 
TRP HD1    H  N N 414 
TRP HE1    H  N N 415 
TRP HE3    H  N N 416 
TRP HZ2    H  N N 417 
TRP HZ3    H  N N 418 
TRP HH2    H  N N 419 
TRP HXT    H  N N 420 
TYR N      N  N N 421 
TYR CA     C  N S 422 
TYR C      C  N N 423 
TYR O      O  N N 424 
TYR CB     C  N N 425 
TYR CG     C  Y N 426 
TYR CD1    C  Y N 427 
TYR CD2    C  Y N 428 
TYR CE1    C  Y N 429 
TYR CE2    C  Y N 430 
TYR CZ     C  Y N 431 
TYR OH     O  N N 432 
TYR OXT    O  N N 433 
TYR H      H  N N 434 
TYR H2     H  N N 435 
TYR HA     H  N N 436 
TYR HB2    H  N N 437 
TYR HB3    H  N N 438 
TYR HD1    H  N N 439 
TYR HD2    H  N N 440 
TYR HE1    H  N N 441 
TYR HE2    H  N N 442 
TYR HH     H  N N 443 
TYR HXT    H  N N 444 
VAL N      N  N N 445 
VAL CA     C  N S 446 
VAL C      C  N N 447 
VAL O      O  N N 448 
VAL CB     C  N N 449 
VAL CG1    C  N N 450 
VAL CG2    C  N N 451 
VAL OXT    O  N N 452 
VAL H      H  N N 453 
VAL H2     H  N N 454 
VAL HA     H  N N 455 
VAL HB     H  N N 456 
VAL HG11   H  N N 457 
VAL HG12   H  N N 458 
VAL HG13   H  N N 459 
VAL HG21   H  N N 460 
VAL HG22   H  N N 461 
VAL HG23   H  N N 462 
VAL HXT    H  N N 463 
# 
loop_
_chem_comp_bond.comp_id 
_chem_comp_bond.atom_id_1 
_chem_comp_bond.atom_id_2 
_chem_comp_bond.value_order 
_chem_comp_bond.pdbx_aromatic_flag 
_chem_comp_bond.pdbx_stereo_config 
_chem_comp_bond.pdbx_ordinal 
5FA N9    C8     sing Y N 1   
5FA N9    C4     sing Y N 2   
5FA N9    "C1'"  sing N N 3   
5FA C8    N7     doub Y N 4   
5FA C8    H8     sing N N 5   
5FA N7    C5     sing Y N 6   
5FA C5    C6     sing Y N 7   
5FA C5    C4     doub Y N 8   
5FA C6    N6     sing N N 9   
5FA C6    N1     doub Y N 10  
5FA N6    H61    sing N N 11  
5FA N6    H62    sing N N 12  
5FA N1    C2     sing Y N 13  
5FA C2    N3     doub Y N 14  
5FA C2    H2     sing N N 15  
5FA N3    C4     sing Y N 16  
5FA "O5'" "C5'"  sing N N 17  
5FA "O5'" PA     sing N N 18  
5FA "C5'" "C4'"  sing N N 19  
5FA "C5'" "H5'1" sing N N 20  
5FA "C5'" "H5'2" sing N N 21  
5FA "C4'" "O4'"  sing N N 22  
5FA "C4'" "C3'"  sing N N 23  
5FA "C4'" "H4'"  sing N N 24  
5FA "O4'" "C1'"  sing N N 25  
5FA "C3'" "O3'"  sing N N 26  
5FA "C3'" "C2'"  sing N N 27  
5FA "C3'" "H3'"  sing N N 28  
5FA "O3'" H3T    sing N N 29  
5FA "C2'" "O2'"  sing N N 30  
5FA "C2'" "C1'"  sing N N 31  
5FA "C2'" "H2'"  sing N N 32  
5FA "O2'" "HO'2" sing N N 33  
5FA "C1'" "H1'"  sing N N 34  
5FA PA    O1A    doub N N 35  
5FA PA    O2A    sing N N 36  
5FA PA    O3A    sing N N 37  
5FA O2A   H2A    sing N N 38  
5FA O3A   PB     sing N N 39  
5FA PB    O1B    doub N N 40  
5FA PB    O2B    sing N N 41  
5FA PB    O3B    sing N N 42  
5FA O2B   H2B    sing N N 43  
5FA O3B   PG     sing N N 44  
5FA PG    O2G    doub N N 45  
5FA PG    O1G    sing N N 46  
5FA PG    O3G    sing N N 47  
5FA O1G   H1G    sing N N 48  
5FA O3G   PD     sing N N 49  
5FA PD    O1D    doub N N 50  
5FA PD    O2D    sing N N 51  
5FA PD    O3D    sing N N 52  
5FA O2D   H2D    sing N N 53  
5FA O3D   PE     sing N N 54  
5FA PE    O1E    doub N N 55  
5FA PE    O2E    sing N N 56  
5FA PE    O3E    sing N N 57  
5FA O2E   H2E    sing N N 58  
5FA O3E   H3E    sing N N 59  
ADE N9    C8     sing Y N 60  
ADE N9    C4     sing Y N 61  
ADE N9    HN9    sing N N 62  
ADE C8    N7     doub Y N 63  
ADE C8    H8     sing N N 64  
ADE N7    C5     sing Y N 65  
ADE C5    C6     sing Y N 66  
ADE C5    C4     doub Y N 67  
ADE C6    N6     sing N N 68  
ADE C6    N1     doub Y N 69  
ADE N6    HN61   sing N N 70  
ADE N6    HN62   sing N N 71  
ADE N1    C2     sing Y N 72  
ADE C2    N3     doub Y N 73  
ADE C2    H2     sing N N 74  
ADE N3    C4     sing Y N 75  
ALA N     CA     sing N N 76  
ALA N     H      sing N N 77  
ALA N     H2     sing N N 78  
ALA CA    C      sing N N 79  
ALA CA    CB     sing N N 80  
ALA CA    HA     sing N N 81  
ALA C     O      doub N N 82  
ALA C     OXT    sing N N 83  
ALA CB    HB1    sing N N 84  
ALA CB    HB2    sing N N 85  
ALA CB    HB3    sing N N 86  
ALA OXT   HXT    sing N N 87  
ARG N     CA     sing N N 88  
ARG N     H      sing N N 89  
ARG N     H2     sing N N 90  
ARG CA    C      sing N N 91  
ARG CA    CB     sing N N 92  
ARG CA    HA     sing N N 93  
ARG C     O      doub N N 94  
ARG C     OXT    sing N N 95  
ARG CB    CG     sing N N 96  
ARG CB    HB2    sing N N 97  
ARG CB    HB3    sing N N 98  
ARG CG    CD     sing N N 99  
ARG CG    HG2    sing N N 100 
ARG CG    HG3    sing N N 101 
ARG CD    NE     sing N N 102 
ARG CD    HD2    sing N N 103 
ARG CD    HD3    sing N N 104 
ARG NE    CZ     sing N N 105 
ARG NE    HE     sing N N 106 
ARG CZ    NH1    sing N N 107 
ARG CZ    NH2    doub N N 108 
ARG NH1   HH11   sing N N 109 
ARG NH1   HH12   sing N N 110 
ARG NH2   HH21   sing N N 111 
ARG NH2   HH22   sing N N 112 
ARG OXT   HXT    sing N N 113 
ASN N     CA     sing N N 114 
ASN N     H      sing N N 115 
ASN N     H2     sing N N 116 
ASN CA    C      sing N N 117 
ASN CA    CB     sing N N 118 
ASN CA    HA     sing N N 119 
ASN C     O      doub N N 120 
ASN C     OXT    sing N N 121 
ASN CB    CG     sing N N 122 
ASN CB    HB2    sing N N 123 
ASN CB    HB3    sing N N 124 
ASN CG    OD1    doub N N 125 
ASN CG    ND2    sing N N 126 
ASN ND2   HD21   sing N N 127 
ASN ND2   HD22   sing N N 128 
ASN OXT   HXT    sing N N 129 
ASP N     CA     sing N N 130 
ASP N     H      sing N N 131 
ASP N     H2     sing N N 132 
ASP CA    C      sing N N 133 
ASP CA    CB     sing N N 134 
ASP CA    HA     sing N N 135 
ASP C     O      doub N N 136 
ASP C     OXT    sing N N 137 
ASP CB    CG     sing N N 138 
ASP CB    HB2    sing N N 139 
ASP CB    HB3    sing N N 140 
ASP CG    OD1    doub N N 141 
ASP CG    OD2    sing N N 142 
ASP OD2   HD2    sing N N 143 
ASP OXT   HXT    sing N N 144 
CYS N     CA     sing N N 145 
CYS N     H      sing N N 146 
CYS N     H2     sing N N 147 
CYS CA    C      sing N N 148 
CYS CA    CB     sing N N 149 
CYS CA    HA     sing N N 150 
CYS C     O      doub N N 151 
CYS C     OXT    sing N N 152 
CYS CB    SG     sing N N 153 
CYS CB    HB2    sing N N 154 
CYS CB    HB3    sing N N 155 
CYS SG    HG     sing N N 156 
CYS OXT   HXT    sing N N 157 
GLN N     CA     sing N N 158 
GLN N     H      sing N N 159 
GLN N     H2     sing N N 160 
GLN CA    C      sing N N 161 
GLN CA    CB     sing N N 162 
GLN CA    HA     sing N N 163 
GLN C     O      doub N N 164 
GLN C     OXT    sing N N 165 
GLN CB    CG     sing N N 166 
GLN CB    HB2    sing N N 167 
GLN CB    HB3    sing N N 168 
GLN CG    CD     sing N N 169 
GLN CG    HG2    sing N N 170 
GLN CG    HG3    sing N N 171 
GLN CD    OE1    doub N N 172 
GLN CD    NE2    sing N N 173 
GLN NE2   HE21   sing N N 174 
GLN NE2   HE22   sing N N 175 
GLN OXT   HXT    sing N N 176 
GLU N     CA     sing N N 177 
GLU N     H      sing N N 178 
GLU N     H2     sing N N 179 
GLU CA    C      sing N N 180 
GLU CA    CB     sing N N 181 
GLU CA    HA     sing N N 182 
GLU C     O      doub N N 183 
GLU C     OXT    sing N N 184 
GLU CB    CG     sing N N 185 
GLU CB    HB2    sing N N 186 
GLU CB    HB3    sing N N 187 
GLU CG    CD     sing N N 188 
GLU CG    HG2    sing N N 189 
GLU CG    HG3    sing N N 190 
GLU CD    OE1    doub N N 191 
GLU CD    OE2    sing N N 192 
GLU OE2   HE2    sing N N 193 
GLU OXT   HXT    sing N N 194 
GLY N     CA     sing N N 195 
GLY N     H      sing N N 196 
GLY N     H2     sing N N 197 
GLY CA    C      sing N N 198 
GLY CA    HA2    sing N N 199 
GLY CA    HA3    sing N N 200 
GLY C     O      doub N N 201 
GLY C     OXT    sing N N 202 
GLY OXT   HXT    sing N N 203 
HIS N     CA     sing N N 204 
HIS N     H      sing N N 205 
HIS N     H2     sing N N 206 
HIS CA    C      sing N N 207 
HIS CA    CB     sing N N 208 
HIS CA    HA     sing N N 209 
HIS C     O      doub N N 210 
HIS C     OXT    sing N N 211 
HIS CB    CG     sing N N 212 
HIS CB    HB2    sing N N 213 
HIS CB    HB3    sing N N 214 
HIS CG    ND1    sing Y N 215 
HIS CG    CD2    doub Y N 216 
HIS ND1   CE1    doub Y N 217 
HIS ND1   HD1    sing N N 218 
HIS CD2   NE2    sing Y N 219 
HIS CD2   HD2    sing N N 220 
HIS CE1   NE2    sing Y N 221 
HIS CE1   HE1    sing N N 222 
HIS NE2   HE2    sing N N 223 
HIS OXT   HXT    sing N N 224 
HOH O     H1     sing N N 225 
HOH O     H2     sing N N 226 
ILE N     CA     sing N N 227 
ILE N     H      sing N N 228 
ILE N     H2     sing N N 229 
ILE CA    C      sing N N 230 
ILE CA    CB     sing N N 231 
ILE CA    HA     sing N N 232 
ILE C     O      doub N N 233 
ILE C     OXT    sing N N 234 
ILE CB    CG1    sing N N 235 
ILE CB    CG2    sing N N 236 
ILE CB    HB     sing N N 237 
ILE CG1   CD1    sing N N 238 
ILE CG1   HG12   sing N N 239 
ILE CG1   HG13   sing N N 240 
ILE CG2   HG21   sing N N 241 
ILE CG2   HG22   sing N N 242 
ILE CG2   HG23   sing N N 243 
ILE CD1   HD11   sing N N 244 
ILE CD1   HD12   sing N N 245 
ILE CD1   HD13   sing N N 246 
ILE OXT   HXT    sing N N 247 
LEU N     CA     sing N N 248 
LEU N     H      sing N N 249 
LEU N     H2     sing N N 250 
LEU CA    C      sing N N 251 
LEU CA    CB     sing N N 252 
LEU CA    HA     sing N N 253 
LEU C     O      doub N N 254 
LEU C     OXT    sing N N 255 
LEU CB    CG     sing N N 256 
LEU CB    HB2    sing N N 257 
LEU CB    HB3    sing N N 258 
LEU CG    CD1    sing N N 259 
LEU CG    CD2    sing N N 260 
LEU CG    HG     sing N N 261 
LEU CD1   HD11   sing N N 262 
LEU CD1   HD12   sing N N 263 
LEU CD1   HD13   sing N N 264 
LEU CD2   HD21   sing N N 265 
LEU CD2   HD22   sing N N 266 
LEU CD2   HD23   sing N N 267 
LEU OXT   HXT    sing N N 268 
LYS N     CA     sing N N 269 
LYS N     H      sing N N 270 
LYS N     H2     sing N N 271 
LYS CA    C      sing N N 272 
LYS CA    CB     sing N N 273 
LYS CA    HA     sing N N 274 
LYS C     O      doub N N 275 
LYS C     OXT    sing N N 276 
LYS CB    CG     sing N N 277 
LYS CB    HB2    sing N N 278 
LYS CB    HB3    sing N N 279 
LYS CG    CD     sing N N 280 
LYS CG    HG2    sing N N 281 
LYS CG    HG3    sing N N 282 
LYS CD    CE     sing N N 283 
LYS CD    HD2    sing N N 284 
LYS CD    HD3    sing N N 285 
LYS CE    NZ     sing N N 286 
LYS CE    HE2    sing N N 287 
LYS CE    HE3    sing N N 288 
LYS NZ    HZ1    sing N N 289 
LYS NZ    HZ2    sing N N 290 
LYS NZ    HZ3    sing N N 291 
LYS OXT   HXT    sing N N 292 
MET N     CA     sing N N 293 
MET N     H      sing N N 294 
MET N     H2     sing N N 295 
MET CA    C      sing N N 296 
MET CA    CB     sing N N 297 
MET CA    HA     sing N N 298 
MET C     O      doub N N 299 
MET C     OXT    sing N N 300 
MET CB    CG     sing N N 301 
MET CB    HB2    sing N N 302 
MET CB    HB3    sing N N 303 
MET CG    SD     sing N N 304 
MET CG    HG2    sing N N 305 
MET CG    HG3    sing N N 306 
MET SD    CE     sing N N 307 
MET CE    HE1    sing N N 308 
MET CE    HE2    sing N N 309 
MET CE    HE3    sing N N 310 
MET OXT   HXT    sing N N 311 
PHE N     CA     sing N N 312 
PHE N     H      sing N N 313 
PHE N     H2     sing N N 314 
PHE CA    C      sing N N 315 
PHE CA    CB     sing N N 316 
PHE CA    HA     sing N N 317 
PHE C     O      doub N N 318 
PHE C     OXT    sing N N 319 
PHE CB    CG     sing N N 320 
PHE CB    HB2    sing N N 321 
PHE CB    HB3    sing N N 322 
PHE CG    CD1    doub Y N 323 
PHE CG    CD2    sing Y N 324 
PHE CD1   CE1    sing Y N 325 
PHE CD1   HD1    sing N N 326 
PHE CD2   CE2    doub Y N 327 
PHE CD2   HD2    sing N N 328 
PHE CE1   CZ     doub Y N 329 
PHE CE1   HE1    sing N N 330 
PHE CE2   CZ     sing Y N 331 
PHE CE2   HE2    sing N N 332 
PHE CZ    HZ     sing N N 333 
PHE OXT   HXT    sing N N 334 
PRO N     CA     sing N N 335 
PRO N     CD     sing N N 336 
PRO N     H      sing N N 337 
PRO CA    C      sing N N 338 
PRO CA    CB     sing N N 339 
PRO CA    HA     sing N N 340 
PRO C     O      doub N N 341 
PRO C     OXT    sing N N 342 
PRO CB    CG     sing N N 343 
PRO CB    HB2    sing N N 344 
PRO CB    HB3    sing N N 345 
PRO CG    CD     sing N N 346 
PRO CG    HG2    sing N N 347 
PRO CG    HG3    sing N N 348 
PRO CD    HD2    sing N N 349 
PRO CD    HD3    sing N N 350 
PRO OXT   HXT    sing N N 351 
SER N     CA     sing N N 352 
SER N     H      sing N N 353 
SER N     H2     sing N N 354 
SER CA    C      sing N N 355 
SER CA    CB     sing N N 356 
SER CA    HA     sing N N 357 
SER C     O      doub N N 358 
SER C     OXT    sing N N 359 
SER CB    OG     sing N N 360 
SER CB    HB2    sing N N 361 
SER CB    HB3    sing N N 362 
SER OG    HG     sing N N 363 
SER OXT   HXT    sing N N 364 
THR N     CA     sing N N 365 
THR N     H      sing N N 366 
THR N     H2     sing N N 367 
THR CA    C      sing N N 368 
THR CA    CB     sing N N 369 
THR CA    HA     sing N N 370 
THR C     O      doub N N 371 
THR C     OXT    sing N N 372 
THR CB    OG1    sing N N 373 
THR CB    CG2    sing N N 374 
THR CB    HB     sing N N 375 
THR OG1   HG1    sing N N 376 
THR CG2   HG21   sing N N 377 
THR CG2   HG22   sing N N 378 
THR CG2   HG23   sing N N 379 
THR OXT   HXT    sing N N 380 
TRP N     CA     sing N N 381 
TRP N     H      sing N N 382 
TRP N     H2     sing N N 383 
TRP CA    C      sing N N 384 
TRP CA    CB     sing N N 385 
TRP CA    HA     sing N N 386 
TRP C     O      doub N N 387 
TRP C     OXT    sing N N 388 
TRP CB    CG     sing N N 389 
TRP CB    HB2    sing N N 390 
TRP CB    HB3    sing N N 391 
TRP CG    CD1    doub Y N 392 
TRP CG    CD2    sing Y N 393 
TRP CD1   NE1    sing Y N 394 
TRP CD1   HD1    sing N N 395 
TRP CD2   CE2    doub Y N 396 
TRP CD2   CE3    sing Y N 397 
TRP NE1   CE2    sing Y N 398 
TRP NE1   HE1    sing N N 399 
TRP CE2   CZ2    sing Y N 400 
TRP CE3   CZ3    doub Y N 401 
TRP CE3   HE3    sing N N 402 
TRP CZ2   CH2    doub Y N 403 
TRP CZ2   HZ2    sing N N 404 
TRP CZ3   CH2    sing Y N 405 
TRP CZ3   HZ3    sing N N 406 
TRP CH2   HH2    sing N N 407 
TRP OXT   HXT    sing N N 408 
TYR N     CA     sing N N 409 
TYR N     H      sing N N 410 
TYR N     H2     sing N N 411 
TYR CA    C      sing N N 412 
TYR CA    CB     sing N N 413 
TYR CA    HA     sing N N 414 
TYR C     O      doub N N 415 
TYR C     OXT    sing N N 416 
TYR CB    CG     sing N N 417 
TYR CB    HB2    sing N N 418 
TYR CB    HB3    sing N N 419 
TYR CG    CD1    doub Y N 420 
TYR CG    CD2    sing Y N 421 
TYR CD1   CE1    sing Y N 422 
TYR CD1   HD1    sing N N 423 
TYR CD2   CE2    doub Y N 424 
TYR CD2   HD2    sing N N 425 
TYR CE1   CZ     doub Y N 426 
TYR CE1   HE1    sing N N 427 
TYR CE2   CZ     sing Y N 428 
TYR CE2   HE2    sing N N 429 
TYR CZ    OH     sing N N 430 
TYR OH    HH     sing N N 431 
TYR OXT   HXT    sing N N 432 
VAL N     CA     sing N N 433 
VAL N     H      sing N N 434 
VAL N     H2     sing N N 435 
VAL CA    C      sing N N 436 
VAL CA    CB     sing N N 437 
VAL CA    HA     sing N N 438 
VAL C     O      doub N N 439 
VAL C     OXT    sing N N 440 
VAL CB    CG1    sing N N 441 
VAL CB    CG2    sing N N 442 
VAL CB    HB     sing N N 443 
VAL CG1   HG11   sing N N 444 
VAL CG1   HG12   sing N N 445 
VAL CG1   HG13   sing N N 446 
VAL CG2   HG21   sing N N 447 
VAL CG2   HG22   sing N N 448 
VAL CG2   HG23   sing N N 449 
VAL OXT   HXT    sing N N 450 
# 
_pdbx_audit_support.funding_organization   'Spanish Ministry of Economy and Competitiveness' 
_pdbx_audit_support.country                Spain 
_pdbx_audit_support.grant_number           BFU2017-89913-P 
_pdbx_audit_support.ordinal                1 
# 
loop_
_pdbx_entity_instance_feature.ordinal 
_pdbx_entity_instance_feature.comp_id 
_pdbx_entity_instance_feature.asym_id 
_pdbx_entity_instance_feature.seq_num 
_pdbx_entity_instance_feature.auth_comp_id 
_pdbx_entity_instance_feature.auth_asym_id 
_pdbx_entity_instance_feature.auth_seq_num 
_pdbx_entity_instance_feature.feature_type 
_pdbx_entity_instance_feature.details 
1 5FA ? ? 5FA ? ? 'SUBJECT OF INVESTIGATION' ? 
2 CA  ? ? CA  ? ? 'SUBJECT OF INVESTIGATION' ? 
# 
_pdbx_initial_refinement_model.id               1 
_pdbx_initial_refinement_model.entity_id_list   ? 
_pdbx_initial_refinement_model.type             'experimental model' 
_pdbx_initial_refinement_model.source_name      PDB 
_pdbx_initial_refinement_model.accession_code   7AUI 
_pdbx_initial_refinement_model.details          ? 
# 
_atom_sites.entry_id                    7AUQ 
_atom_sites.Cartn_transf_matrix[1][1]   ? 
_atom_sites.Cartn_transf_matrix[1][2]   ? 
_atom_sites.Cartn_transf_matrix[1][3]   ? 
_atom_sites.Cartn_transf_matrix[2][1]   ? 
_atom_sites.Cartn_transf_matrix[2][2]   ? 
_atom_sites.Cartn_transf_matrix[2][3]   ? 
_atom_sites.Cartn_transf_matrix[3][1]   ? 
_atom_sites.Cartn_transf_matrix[3][2]   ? 
_atom_sites.Cartn_transf_matrix[3][3]   ? 
_atom_sites.Cartn_transf_vector[1]      ? 
_atom_sites.Cartn_transf_vector[2]      ? 
_atom_sites.Cartn_transf_vector[3]      ? 
_atom_sites.fract_transf_matrix[1][1]   0.01693439 
_atom_sites.fract_transf_matrix[1][2]   -0.00478338 
_atom_sites.fract_transf_matrix[1][3]   0.00609950 
_atom_sites.fract_transf_matrix[2][1]   0.01518068 
_atom_sites.fract_transf_matrix[2][2]   0.00673276 
_atom_sites.fract_transf_matrix[2][3]   -0.00843253 
_atom_sites.fract_transf_matrix[3][1]   -0.00002549 
_atom_sites.fract_transf_matrix[3][2]   0.00821365 
_atom_sites.fract_transf_matrix[3][3]   0.00651211 
_atom_sites.fract_transf_vector[1]      0.103259 
_atom_sites.fract_transf_vector[2]      -0.374408 
_atom_sites.fract_transf_vector[3]      -0.022952 
_atom_sites.solution_primary            ? 
_atom_sites.solution_secondary          ? 
_atom_sites.solution_hydrogens          ? 
_atom_sites.special_details             ? 
# 
loop_
_atom_type.symbol 
C  
CA 
N  
O  
P  
S  
# 
loop_
_atom_site.group_PDB 
_atom_site.id 
_atom_site.type_symbol 
_atom_site.label_atom_id 
_atom_site.label_alt_id 
_atom_site.label_comp_id 
_atom_site.label_asym_id 
_atom_site.label_entity_id 
_atom_site.label_seq_id 
_atom_site.pdbx_PDB_ins_code 
_atom_site.Cartn_x 
_atom_site.Cartn_y 
_atom_site.Cartn_z 
_atom_site.occupancy 
_atom_site.B_iso_or_equiv 
_atom_site.pdbx_formal_charge 
_atom_site.auth_seq_id 
_atom_site.auth_comp_id 
_atom_site.auth_asym_id 
_atom_site.auth_atom_id 
_atom_site.pdbx_PDB_model_num 
ATOM   1    N  N     . GLU A 1 24  ? 6.689   13.522  -18.147 1.00 124.26 ? 21  GLU A N     1 
ATOM   2    C  CA    . GLU A 1 24  ? 6.408   13.198  -16.718 1.00 124.35 ? 21  GLU A CA    1 
ATOM   3    C  C     . GLU A 1 24  ? 6.919   11.788  -16.393 1.00 126.34 ? 21  GLU A C     1 
ATOM   4    O  O     . GLU A 1 24  ? 7.276   11.042  -17.333 1.00 129.36 ? 21  GLU A O     1 
ATOM   5    C  CB    . GLU A 1 24  ? 4.911   13.286  -16.422 1.00 122.23 ? 21  GLU A CB    1 
ATOM   6    C  CG    . GLU A 1 24  ? 4.057   12.422  -17.341 1.00 118.70 ? 21  GLU A CG    1 
ATOM   7    C  CD    . GLU A 1 24  ? 2.623   12.227  -16.881 1.00 117.83 ? 21  GLU A CD    1 
ATOM   8    O  OE1   . GLU A 1 24  ? 1.741   12.066  -17.753 1.00 107.38 ? 21  GLU A OE1   1 
ATOM   9    O  OE2   . GLU A 1 24  ? 2.388   12.231  -15.654 1.00 117.01 ? 21  GLU A OE2   1 
ATOM   10   N  N     . ASN A 1 25  ? 6.917   11.437  -15.106 1.00 116.64 ? 22  ASN A N     1 
ATOM   11   C  CA    . ASN A 1 25  ? 7.313   10.100  -14.599 1.00 113.63 ? 22  ASN A CA    1 
ATOM   12   C  C     . ASN A 1 25  ? 6.067   9.370   -14.106 1.00 117.37 ? 22  ASN A C     1 
ATOM   13   O  O     . ASN A 1 25  ? 5.864   9.286   -12.870 1.00 123.06 ? 22  ASN A O     1 
ATOM   14   C  CB    . ASN A 1 25  ? 8.369   10.209  -13.503 1.00 111.31 ? 22  ASN A CB    1 
ATOM   15   C  CG    . ASN A 1 25  ? 9.759   10.025  -14.057 1.00 108.09 ? 22  ASN A CG    1 
ATOM   16   O  OD1   . ASN A 1 25  ? 9.987   10.273  -15.238 1.00 101.44 ? 22  ASN A OD1   1 
ATOM   17   N  ND2   . ASN A 1 25  ? 10.677  9.576   -13.220 1.00 113.91 ? 22  ASN A ND2   1 
ATOM   18   N  N     . GLN A 1 26  ? 5.262   8.879   -15.047 1.00 103.48 ? 23  GLN A N     1 
ATOM   19   C  CA    . GLN A 1 26  ? 4.003   8.153   -14.747 1.00 94.74  ? 23  GLN A CA    1 
ATOM   20   C  C     . GLN A 1 26  ? 3.733   7.167   -15.883 1.00 81.61  ? 23  GLN A C     1 
ATOM   21   O  O     . GLN A 1 26  ? 3.827   7.576   -17.051 1.00 80.80  ? 23  GLN A O     1 
ATOM   22   C  CB    . GLN A 1 26  ? 2.854   9.145   -14.544 1.00 100.30 ? 23  GLN A CB    1 
ATOM   23   C  CG    . GLN A 1 26  ? 2.716   9.662   -13.115 1.00 104.18 ? 23  GLN A CG    1 
ATOM   24   C  CD    . GLN A 1 26  ? 2.641   8.557   -12.085 1.00 110.55 ? 23  GLN A CD    1 
ATOM   25   O  OE1   . GLN A 1 26  ? 1.752   7.701   -12.120 1.00 112.02 ? 23  GLN A OE1   1 
ATOM   26   N  NE2   . GLN A 1 26  ? 3.588   8.567   -11.158 1.00 100.71 ? 23  GLN A NE2   1 
ATOM   27   N  N     . VAL A 1 27  ? 3.443   5.912   -15.543 1.00 74.29  ? 24  VAL A N     1 
ATOM   28   C  CA    . VAL A 1 27  ? 3.150   4.839   -16.535 1.00 68.75  ? 24  VAL A CA    1 
ATOM   29   C  C     . VAL A 1 27  ? 1.655   4.506   -16.468 1.00 69.09  ? 24  VAL A C     1 
ATOM   30   O  O     . VAL A 1 27  ? 1.103   4.491   -15.344 1.00 63.02  ? 24  VAL A O     1 
ATOM   31   C  CB    . VAL A 1 27  ? 4.021   3.598   -16.295 1.00 65.24  ? 24  VAL A CB    1 
ATOM   32   C  CG1   . VAL A 1 27  ? 3.882   2.597   -17.430 1.00 65.92  ? 24  VAL A CG1   1 
ATOM   33   C  CG2   . VAL A 1 27  ? 5.470   3.984   -16.091 1.00 67.38  ? 24  VAL A CG2   1 
ATOM   34   N  N     . TYR A 1 28  ? 1.066   4.226   -17.638 1.00 66.07  ? 25  TYR A N     1 
ATOM   35   C  CA    . TYR A 1 28  ? -0.382  4.006   -17.882 1.00 62.94  ? 25  TYR A CA    1 
ATOM   36   C  C     . TYR A 1 28  ? -0.571  2.666   -18.590 1.00 61.52  ? 25  TYR A C     1 
ATOM   37   O  O     . TYR A 1 28  ? 0.324   2.279   -19.381 1.00 54.77  ? 25  TYR A O     1 
ATOM   38   C  CB    . TYR A 1 28  ? -0.930  5.161   -18.722 1.00 69.68  ? 25  TYR A CB    1 
ATOM   39   C  CG    . TYR A 1 28  ? -0.934  6.463   -17.966 1.00 75.69  ? 25  TYR A CG    1 
ATOM   40   C  CD1   . TYR A 1 28  ? -1.927  6.727   -17.032 1.00 75.49  ? 25  TYR A CD1   1 
ATOM   41   C  CD2   . TYR A 1 28  ? 0.080   7.398   -18.120 1.00 78.50  ? 25  TYR A CD2   1 
ATOM   42   C  CE1   . TYR A 1 28  ? -1.934  7.897   -16.287 1.00 71.93  ? 25  TYR A CE1   1 
ATOM   43   C  CE2   . TYR A 1 28  ? 0.085   8.578   -17.385 1.00 78.83  ? 25  TYR A CE2   1 
ATOM   44   C  CZ    . TYR A 1 28  ? -0.922  8.825   -16.463 1.00 77.53  ? 25  TYR A CZ    1 
ATOM   45   O  OH    . TYR A 1 28  ? -0.932  9.975   -15.729 1.00 76.89  ? 25  TYR A OH    1 
ATOM   46   N  N     . SER A 1 29  ? -1.679  1.974   -18.302 1.00 59.13  ? 26  SER A N     1 
ATOM   47   C  CA    . SER A 1 29  ? -2.081  0.734   -19.014 1.00 58.57  ? 26  SER A CA    1 
ATOM   48   C  C     . SER A 1 29  ? -2.347  1.054   -20.479 1.00 61.47  ? 26  SER A C     1 
ATOM   49   O  O     . SER A 1 29  ? -3.227  1.850   -20.791 1.00 67.12  ? 26  SER A O     1 
ATOM   50   C  CB    . SER A 1 29  ? -3.294  0.099   -18.408 1.00 61.43  ? 26  SER A CB    1 
ATOM   51   O  OG    . SER A 1 29  ? -3.882  -0.803  -19.337 1.00 60.65  ? 26  SER A OG    1 
ATOM   52   N  N     . PRO A 1 30  ? -1.649  0.415   -21.440 1.00 66.77  ? 27  PRO A N     1 
ATOM   53   C  CA    . PRO A 1 30  ? -1.935  0.641   -22.855 1.00 68.03  ? 27  PRO A CA    1 
ATOM   54   C  C     . PRO A 1 30  ? -3.281  0.083   -23.341 1.00 71.74  ? 27  PRO A C     1 
ATOM   55   O  O     . PRO A 1 30  ? -3.586  0.290   -24.501 1.00 74.72  ? 27  PRO A O     1 
ATOM   56   C  CB    . PRO A 1 30  ? -0.804  -0.121  -23.551 1.00 68.37  ? 27  PRO A CB    1 
ATOM   57   C  CG    . PRO A 1 30  ? -0.491  -1.233  -22.589 1.00 67.85  ? 27  PRO A CG    1 
ATOM   58   C  CD    . PRO A 1 30  ? -0.571  -0.562  -21.237 1.00 66.68  ? 27  PRO A CD    1 
ATOM   59   N  N     . VAL A 1 31  ? -4.028  -0.620  -22.479 1.00 70.53  ? 28  VAL A N     1 
ATOM   60   C  CA    . VAL A 1 31  ? -5.384  -1.150  -22.804 1.00 67.72  ? 28  VAL A CA    1 
ATOM   61   C  C     . VAL A 1 31  ? -6.438  -0.150  -22.321 1.00 62.56  ? 28  VAL A C     1 
ATOM   62   O  O     . VAL A 1 31  ? -7.158  0.398   -23.154 1.00 59.95  ? 28  VAL A O     1 
ATOM   63   C  CB    . VAL A 1 31  ? -5.614  -2.548  -22.198 1.00 70.97  ? 28  VAL A CB    1 
ATOM   64   C  CG1   . VAL A 1 31  ? -7.067  -2.985  -22.323 1.00 71.27  ? 28  VAL A CG1   1 
ATOM   65   C  CG2   . VAL A 1 31  ? -4.690  -3.586  -22.823 1.00 72.09  ? 28  VAL A CG2   1 
ATOM   66   N  N     . THR A 1 32  ? -6.544  0.037   -21.015 1.00 59.74  ? 29  THR A N     1 
ATOM   67   C  CA    . THR A 1 32  ? -7.605  0.852   -20.380 1.00 62.59  ? 29  THR A CA    1 
ATOM   68   C  C     . THR A 1 32  ? -7.118  2.285   -20.116 1.00 64.00  ? 29  THR A C     1 
ATOM   69   O  O     . THR A 1 32  ? -7.941  3.108   -19.656 1.00 61.79  ? 29  THR A O     1 
ATOM   70   C  CB    . THR A 1 32  ? -8.033  0.193   -19.071 1.00 65.23  ? 29  THR A CB    1 
ATOM   71   O  OG1   . THR A 1 32  ? -6.882  0.232   -18.226 1.00 64.66  ? 29  THR A OG1   1 
ATOM   72   C  CG2   . THR A 1 32  ? -8.528  -1.225  -19.265 1.00 68.63  ? 29  THR A CG2   1 
ATOM   73   N  N     . GLY A 1 33  ? -5.825  2.555   -20.331 1.00 63.57  ? 30  GLY A N     1 
ATOM   74   C  CA    . GLY A 1 33  ? -5.175  3.829   -19.967 1.00 62.14  ? 30  GLY A CA    1 
ATOM   75   C  C     . GLY A 1 33  ? -5.232  4.143   -18.477 1.00 59.94  ? 30  GLY A C     1 
ATOM   76   O  O     . GLY A 1 33  ? -4.981  5.308   -18.132 1.00 60.64  ? 30  GLY A O     1 
ATOM   77   N  N     . ALA A 1 34  ? -5.501  3.167   -17.602 1.00 56.80  ? 31  ALA A N     1 
ATOM   78   C  CA    . ALA A 1 34  ? -5.431  3.367   -16.134 1.00 57.22  ? 31  ALA A CA    1 
ATOM   79   C  C     . ALA A 1 34  ? -3.972  3.623   -15.724 1.00 55.39  ? 31  ALA A C     1 
ATOM   80   O  O     . ALA A 1 34  ? -3.073  3.066   -16.364 1.00 54.16  ? 31  ALA A O     1 
ATOM   81   C  CB    . ALA A 1 34  ? -6.012  2.187   -15.391 1.00 57.42  ? 31  ALA A CB    1 
ATOM   82   N  N     . ARG A 1 35  ? -3.783  4.473   -14.712 1.00 56.93  ? 32  ARG A N     1 
ATOM   83   C  CA    . ARG A 1 35  ? -2.511  4.748   -13.992 1.00 59.84  ? 32  ARG A CA    1 
ATOM   84   C  C     . ARG A 1 35  ? -2.063  3.480   -13.272 1.00 56.20  ? 32  ARG A C     1 
ATOM   85   O  O     . ARG A 1 35  ? -2.851  2.986   -12.454 1.00 56.84  ? 32  ARG A O     1 
ATOM   86   C  CB    . ARG A 1 35  ? -2.728  5.866   -12.962 1.00 66.48  ? 32  ARG A CB    1 
ATOM   87   C  CG    . ARG A 1 35  ? -1.461  6.452   -12.349 1.00 69.71  ? 32  ARG A CG    1 
ATOM   88   C  CD    . ARG A 1 35  ? -1.814  7.691   -11.548 1.00 79.18  ? 32  ARG A CD    1 
ATOM   89   N  NE    . ARG A 1 35  ? -0.776  8.089   -10.604 1.00 86.60  ? 32  ARG A NE    1 
ATOM   90   C  CZ    . ARG A 1 35  ? -0.935  8.230   -9.285  1.00 92.69  ? 32  ARG A CZ    1 
ATOM   91   N  NH1   . ARG A 1 35  ? -2.103  8.002   -8.695  1.00 86.81  ? 32  ARG A NH1   1 
ATOM   92   N  NH2   . ARG A 1 35  ? 0.099   8.606   -8.554  1.00 93.29  ? 32  ARG A NH2   1 
ATOM   93   N  N     . LEU A 1 36  ? -0.845  3.003   -13.556 1.00 58.86  ? 33  LEU A N     1 
ATOM   94   C  CA    . LEU A 1 36  ? -0.231  1.816   -12.906 1.00 52.15  ? 33  LEU A CA    1 
ATOM   95   C  C     . LEU A 1 36  ? 0.411   2.253   -11.592 1.00 56.87  ? 33  LEU A C     1 
ATOM   96   O  O     . LEU A 1 36  ? 1.277   3.152   -11.604 1.00 55.96  ? 33  LEU A O     1 
ATOM   97   C  CB    . LEU A 1 36  ? 0.776   1.173   -13.856 1.00 52.72  ? 33  LEU A CB    1 
ATOM   98   C  CG    . LEU A 1 36  ? 0.182   0.723   -15.186 1.00 54.94  ? 33  LEU A CG    1 
ATOM   99   C  CD1   . LEU A 1 36  ? 1.221   0.006   -16.026 1.00 53.78  ? 33  LEU A CD1   1 
ATOM   100  C  CD2   . LEU A 1 36  ? -1.042  -0.165  -14.974 1.00 54.60  ? 33  LEU A CD2   1 
ATOM   101  N  N     . VAL A 1 37  ? -0.058  1.635   -10.508 1.00 49.91  ? 34  VAL A N     1 
ATOM   102  C  CA    . VAL A 1 37  ? 0.328   1.903   -9.101  1.00 51.26  ? 34  VAL A CA    1 
ATOM   103  C  C     . VAL A 1 37  ? 0.687   0.569   -8.450  1.00 49.29  ? 34  VAL A C     1 
ATOM   104  O  O     . VAL A 1 37  ? 0.036   -0.447  -8.787  1.00 48.17  ? 34  VAL A O     1 
ATOM   105  C  CB    . VAL A 1 37  ? -0.821  2.589   -8.341  1.00 47.85  ? 34  VAL A CB    1 
ATOM   106  C  CG1   . VAL A 1 37  ? -0.627  2.503   -6.842  1.00 49.17  ? 34  VAL A CG1   1 
ATOM   107  C  CG2   . VAL A 1 37  ? -0.998  4.029   -8.781  1.00 50.06  ? 34  VAL A CG2   1 
ATOM   108  N  N     . ALA A 1 38  ? 1.682   0.582   -7.557  1.00 45.33  ? 35  ALA A N     1 
ATOM   109  C  CA    . ALA A 1 38  ? 2.114   -0.589  -6.766  1.00 46.26  ? 35  ALA A CA    1 
ATOM   110  C  C     . ALA A 1 38  ? 2.196   -0.177  -5.307  1.00 46.65  ? 35  ALA A C     1 
ATOM   111  O  O     . ALA A 1 38  ? 2.526   0.981   -5.050  1.00 45.91  ? 35  ALA A O     1 
ATOM   112  C  CB    . ALA A 1 38  ? 3.442   -1.107  -7.253  1.00 46.99  ? 35  ALA A CB    1 
ATOM   113  N  N     . GLY A 1 39  ? 1.896   -1.102  -4.404  1.00 44.97  ? 36  GLY A N     1 
ATOM   114  C  CA    . GLY A 1 39  ? 2.000   -0.863  -2.960  1.00 45.64  ? 36  GLY A CA    1 
ATOM   115  C  C     . GLY A 1 39  ? 2.195   -2.146  -2.194  1.00 44.47  ? 36  GLY A C     1 
ATOM   116  O  O     . GLY A 1 39  ? 2.273   -3.231  -2.827  1.00 42.14  ? 36  GLY A O     1 
ATOM   117  N  N     . CYS A 1 40  ? 2.301   -2.016  -0.874  1.00 45.85  ? 37  CYS A N     1 
ATOM   118  C  CA    . CYS A 1 40  ? 2.522   -3.151  0.043   1.00 51.31  ? 37  CYS A CA    1 
ATOM   119  C  C     . CYS A 1 40  ? 1.443   -3.197  1.116   1.00 47.23  ? 37  CYS A C     1 
ATOM   120  O  O     . CYS A 1 40  ? 1.091   -2.152  1.665   1.00 49.16  ? 37  CYS A O     1 
ATOM   121  C  CB    . CYS A 1 40  ? 3.889   -3.088  0.706   1.00 56.27  ? 37  CYS A CB    1 
ATOM   122  S  SG    . CYS A 1 40  ? 5.213   -3.555  -0.441  1.00 63.21  ? 37  CYS A SG    1 
ATOM   123  N  N     . ILE A 1 41  ? 1.027   -4.415  1.428   1.00 45.12  ? 38  ILE A N     1 
ATOM   124  C  CA    . ILE A 1 41  ? 0.438   -4.773  2.739   1.00 45.29  ? 38  ILE A CA    1 
ATOM   125  C  C     . ILE A 1 41  ? 1.591   -5.219  3.626   1.00 45.22  ? 38  ILE A C     1 
ATOM   126  O  O     . ILE A 1 41  ? 2.014   -6.383  3.502   1.00 41.25  ? 38  ILE A O     1 
ATOM   127  C  CB    . ILE A 1 41  ? -0.643  -5.858  2.576   1.00 44.72  ? 38  ILE A CB    1 
ATOM   128  C  CG1   . ILE A 1 41  ? -1.726  -5.432  1.573   1.00 45.91  ? 38  ILE A CG1   1 
ATOM   129  C  CG2   . ILE A 1 41  ? -1.208  -6.258  3.924   1.00 44.80  ? 38  ILE A CG2   1 
ATOM   130  C  CD1   . ILE A 1 41  ? -2.361  -4.094  1.854   1.00 48.97  ? 38  ILE A CD1   1 
ATOM   131  N  N     . CYS A 1 42  ? 2.032   -4.325  4.513   1.00 49.25  ? 39  CYS A N     1 
ATOM   132  C  CA    . CYS A 1 42  ? 3.163   -4.550  5.450   1.00 51.59  ? 39  CYS A CA    1 
ATOM   133  C  C     . CYS A 1 42  ? 2.669   -5.187  6.752   1.00 48.03  ? 39  CYS A C     1 
ATOM   134  O  O     . CYS A 1 42  ? 2.059   -4.493  7.550   1.00 54.20  ? 39  CYS A O     1 
ATOM   135  C  CB    . CYS A 1 42  ? 3.879   -3.233  5.712   1.00 52.56  ? 39  CYS A CB    1 
ATOM   136  S  SG    . CYS A 1 42  ? 4.414   -2.452  4.173   1.00 54.39  ? 39  CYS A SG    1 
ATOM   137  N  N     . LEU A 1 43  ? 2.977   -6.461  6.951   1.00 49.57  ? 40  LEU A N     1 
ATOM   138  C  CA    . LEU A 1 43  ? 2.530   -7.296  8.093   1.00 54.13  ? 40  LEU A CA    1 
ATOM   139  C  C     . LEU A 1 43  ? 3.700   -7.585  9.036   1.00 61.47  ? 40  LEU A C     1 
ATOM   140  O  O     . LEU A 1 43  ? 4.811   -7.836  8.545   1.00 61.09  ? 40  LEU A O     1 
ATOM   141  C  CB    . LEU A 1 43  ? 2.001   -8.634  7.565   1.00 55.25  ? 40  LEU A CB    1 
ATOM   142  C  CG    . LEU A 1 43  ? 0.825   -8.562  6.597   1.00 53.45  ? 40  LEU A CG    1 
ATOM   143  C  CD1   . LEU A 1 43  ? 0.265   -9.948  6.337   1.00 52.88  ? 40  LEU A CD1   1 
ATOM   144  C  CD2   . LEU A 1 43  ? -0.260  -7.652  7.137   1.00 53.75  ? 40  LEU A CD2   1 
ATOM   145  N  N     . THR A 1 44  ? 3.416   -7.646  10.337  1.00 61.07  ? 41  THR A N     1 
ATOM   146  C  CA    . THR A 1 44  ? 4.382   -7.977  11.410  1.00 61.89  ? 41  THR A CA    1 
ATOM   147  C  C     . THR A 1 44  ? 4.681   -9.460  11.275  1.00 63.52  ? 41  THR A C     1 
ATOM   148  O  O     . THR A 1 44  ? 3.863   -10.187 10.703  1.00 55.32  ? 41  THR A O     1 
ATOM   149  C  CB    . THR A 1 44  ? 3.811   -7.612  12.788  1.00 67.58  ? 41  THR A CB    1 
ATOM   150  O  OG1   . THR A 1 44  ? 2.715   -8.486  13.065  1.00 61.05  ? 41  THR A OG1   1 
ATOM   151  C  CG2   . THR A 1 44  ? 3.342   -6.175  12.882  1.00 67.37  ? 41  THR A CG2   1 
ATOM   152  N  N     . PRO A 1 45  ? 5.860   -9.940  11.736  1.00 67.28  ? 42  PRO A N     1 
ATOM   153  C  CA    . PRO A 1 45  ? 6.197   -11.359 11.616  1.00 65.56  ? 42  PRO A CA    1 
ATOM   154  C  C     . PRO A 1 45  ? 5.079   -12.317 12.057  1.00 65.34  ? 42  PRO A C     1 
ATOM   155  O  O     . PRO A 1 45  ? 4.890   -13.306 11.391  1.00 61.44  ? 42  PRO A O     1 
ATOM   156  C  CB    . PRO A 1 45  ? 7.422   -11.474 12.534  1.00 69.91  ? 42  PRO A CB    1 
ATOM   157  C  CG    . PRO A 1 45  ? 8.107   -10.140 12.367  1.00 69.93  ? 42  PRO A CG    1 
ATOM   158  C  CD    . PRO A 1 45  ? 6.967   -9.144  12.306  1.00 68.54  ? 42  PRO A CD    1 
ATOM   159  N  N     . ASP A 1 46  ? 4.385   -12.002 13.156  1.00 64.90  ? 43  ASP A N     1 
ATOM   160  C  CA    . ASP A 1 46  ? 3.297   -12.838 13.736  1.00 72.52  ? 43  ASP A CA    1 
ATOM   161  C  C     . ASP A 1 46  ? 1.998   -12.684 12.925  1.00 74.69  ? 43  ASP A C     1 
ATOM   162  O  O     . ASP A 1 46  ? 1.059   -13.462 13.181  1.00 73.81  ? 43  ASP A O     1 
ATOM   163  C  CB    . ASP A 1 46  ? 3.048   -12.464 15.199  1.00 74.02  ? 43  ASP A CB    1 
ATOM   164  C  CG    . ASP A 1 46  ? 2.617   -11.018 15.387  1.00 81.40  ? 43  ASP A CG    1 
ATOM   165  O  OD1   . ASP A 1 46  ? 2.247   -10.375 14.382  1.00 82.28  ? 43  ASP A OD1   1 
ATOM   166  O  OD2   . ASP A 1 46  ? 2.651   -10.539 16.536  1.00 90.96  ? 43  ASP A OD2   1 
ATOM   167  N  N     . LYS A 1 47  ? 1.931   -11.672 12.049  1.00 72.41  ? 44  LYS A N     1 
ATOM   168  C  CA    . LYS A 1 47  ? 0.847   -11.411 11.060  1.00 65.31  ? 44  LYS A CA    1 
ATOM   169  C  C     . LYS A 1 47  ? -0.433  -10.991 11.766  1.00 63.78  ? 44  LYS A C     1 
ATOM   170  O  O     . LYS A 1 47  ? -1.514  -11.245 11.212  1.00 60.68  ? 44  LYS A O     1 
ATOM   171  C  CB    . LYS A 1 47  ? 0.582   -12.635 10.187  1.00 67.57  ? 44  LYS A CB    1 
ATOM   172  C  CG    . LYS A 1 47  ? 1.802   -13.142 9.443   1.00 68.50  ? 44  LYS A CG    1 
ATOM   173  C  CD    . LYS A 1 47  ? 1.626   -14.516 8.866   1.00 75.89  ? 44  LYS A CD    1 
ATOM   174  C  CE    . LYS A 1 47  ? 2.390   -14.695 7.570   1.00 85.27  ? 44  LYS A CE    1 
ATOM   175  N  NZ    . LYS A 1 47  ? 3.800   -14.249 7.697   1.00 93.67  ? 44  LYS A NZ    1 
ATOM   176  N  N     . LYS A 1 48  ? -0.310  -10.330 12.915  1.00 61.29  ? 45  LYS A N     1 
ATOM   177  C  CA    . LYS A 1 48  ? -1.478  -9.886  13.713  1.00 65.28  ? 45  LYS A CA    1 
ATOM   178  C  C     . LYS A 1 48  ? -1.764  -8.424  13.402  1.00 63.00  ? 45  LYS A C     1 
ATOM   179  O  O     . LYS A 1 48  ? -2.876  -7.981  13.691  1.00 67.53  ? 45  LYS A O     1 
ATOM   180  C  CB    . LYS A 1 48  ? -1.243  -10.085 15.211  1.00 72.57  ? 45  LYS A CB    1 
ATOM   181  C  CG    . LYS A 1 48  ? -1.193  -11.541 15.642  1.00 81.13  ? 45  LYS A CG    1 
ATOM   182  C  CD    . LYS A 1 48  ? -1.495  -11.723 17.101  1.00 89.89  ? 45  LYS A CD    1 
ATOM   183  C  CE    . LYS A 1 48  ? -0.848  -12.965 17.664  1.00 100.20 ? 45  LYS A CE    1 
ATOM   184  N  NZ    . LYS A 1 48  ? -0.871  -12.942 19.144  1.00 109.21 ? 45  LYS A NZ    1 
ATOM   185  N  N     . GLN A 1 49  ? -0.808  -7.706  12.813  1.00 61.80  ? 46  GLN A N     1 
ATOM   186  C  CA    . GLN A 1 49  ? -0.959  -6.248  12.605  1.00 58.77  ? 46  GLN A CA    1 
ATOM   187  C  C     . GLN A 1 49  ? -0.465  -5.848  11.223  1.00 52.57  ? 46  GLN A C     1 
ATOM   188  O  O     . GLN A 1 49  ? 0.402   -6.529  10.673  1.00 55.37  ? 46  GLN A O     1 
ATOM   189  C  CB    . GLN A 1 49  ? -0.200  -5.500  13.696  1.00 68.17  ? 46  GLN A CB    1 
ATOM   190  C  CG    . GLN A 1 49  ? -0.866  -5.601  15.057  1.00 71.35  ? 46  GLN A CG    1 
ATOM   191  C  CD    . GLN A 1 49  ? -0.097  -4.772  16.049  1.00 72.56  ? 46  GLN A CD    1 
ATOM   192  O  OE1   . GLN A 1 49  ? 0.872   -5.239  16.632  1.00 80.45  ? 46  GLN A OE1   1 
ATOM   193  N  NE2   . GLN A 1 49  ? -0.502  -3.524  16.211  1.00 73.78  ? 46  GLN A NE2   1 
ATOM   194  N  N     . VAL A 1 50  ? -1.011  -4.760  10.708  1.00 50.35  ? 47  VAL A N     1 
ATOM   195  C  CA    . VAL A 1 50  ? -0.670  -4.229  9.363   1.00 52.72  ? 47  VAL A CA    1 
ATOM   196  C  C     . VAL A 1 50  ? -0.334  -2.767  9.552   1.00 53.94  ? 47  VAL A C     1 
ATOM   197  O  O     . VAL A 1 50  ? -0.946  -2.118  10.403  1.00 60.10  ? 47  VAL A O     1 
ATOM   198  C  CB    . VAL A 1 50  ? -1.784  -4.409  8.310   1.00 50.83  ? 47  VAL A CB    1 
ATOM   199  C  CG1   . VAL A 1 50  ? -3.148  -3.915  8.772   1.00 53.72  ? 47  VAL A CG1   1 
ATOM   200  C  CG2   . VAL A 1 50  ? -1.438  -3.729  7.007   1.00 50.18  ? 47  VAL A CG2   1 
ATOM   201  N  N     . LEU A 1 51  ? 0.594   -2.286  8.746   1.00 58.07  ? 48  LEU A N     1 
ATOM   202  C  CA    . LEU A 1 51  ? 1.069   -0.906  8.863   1.00 55.29  ? 48  LEU A CA    1 
ATOM   203  C  C     . LEU A 1 51  ? 0.177   -0.021  8.016   1.00 48.97  ? 48  LEU A C     1 
ATOM   204  O  O     . LEU A 1 51  ? 0.046   -0.245  6.795   1.00 49.11  ? 48  LEU A O     1 
ATOM   205  C  CB    . LEU A 1 51  ? 2.528   -0.822  8.420   1.00 59.18  ? 48  LEU A CB    1 
ATOM   206  C  CG    . LEU A 1 51  ? 3.180   0.532   8.693   1.00 63.90  ? 48  LEU A CG    1 
ATOM   207  C  CD1   . LEU A 1 51  ? 3.478   0.689   10.179  1.00 66.16  ? 48  LEU A CD1   1 
ATOM   208  C  CD2   . LEU A 1 51  ? 4.438   0.714   7.855   1.00 66.70  ? 48  LEU A CD2   1 
ATOM   209  N  N     . MET A 1 52  ? -0.333  1.025   8.632   1.00 48.37  ? 49  MET A N     1 
ATOM   210  C  CA    . MET A 1 52  ? -1.139  2.002   7.884   1.00 52.64  ? 49  MET A CA    1 
ATOM   211  C  C     . MET A 1 52  ? -0.496  3.362   8.071   1.00 47.49  ? 49  MET A C     1 
ATOM   212  O  O     . MET A 1 52  ? 0.198   3.548   9.073   1.00 56.06  ? 49  MET A O     1 
ATOM   213  C  CB    . MET A 1 52  ? -2.590  1.995   8.368   1.00 50.94  ? 49  MET A CB    1 
ATOM   214  C  CG    . MET A 1 52  ? -3.168  0.609   8.409   1.00 54.34  ? 49  MET A CG    1 
ATOM   215  S  SD    . MET A 1 52  ? -4.991  0.569   8.462   1.00 51.26  ? 49  MET A SD    1 
ATOM   216  C  CE    . MET A 1 52  ? -5.363  1.398   6.924   1.00 41.78  ? 49  MET A CE    1 
ATOM   217  N  N     . ILE A 1 53  ? -0.727  4.230   7.102   1.00 47.60  ? 50  ILE A N     1 
ATOM   218  C  CA    . ILE A 1 53  ? -0.220  5.619   7.058   1.00 55.68  ? 50  ILE A CA    1 
ATOM   219  C  C     . ILE A 1 53  ? -1.454  6.484   6.866   1.00 59.69  ? 50  ILE A C     1 
ATOM   220  O  O     . ILE A 1 53  ? -2.415  5.973   6.286   1.00 59.59  ? 50  ILE A O     1 
ATOM   221  C  CB    . ILE A 1 53  ? 0.802   5.810   5.915   1.00 57.04  ? 50  ILE A CB    1 
ATOM   222  C  CG1   . ILE A 1 53  ? 0.235   5.388   4.557   1.00 59.24  ? 50  ILE A CG1   1 
ATOM   223  C  CG2   . ILE A 1 53  ? 2.091   5.071   6.228   1.00 58.44  ? 50  ILE A CG2   1 
ATOM   224  C  CD1   . ILE A 1 53  ? 0.895   6.055   3.377   1.00 61.50  ? 50  ILE A CD1   1 
ATOM   225  N  N     . THR A 1 54  ? -1.408  7.734   7.317   1.00 62.66  ? 51  THR A N     1 
ATOM   226  C  CA    . THR A 1 54  ? -2.457  8.747   7.048   1.00 62.35  ? 51  THR A CA    1 
ATOM   227  C  C     . THR A 1 54  ? -2.270  9.222   5.610   1.00 59.05  ? 51  THR A C     1 
ATOM   228  O  O     . THR A 1 54  ? -1.127  9.207   5.134   1.00 57.05  ? 51  THR A O     1 
ATOM   229  C  CB    . THR A 1 54  ? -2.406  9.882   8.073   1.00 62.69  ? 51  THR A CB    1 
ATOM   230  O  OG1   . THR A 1 54  ? -1.187  10.603  7.879   1.00 65.61  ? 51  THR A OG1   1 
ATOM   231  C  CG2   . THR A 1 54  ? -2.491  9.363   9.490   1.00 67.75  ? 51  THR A CG2   1 
ATOM   232  N  N     . SER A 1 55  ? -3.373  9.556   4.940   1.00 62.33  ? 52  SER A N     1 
ATOM   233  C  CA    . SER A 1 55  ? -3.405  10.089  3.558   1.00 63.05  ? 52  SER A CA    1 
ATOM   234  C  C     . SER A 1 55  ? -2.872  11.522  3.570   1.00 73.71  ? 52  SER A C     1 
ATOM   235  O  O     . SER A 1 55  ? -3.036  12.217  4.597   1.00 71.64  ? 52  SER A O     1 
ATOM   236  C  CB    . SER A 1 55  ? -4.791  10.051  2.975   1.00 62.75  ? 52  SER A CB    1 
ATOM   237  O  OG    . SER A 1 55  ? -4.831  10.711  1.709   1.00 64.07  ? 52  SER A OG    1 
ATOM   238  N  N     . SER A 1 56  ? -2.281  11.948  2.459   1.00 81.67  ? 53  SER A N     1 
ATOM   239  C  CA    . SER A 1 56  ? -1.747  13.320  2.288   1.00 91.85  ? 53  SER A CA    1 
ATOM   240  C  C     . SER A 1 56  ? -2.921  14.257  1.975   1.00 95.34  ? 53  SER A C     1 
ATOM   241  O  O     . SER A 1 56  ? -2.951  15.363  2.542   1.00 90.53  ? 53  SER A O     1 
ATOM   242  C  CB    . SER A 1 56  ? -0.636  13.368  1.247   1.00 94.31  ? 53  SER A CB    1 
ATOM   243  O  OG    . SER A 1 56  ? -1.087  13.885  0.001   1.00 100.08 ? 53  SER A OG    1 
ATOM   244  N  N     . ALA A 1 57  ? -3.880  13.815  1.153   1.00 99.17  ? 54  ALA A N     1 
ATOM   245  C  CA    . ALA A 1 57  ? -5.086  14.601  0.793   1.00 99.63  ? 54  ALA A CA    1 
ATOM   246  C  C     . ALA A 1 57  ? -6.006  14.727  2.014   1.00 97.55  ? 54  ALA A C     1 
ATOM   247  O  O     . ALA A 1 57  ? -6.193  15.857  2.495   1.00 101.68 ? 54  ALA A O     1 
ATOM   248  C  CB    . ALA A 1 57  ? -5.807  13.976  -0.372  1.00 94.73  ? 54  ALA A CB    1 
ATOM   249  N  N     . HIS A 1 58  ? -6.545  13.601  2.490   1.00 96.14  ? 55  HIS A N     1 
ATOM   250  C  CA    . HIS A 1 58  ? -7.510  13.509  3.618   1.00 95.84  ? 55  HIS A CA    1 
ATOM   251  C  C     . HIS A 1 58  ? -6.768  13.047  4.876   1.00 92.48  ? 55  HIS A C     1 
ATOM   252  O  O     . HIS A 1 58  ? -6.684  11.836  5.103   1.00 90.34  ? 55  HIS A O     1 
ATOM   253  C  CB    . HIS A 1 58  ? -8.667  12.591  3.210   1.00 105.10 ? 55  HIS A CB    1 
ATOM   254  C  CG    . HIS A 1 58  ? -9.076  12.797  1.791   1.00 116.26 ? 55  HIS A CG    1 
ATOM   255  N  ND1   . HIS A 1 58  ? -9.774  13.922  1.380   1.00 122.86 ? 55  HIS A ND1   1 
ATOM   256  C  CD2   . HIS A 1 58  ? -8.853  12.062  0.679   1.00 125.02 ? 55  HIS A CD2   1 
ATOM   257  C  CE1   . HIS A 1 58  ? -9.980  13.859  0.080   1.00 125.76 ? 55  HIS A CE1   1 
ATOM   258  N  NE2   . HIS A 1 58  ? -9.425  12.726  -0.374  1.00 129.28 ? 55  HIS A NE2   1 
ATOM   259  N  N     . LYS A 1 59  ? -6.285  13.991  5.684   1.00 92.64  ? 56  LYS A N     1 
ATOM   260  C  CA    . LYS A 1 59  ? -5.237  13.756  6.716   1.00 93.47  ? 56  LYS A CA    1 
ATOM   261  C  C     . LYS A 1 59  ? -5.769  12.931  7.891   1.00 91.01  ? 56  LYS A C     1 
ATOM   262  O  O     . LYS A 1 59  ? -4.935  12.504  8.710   1.00 86.44  ? 56  LYS A O     1 
ATOM   263  C  CB    . LYS A 1 59  ? -4.676  15.081  7.238   1.00 104.31 ? 56  LYS A CB    1 
ATOM   264  C  CG    . LYS A 1 59  ? -4.500  16.157  6.177   1.00 115.39 ? 56  LYS A CG    1 
ATOM   265  C  CD    . LYS A 1 59  ? -3.165  16.871  6.219   1.00 119.43 ? 56  LYS A CD    1 
ATOM   266  C  CE    . LYS A 1 59  ? -2.751  17.422  4.869   1.00 120.45 ? 56  LYS A CE    1 
ATOM   267  N  NZ    . LYS A 1 59  ? -3.870  18.090  4.162   1.00 121.51 ? 56  LYS A NZ    1 
ATOM   268  N  N     . LYS A 1 60  ? -7.085  12.732  8.011   1.00 98.46  ? 57  LYS A N     1 
ATOM   269  C  CA    . LYS A 1 60  ? -7.653  11.904  9.109   1.00 97.94  ? 57  LYS A CA    1 
ATOM   270  C  C     . LYS A 1 60  ? -7.884  10.472  8.608   1.00 89.85  ? 57  LYS A C     1 
ATOM   271  O  O     . LYS A 1 60  ? -8.229  9.596   9.431   1.00 79.64  ? 57  LYS A O     1 
ATOM   272  C  CB    . LYS A 1 60  ? -8.925  12.547  9.668   1.00 108.57 ? 57  LYS A CB    1 
ATOM   273  C  CG    . LYS A 1 60  ? -9.495  11.842  10.894  1.00 123.70 ? 57  LYS A CG    1 
ATOM   274  C  CD    . LYS A 1 60  ? -10.704 12.522  11.498  1.00 126.10 ? 57  LYS A CD    1 
ATOM   275  C  CE    . LYS A 1 60  ? -11.294 11.746  12.657  1.00 125.72 ? 57  LYS A CE    1 
ATOM   276  N  NZ    . LYS A 1 60  ? -12.475 12.436  13.219  1.00 131.40 ? 57  LYS A NZ    1 
ATOM   277  N  N     . ARG A 1 61  ? -7.643  10.233  7.317   1.00 86.90  ? 58  ARG A N     1 
ATOM   278  C  CA    . ARG A 1 61  ? -7.912  8.941   6.634   1.00 84.72  ? 58  ARG A CA    1 
ATOM   279  C  C     . ARG A 1 61  ? -6.660  8.058   6.687   1.00 77.32  ? 58  ARG A C     1 
ATOM   280  O  O     . ARG A 1 61  ? -5.578  8.548   6.350   1.00 77.83  ? 58  ARG A O     1 
ATOM   281  C  CB    . ARG A 1 61  ? -8.340  9.195   5.186   1.00 89.77  ? 58  ARG A CB    1 
ATOM   282  C  CG    . ARG A 1 61  ? -9.800  9.592   5.028   1.00 103.20 ? 58  ARG A CG    1 
ATOM   283  C  CD    . ARG A 1 61  ? -10.250 10.825  5.794   1.00 116.25 ? 58  ARG A CD    1 
ATOM   284  N  NE    . ARG A 1 61  ? -11.462 11.333  5.156   1.00 121.61 ? 58  ARG A NE    1 
ATOM   285  C  CZ    . ARG A 1 61  ? -12.664 11.427  5.717   1.00 120.93 ? 58  ARG A CZ    1 
ATOM   286  N  NH1   . ARG A 1 61  ? -12.860 11.087  6.982   1.00 117.81 ? 58  ARG A NH1   1 
ATOM   287  N  NH2   . ARG A 1 61  ? -13.674 11.887  5.001   1.00 123.98 ? 58  ARG A NH2   1 
ATOM   288  N  N     . TRP A 1 62  ? -6.827  6.795   7.076   1.00 65.95  ? 59  TRP A N     1 
ATOM   289  C  CA    . TRP A 1 62  ? -5.755  5.776   7.122   1.00 64.20  ? 59  TRP A CA    1 
ATOM   290  C  C     . TRP A 1 62  ? -5.790  4.898   5.872   1.00 63.88  ? 59  TRP A C     1 
ATOM   291  O  O     . TRP A 1 62  ? -6.856  4.377   5.527   1.00 63.42  ? 59  TRP A O     1 
ATOM   292  C  CB    . TRP A 1 62  ? -5.873  4.960   8.400   1.00 62.22  ? 59  TRP A CB    1 
ATOM   293  C  CG    . TRP A 1 62  ? -5.538  5.792   9.591   1.00 72.42  ? 59  TRP A CG    1 
ATOM   294  C  CD1   . TRP A 1 62  ? -6.352  6.677   10.232  1.00 74.08  ? 59  TRP A CD1   1 
ATOM   295  C  CD2   . TRP A 1 62  ? -4.270  5.849   10.260  1.00 81.41  ? 59  TRP A CD2   1 
ATOM   296  N  NE1   . TRP A 1 62  ? -5.694  7.242   11.288  1.00 75.23  ? 59  TRP A NE1   1 
ATOM   297  C  CE2   . TRP A 1 62  ? -4.411  6.763   11.328  1.00 83.62  ? 59  TRP A CE2   1 
ATOM   298  C  CE3   . TRP A 1 62  ? -3.043  5.204   10.078  1.00 80.55  ? 59  TRP A CE3   1 
ATOM   299  C  CZ2   . TRP A 1 62  ? -3.361  7.057   12.197  1.00 78.27  ? 59  TRP A CZ2   1 
ATOM   300  C  CZ3   . TRP A 1 62  ? -2.011  5.485   10.946  1.00 85.85  ? 59  TRP A CZ3   1 
ATOM   301  C  CH2   . TRP A 1 62  ? -2.170  6.401   11.990  1.00 85.24  ? 59  TRP A CH2   1 
ATOM   302  N  N     . ILE A 1 63  ? -4.640  4.773   5.219   1.00 59.07  ? 60  ILE A N     1 
ATOM   303  C  CA    . ILE A 1 63  ? -4.428  3.954   3.992   1.00 57.73  ? 60  ILE A CA    1 
ATOM   304  C  C     . ILE A 1 63  ? -3.125  3.165   4.159   1.00 57.02  ? 60  ILE A C     1 
ATOM   305  O  O     . ILE A 1 63  ? -2.572  3.116   5.298   1.00 60.33  ? 60  ILE A O     1 
ATOM   306  C  CB    . ILE A 1 63  ? -4.407  4.843   2.739   1.00 57.85  ? 60  ILE A CB    1 
ATOM   307  C  CG1   . ILE A 1 63  ? -3.313  5.913   2.808   1.00 58.63  ? 60  ILE A CG1   1 
ATOM   308  C  CG2   . ILE A 1 63  ? -5.782  5.447   2.481   1.00 59.88  ? 60  ILE A CG2   1 
ATOM   309  C  CD1   . ILE A 1 63  ? -3.237  6.776   1.568   1.00 54.66  ? 60  ILE A CD1   1 
ATOM   310  N  N     . VAL A 1 64  ? -2.659  2.568   3.060   1.00 54.89  ? 61  VAL A N     1 
ATOM   311  C  CA    . VAL A 1 64  ? -1.408  1.759   3.011   1.00 54.72  ? 61  VAL A CA    1 
ATOM   312  C  C     . VAL A 1 64  ? -0.451  2.394   2.000   1.00 50.67  ? 61  VAL A C     1 
ATOM   313  O  O     . VAL A 1 64  ? -0.861  3.104   1.082   1.00 47.12  ? 61  VAL A O     1 
ATOM   314  C  CB    . VAL A 1 64  ? -1.715  0.286   2.679   1.00 50.00  ? 61  VAL A CB    1 
ATOM   315  C  CG1   . VAL A 1 64  ? -2.582  -0.364  3.735   1.00 52.98  ? 61  VAL A CG1   1 
ATOM   316  C  CG2   . VAL A 1 64  ? -2.350  0.134   1.312   1.00 52.06  ? 61  VAL A CG2   1 
ATOM   317  N  N     . PRO A 1 65  ? 0.868   2.142   2.133   1.00 52.25  ? 62  PRO A N     1 
ATOM   318  C  CA    . PRO A 1 65  ? 1.835   2.681   1.181   1.00 50.74  ? 62  PRO A CA    1 
ATOM   319  C  C     . PRO A 1 65  ? 1.545   2.170   -0.242  1.00 46.49  ? 62  PRO A C     1 
ATOM   320  O  O     . PRO A 1 65  ? 1.371   0.994   -0.457  1.00 49.29  ? 62  PRO A O     1 
ATOM   321  C  CB    . PRO A 1 65  ? 3.180   2.143   1.683   1.00 51.11  ? 62  PRO A CB    1 
ATOM   322  C  CG    . PRO A 1 65  ? 2.920   1.732   3.117   1.00 53.11  ? 62  PRO A CG    1 
ATOM   323  C  CD    . PRO A 1 65  ? 1.484   1.273   3.150   1.00 53.78  ? 62  PRO A CD    1 
ATOM   324  N  N     . LYS A 1 66  ? 1.503   3.075   -1.201  1.00 48.19  ? 63  LYS A N     1 
ATOM   325  C  CA    . LYS A 1 66  ? 1.358   2.728   -2.628  1.00 50.47  ? 63  LYS A CA    1 
ATOM   326  C  C     . LYS A 1 66  ? 1.808   3.946   -3.413  1.00 46.64  ? 63  LYS A C     1 
ATOM   327  O  O     . LYS A 1 66  ? 1.886   4.993   -2.799  1.00 57.58  ? 63  LYS A O     1 
ATOM   328  C  CB    . LYS A 1 66  ? -0.100  2.356   -2.932  1.00 57.17  ? 63  LYS A CB    1 
ATOM   329  C  CG    . LYS A 1 66  ? -1.072  3.533   -3.017  1.00 57.98  ? 63  LYS A CG    1 
ATOM   330  C  CD    . LYS A 1 66  ? -2.251  3.457   -2.068  1.00 53.36  ? 63  LYS A CD    1 
ATOM   331  C  CE    . LYS A 1 66  ? -3.004  4.763   -1.898  1.00 52.45  ? 63  LYS A CE    1 
ATOM   332  N  NZ    . LYS A 1 66  ? -2.635  5.817   -2.874  1.00 54.81  ? 63  LYS A NZ    1 
ATOM   333  N  N     . GLY A 1 67  ? 2.054   3.804   -4.715  1.00 49.48  ? 64  GLY A N     1 
ATOM   334  C  CA    . GLY A 1 67  ? 2.388   4.945   -5.585  1.00 45.16  ? 64  GLY A CA    1 
ATOM   335  C  C     . GLY A 1 67  ? 2.591   4.554   -7.030  1.00 45.69  ? 64  GLY A C     1 
ATOM   336  O  O     . GLY A 1 67  ? 2.775   3.373   -7.331  1.00 46.32  ? 64  GLY A O     1 
ATOM   337  N  N     . GLY A 1 68  ? 2.537   5.547   -7.902  1.00 47.48  ? 65  GLY A N     1 
ATOM   338  C  CA    . GLY A 1 68  ? 2.726   5.388   -9.351  1.00 50.30  ? 65  GLY A CA    1 
ATOM   339  C  C     . GLY A 1 68  ? 4.054   4.722   -9.659  1.00 57.11  ? 65  GLY A C     1 
ATOM   340  O  O     . GLY A 1 68  ? 5.065   5.049   -8.997  1.00 51.70  ? 65  GLY A O     1 
ATOM   341  N  N     . VAL A 1 69  ? 4.011   3.763   -10.578 1.00 55.14  ? 66  VAL A N     1 
ATOM   342  C  CA    . VAL A 1 69  ? 5.176   3.199   -11.299 1.00 58.73  ? 66  VAL A CA    1 
ATOM   343  C  C     . VAL A 1 69  ? 5.713   4.317   -12.187 1.00 63.23  ? 66  VAL A C     1 
ATOM   344  O  O     . VAL A 1 69  ? 4.895   5.027   -12.802 1.00 67.12  ? 66  VAL A O     1 
ATOM   345  C  CB    . VAL A 1 69  ? 4.777   1.960   -12.127 1.00 59.55  ? 66  VAL A CB    1 
ATOM   346  C  CG1   . VAL A 1 69  ? 5.928   1.466   -12.993 1.00 60.47  ? 66  VAL A CG1   1 
ATOM   347  C  CG2   . VAL A 1 69  ? 4.240   0.837   -11.249 1.00 58.05  ? 66  VAL A CG2   1 
ATOM   348  N  N     . GLU A 1 70  ? 7.038   4.454   -12.251 1.00 68.24  ? 67  GLU A N     1 
ATOM   349  C  CA    . GLU A 1 70  ? 7.724   5.446   -13.120 1.00 68.01  ? 67  GLU A CA    1 
ATOM   350  C  C     . GLU A 1 70  ? 8.469   4.685   -14.215 1.00 64.19  ? 67  GLU A C     1 
ATOM   351  O  O     . GLU A 1 70  ? 8.708   3.474   -14.037 1.00 62.42  ? 67  GLU A O     1 
ATOM   352  C  CB    . GLU A 1 70  ? 8.589   6.357   -12.255 1.00 73.06  ? 67  GLU A CB    1 
ATOM   353  C  CG    . GLU A 1 70  ? 7.777   7.030   -11.160 1.00 77.98  ? 67  GLU A CG    1 
ATOM   354  C  CD    . GLU A 1 70  ? 8.557   7.939   -10.229 1.00 79.20  ? 67  GLU A CD    1 
ATOM   355  O  OE1   . GLU A 1 70  ? 9.597   7.492   -9.704  1.00 69.07  ? 67  GLU A OE1   1 
ATOM   356  O  OE2   . GLU A 1 70  ? 8.119   9.091   -10.035 1.00 88.53  ? 67  GLU A OE2   1 
ATOM   357  N  N     . LYS A 1 71  ? 8.789   5.377   -15.309 1.00 70.89  ? 68  LYS A N     1 
ATOM   358  C  CA    . LYS A 1 71  ? 9.114   4.761   -16.625 1.00 81.53  ? 68  LYS A CA    1 
ATOM   359  C  C     . LYS A 1 71  ? 10.345  3.857   -16.511 1.00 79.74  ? 68  LYS A C     1 
ATOM   360  O  O     . LYS A 1 71  ? 10.412  2.865   -17.277 1.00 80.10  ? 68  LYS A O     1 
ATOM   361  C  CB    . LYS A 1 71  ? 9.328   5.838   -17.696 1.00 90.00  ? 68  LYS A CB    1 
ATOM   362  C  CG    . LYS A 1 71  ? 8.072   6.600   -18.087 1.00 99.24  ? 68  LYS A CG    1 
ATOM   363  C  CD    . LYS A 1 71  ? 8.277   7.662   -19.142 1.00 106.48 ? 68  LYS A CD    1 
ATOM   364  C  CE    . LYS A 1 71  ? 6.984   8.378   -19.474 1.00 108.06 ? 68  LYS A CE    1 
ATOM   365  N  NZ    . LYS A 1 71  ? 7.193   9.447   -20.478 1.00 113.67 ? 68  LYS A NZ    1 
ATOM   366  N  N     . ASP A 1 72  ? 11.293  4.170   -15.625 1.00 74.92  ? 69  ASP A N     1 
ATOM   367  C  CA    . ASP A 1 72  ? 12.578  3.421   -15.606 1.00 88.34  ? 69  ASP A CA    1 
ATOM   368  C  C     . ASP A 1 72  ? 12.478  2.191   -14.697 1.00 84.98  ? 69  ASP A C     1 
ATOM   369  O  O     . ASP A 1 72  ? 13.370  1.329   -14.804 1.00 83.10  ? 69  ASP A O     1 
ATOM   370  C  CB    . ASP A 1 72  ? 13.768  4.330   -15.284 1.00 93.38  ? 69  ASP A CB    1 
ATOM   371  C  CG    . ASP A 1 72  ? 14.480  4.821   -16.546 1.00 98.54  ? 69  ASP A CG    1 
ATOM   372  O  OD1   . ASP A 1 72  ? 15.712  5.043   -16.488 1.00 99.60  ? 69  ASP A OD1   1 
ATOM   373  O  OD2   . ASP A 1 72  ? 13.804  4.955   -17.601 1.00 85.66  ? 69  ASP A OD2   1 
ATOM   374  N  N     . GLU A 1 73  ? 11.419  2.072   -13.893 1.00 77.47  ? 70  GLU A N     1 
ATOM   375  C  CA    . GLU A 1 73  ? 11.271  0.950   -12.929 1.00 73.78  ? 70  GLU A CA    1 
ATOM   376  C  C     . GLU A 1 73  ? 11.041  -0.352  -13.701 1.00 73.13  ? 70  GLU A C     1 
ATOM   377  O  O     . GLU A 1 73  ? 10.159  -0.444  -14.556 1.00 72.57  ? 70  GLU A O     1 
ATOM   378  C  CB    . GLU A 1 73  ? 10.214  1.288   -11.877 1.00 72.51  ? 70  GLU A CB    1 
ATOM   379  C  CG    . GLU A 1 73  ? 10.734  2.303   -10.880 1.00 72.11  ? 70  GLU A CG    1 
ATOM   380  C  CD    . GLU A 1 73  ? 9.763   2.731   -9.798  1.00 73.52  ? 70  GLU A CD    1 
ATOM   381  O  OE1   . GLU A 1 73  ? 8.591   3.007   -10.135 1.00 72.31  ? 70  GLU A OE1   1 
ATOM   382  O  OE2   . GLU A 1 73  ? 10.188  2.800   -8.618  1.00 67.44  ? 70  GLU A OE2   1 
ATOM   383  N  N     . PRO A 1 74  ? 11.898  -1.373  -13.455 1.00 73.49  ? 71  PRO A N     1 
ATOM   384  C  CA    . PRO A 1 74  ? 11.830  -2.654  -14.164 1.00 72.74  ? 71  PRO A CA    1 
ATOM   385  C  C     . PRO A 1 74  ? 10.707  -3.619  -13.749 1.00 73.44  ? 71  PRO A C     1 
ATOM   386  O  O     . PRO A 1 74  ? 10.466  -4.577  -14.466 1.00 75.23  ? 71  PRO A O     1 
ATOM   387  C  CB    . PRO A 1 74  ? 13.168  -3.337  -13.820 1.00 70.23  ? 71  PRO A CB    1 
ATOM   388  C  CG    . PRO A 1 74  ? 13.619  -2.698  -12.515 1.00 70.99  ? 71  PRO A CG    1 
ATOM   389  C  CD    . PRO A 1 74  ? 13.042  -1.300  -12.524 1.00 71.89  ? 71  PRO A CD    1 
ATOM   390  N  N     . ASN A 1 75  ? 10.082  -3.402  -12.593 1.00 66.64  ? 72  ASN A N     1 
ATOM   391  C  CA    . ASN A 1 75  ? 9.021   -4.311  -12.097 1.00 65.16  ? 72  ASN A CA    1 
ATOM   392  C  C     . ASN A 1 75  ? 8.198   -3.585  -11.044 1.00 58.75  ? 72  ASN A C     1 
ATOM   393  O  O     . ASN A 1 75  ? 8.622   -2.505  -10.584 1.00 61.76  ? 72  ASN A O     1 
ATOM   394  C  CB    . ASN A 1 75  ? 9.572   -5.627  -11.542 1.00 67.44  ? 72  ASN A CB    1 
ATOM   395  C  CG    . ASN A 1 75  ? 10.650  -5.453  -10.489 1.00 70.99  ? 72  ASN A CG    1 
ATOM   396  O  OD1   . ASN A 1 75  ? 10.444  -4.849  -9.432  1.00 60.93  ? 72  ASN A OD1   1 
ATOM   397  N  ND2   . ASN A 1 75  ? 11.812  -6.018  -10.762 1.00 73.10  ? 72  ASN A ND2   1 
ATOM   398  N  N     . TYR A 1 76  ? 7.070   -4.182  -10.680 1.00 51.28  ? 73  TYR A N     1 
ATOM   399  C  CA    . TYR A 1 76  ? 6.143   -3.611  -9.681  1.00 52.14  ? 73  TYR A CA    1 
ATOM   400  C  C     . TYR A 1 76  ? 6.809   -3.684  -8.310  1.00 46.87  ? 73  TYR A C     1 
ATOM   401  O  O     . TYR A 1 76  ? 6.702   -2.683  -7.620  1.00 44.05  ? 73  TYR A O     1 
ATOM   402  C  CB    . TYR A 1 76  ? 4.758   -4.256  -9.779  1.00 52.89  ? 73  TYR A CB    1 
ATOM   403  C  CG    . TYR A 1 76  ? 4.011   -3.899  -11.043 1.00 50.98  ? 73  TYR A CG    1 
ATOM   404  C  CD1   . TYR A 1 76  ? 3.438   -2.646  -11.228 1.00 48.89  ? 73  TYR A CD1   1 
ATOM   405  C  CD2   . TYR A 1 76  ? 3.913   -4.812  -12.078 1.00 50.51  ? 73  TYR A CD2   1 
ATOM   406  C  CE1   . TYR A 1 76  ? 2.756   -2.335  -12.396 1.00 50.47  ? 73  TYR A CE1   1 
ATOM   407  C  CE2   . TYR A 1 76  ? 3.227   -4.523  -13.243 1.00 50.69  ? 73  TYR A CE2   1 
ATOM   408  C  CZ    . TYR A 1 76  ? 2.658   -3.275  -13.412 1.00 51.61  ? 73  TYR A CZ    1 
ATOM   409  O  OH    . TYR A 1 76  ? 1.993   -3.019  -14.580 1.00 57.89  ? 73  TYR A OH    1 
ATOM   410  N  N     . GLU A 1 77  ? 7.518   -4.774  -7.981  1.00 47.47  ? 74  GLU A N     1 
ATOM   411  C  CA    . GLU A 1 77  ? 8.152   -4.968  -6.650  1.00 52.23  ? 74  GLU A CA    1 
ATOM   412  C  C     . GLU A 1 77  ? 9.007   -3.750  -6.285  1.00 50.86  ? 74  GLU A C     1 
ATOM   413  O  O     . GLU A 1 77  ? 8.989   -3.349  -5.105  1.00 56.91  ? 74  GLU A O     1 
ATOM   414  C  CB    . GLU A 1 77  ? 9.004   -6.235  -6.617  1.00 57.52  ? 74  GLU A CB    1 
ATOM   415  C  CG    . GLU A 1 77  ? 8.194   -7.509  -6.741  1.00 58.85  ? 74  GLU A CG    1 
ATOM   416  C  CD    . GLU A 1 77  ? 7.956   -7.995  -8.162  1.00 62.75  ? 74  GLU A CD    1 
ATOM   417  O  OE1   . GLU A 1 77  ? 8.044   -7.180  -9.123  1.00 59.96  ? 74  GLU A OE1   1 
ATOM   418  O  OE2   . GLU A 1 77  ? 7.652   -9.193  -8.304  1.00 71.77  ? 74  GLU A OE2   1 
ATOM   419  N  N     . THR A 1 78  ? 9.720   -3.208  -7.266  1.00 47.53  ? 75  THR A N     1 
ATOM   420  C  CA    . THR A 1 78  ? 10.608  -2.026  -7.149  1.00 52.59  ? 75  THR A CA    1 
ATOM   421  C  C     . THR A 1 78  ? 9.787   -0.826  -6.668  1.00 48.85  ? 75  THR A C     1 
ATOM   422  O  O     . THR A 1 78  ? 10.156  -0.209  -5.644  1.00 50.38  ? 75  THR A O     1 
ATOM   423  C  CB    . THR A 1 78  ? 11.293  -1.753  -8.498  1.00 55.20  ? 75  THR A CB    1 
ATOM   424  O  OG1   . THR A 1 78  ? 12.186  -2.825  -8.784  1.00 56.29  ? 75  THR A OG1   1 
ATOM   425  C  CG2   . THR A 1 78  ? 12.061  -0.455  -8.551  1.00 54.90  ? 75  THR A CG2   1 
ATOM   426  N  N     . THR A 1 79  ? 8.750   -0.474  -7.421  1.00 48.19  ? 76  THR A N     1 
ATOM   427  C  CA    . THR A 1 79  ? 7.791   0.606   -7.067  1.00 51.51  ? 76  THR A CA    1 
ATOM   428  C  C     . THR A 1 79  ? 7.262   0.355   -5.651  1.00 52.60  ? 76  THR A C     1 
ATOM   429  O  O     . THR A 1 79  ? 7.305   1.265   -4.805  1.00 50.80  ? 76  THR A O     1 
ATOM   430  C  CB    . THR A 1 79  ? 6.639   0.668   -8.074  1.00 54.56  ? 76  THR A CB    1 
ATOM   431  O  OG1   . THR A 1 79  ? 7.195   0.682   -9.386  1.00 51.76  ? 76  THR A OG1   1 
ATOM   432  C  CG2   . THR A 1 79  ? 5.759   1.886   -7.903  1.00 52.43  ? 76  THR A CG2   1 
ATOM   433  N  N     . ALA A 1 80  ? 6.786   -0.855  -5.394  1.00 50.48  ? 77  ALA A N     1 
ATOM   434  C  CA    . ALA A 1 80  ? 6.151   -1.207  -4.110  1.00 49.84  ? 77  ALA A CA    1 
ATOM   435  C  C     . ALA A 1 80  ? 7.130   -0.927  -2.969  1.00 53.52  ? 77  ALA A C     1 
ATOM   436  O  O     . ALA A 1 80  ? 6.699   -0.325  -1.956  1.00 53.92  ? 77  ALA A O     1 
ATOM   437  C  CB    . ALA A 1 80  ? 5.675   -2.640  -4.126  1.00 45.50  ? 77  ALA A CB    1 
ATOM   438  N  N     . GLN A 1 81  ? 8.388   -1.348  -3.105  1.00 54.33  ? 78  GLN A N     1 
ATOM   439  C  CA    . GLN A 1 81  ? 9.345   -1.274  -1.968  1.00 56.14  ? 78  GLN A CA    1 
ATOM   440  C  C     . GLN A 1 81  ? 9.827   0.157   -1.828  1.00 47.04  ? 78  GLN A C     1 
ATOM   441  O  O     . GLN A 1 81  ? 10.058  0.580   -0.695  1.00 46.19  ? 78  GLN A O     1 
ATOM   442  C  CB    . GLN A 1 81  ? 10.482  -2.284  -2.082  1.00 58.34  ? 78  GLN A CB    1 
ATOM   443  C  CG    . GLN A 1 81  ? 10.186  -3.491  -1.214  1.00 65.48  ? 78  GLN A CG    1 
ATOM   444  C  CD    . GLN A 1 81  ? 11.050  -4.683  -1.520  1.00 66.20  ? 78  GLN A CD    1 
ATOM   445  O  OE1   . GLN A 1 81  ? 11.525  -4.853  -2.639  1.00 73.47  ? 78  GLN A OE1   1 
ATOM   446  N  NE2   . GLN A 1 81  ? 11.238  -5.522  -0.512  1.00 59.73  ? 78  GLN A NE2   1 
ATOM   447  N  N     . ARG A 1 82  ? 9.928   0.861   -2.944  1.00 49.01  ? 79  ARG A N     1 
ATOM   448  C  CA    . ARG A 1 82  ? 10.270  2.296   -2.944  1.00 53.02  ? 79  ARG A CA    1 
ATOM   449  C  C     . ARG A 1 82  ? 9.230   3.058   -2.110  1.00 53.91  ? 79  ARG A C     1 
ATOM   450  O  O     . ARG A 1 82  ? 9.609   3.737   -1.140  1.00 54.01  ? 79  ARG A O     1 
ATOM   451  C  CB    . ARG A 1 82  ? 10.370  2.767   -4.393  1.00 54.61  ? 79  ARG A CB    1 
ATOM   452  C  CG    . ARG A 1 82  ? 10.468  4.277   -4.509  1.00 59.68  ? 79  ARG A CG    1 
ATOM   453  C  CD    . ARG A 1 82  ? 10.878  4.697   -5.898  1.00 59.04  ? 79  ARG A CD    1 
ATOM   454  N  NE    . ARG A 1 82  ? 9.840   4.534   -6.898  1.00 61.68  ? 79  ARG A NE    1 
ATOM   455  C  CZ    . ARG A 1 82  ? 8.728   5.263   -6.958  1.00 67.25  ? 79  ARG A CZ    1 
ATOM   456  N  NH1   . ARG A 1 82  ? 8.493   6.194   -6.049  1.00 71.12  ? 79  ARG A NH1   1 
ATOM   457  N  NH2   . ARG A 1 82  ? 7.844   5.060   -7.925  1.00 60.59  ? 79  ARG A NH2   1 
ATOM   458  N  N     . GLU A 1 83  ? 7.950   2.901   -2.449  1.00 57.39  ? 80  GLU A N     1 
ATOM   459  C  CA    . GLU A 1 83  ? 6.833   3.663   -1.838  1.00 53.56  ? 80  GLU A CA    1 
ATOM   460  C  C     . GLU A 1 83  ? 6.699   3.327   -0.362  1.00 50.14  ? 80  GLU A C     1 
ATOM   461  O  O     . GLU A 1 83  ? 6.356   4.211   0.416   1.00 53.34  ? 80  GLU A O     1 
ATOM   462  C  CB    . GLU A 1 83  ? 5.531   3.351   -2.564  1.00 60.96  ? 80  GLU A CB    1 
ATOM   463  C  CG    . GLU A 1 83  ? 5.459   3.986   -3.935  1.00 63.84  ? 80  GLU A CG    1 
ATOM   464  C  CD    . GLU A 1 83  ? 5.604   5.498   -3.927  1.00 73.49  ? 80  GLU A CD    1 
ATOM   465  O  OE1   . GLU A 1 83  ? 5.689   6.076   -5.030  1.00 79.79  ? 80  GLU A OE1   1 
ATOM   466  O  OE2   . GLU A 1 83  ? 5.647   6.100   -2.817  1.00 89.84  ? 80  GLU A OE2   1 
ATOM   467  N  N     . THR A 1 84  ? 6.918   2.076   -0.002  1.00 47.67  ? 81  THR A N     1 
ATOM   468  C  CA    . THR A 1 84  ? 6.873   1.616   1.402   1.00 51.19  ? 81  THR A CA    1 
ATOM   469  C  C     . THR A 1 84  ? 7.975   2.313   2.213   1.00 54.88  ? 81  THR A C     1 
ATOM   470  O  O     . THR A 1 84  ? 7.747   2.618   3.418   1.00 52.15  ? 81  THR A O     1 
ATOM   471  C  CB    . THR A 1 84  ? 6.985   0.092   1.436   1.00 52.44  ? 81  THR A CB    1 
ATOM   472  O  OG1   . THR A 1 84  ? 5.909   -0.379  0.616   1.00 56.71  ? 81  THR A OG1   1 
ATOM   473  C  CG2   . THR A 1 84  ? 6.927   -0.468  2.838   1.00 52.62  ? 81  THR A CG2   1 
ATOM   474  N  N     . TRP A 1 85  ? 9.150   2.506   1.607   1.00 55.54  ? 82  TRP A N     1 
ATOM   475  C  CA    . TRP A 1 85  ? 10.257  3.257   2.247   1.00 54.74  ? 82  TRP A CA    1 
ATOM   476  C  C     . TRP A 1 85  ? 9.828   4.720   2.387   1.00 49.79  ? 82  TRP A C     1 
ATOM   477  O  O     . TRP A 1 85  ? 9.756   5.222   3.530   1.00 50.59  ? 82  TRP A O     1 
ATOM   478  C  CB    . TRP A 1 85  ? 11.567  3.170   1.456   1.00 53.98  ? 82  TRP A CB    1 
ATOM   479  C  CG    . TRP A 1 85  ? 12.531  4.166   2.017   1.00 55.34  ? 82  TRP A CG    1 
ATOM   480  C  CD1   . TRP A 1 85  ? 13.031  5.300   1.436   1.00 52.53  ? 82  TRP A CD1   1 
ATOM   481  C  CD2   . TRP A 1 85  ? 12.986  4.175   3.378   1.00 54.64  ? 82  TRP A CD2   1 
ATOM   482  N  NE1   . TRP A 1 85  ? 13.806  5.989   2.335   1.00 52.04  ? 82  TRP A NE1   1 
ATOM   483  C  CE2   . TRP A 1 85  ? 13.793  5.322   3.535   1.00 53.87  ? 82  TRP A CE2   1 
ATOM   484  C  CE3   . TRP A 1 85  ? 12.795  3.314   4.462   1.00 56.33  ? 82  TRP A CE3   1 
ATOM   485  C  CZ2   . TRP A 1 85  ? 14.422  5.612   4.740   1.00 53.58  ? 82  TRP A CZ2   1 
ATOM   486  C  CZ3   . TRP A 1 85  ? 13.409  3.610   5.658   1.00 61.98  ? 82  TRP A CZ3   1 
ATOM   487  C  CH2   . TRP A 1 85  ? 14.208  4.747   5.791   1.00 56.65  ? 82  TRP A CH2   1 
ATOM   488  N  N     . GLU A 1 86  ? 9.541   5.343   1.244   1.00 46.36  ? 83  GLU A N     1 
ATOM   489  C  CA    . GLU A 1 86  ? 9.258   6.790   1.110   1.00 53.66  ? 83  GLU A CA    1 
ATOM   490  C  C     . GLU A 1 86  ? 8.109   7.194   2.031   1.00 58.27  ? 83  GLU A C     1 
ATOM   491  O  O     . GLU A 1 86  ? 8.285   8.150   2.802   1.00 59.00  ? 83  GLU A O     1 
ATOM   492  C  CB    . GLU A 1 86  ? 8.899   7.133   -0.329  1.00 60.22  ? 83  GLU A CB    1 
ATOM   493  C  CG    . GLU A 1 86  ? 10.076  7.037   -1.278  1.00 74.66  ? 83  GLU A CG    1 
ATOM   494  C  CD    . GLU A 1 86  ? 9.908   7.775   -2.600  1.00 80.91  ? 83  GLU A CD    1 
ATOM   495  O  OE1   . GLU A 1 86  ? 8.784   8.239   -2.886  1.00 79.53  ? 83  GLU A OE1   1 
ATOM   496  O  OE2   . GLU A 1 86  ? 10.906  7.893   -3.339  1.00 82.30  ? 83  GLU A OE2   1 
ATOM   497  N  N     . GLU A 1 87  ? 6.976   6.493   1.949   1.00 56.72  ? 84  GLU A N     1 
ATOM   498  C  CA    . GLU A 1 87  ? 5.710   6.904   2.609   1.00 53.20  ? 84  GLU A CA    1 
ATOM   499  C  C     . GLU A 1 87  ? 5.667   6.392   4.044   1.00 49.84  ? 84  GLU A C     1 
ATOM   500  O  O     . GLU A 1 87  ? 4.991   7.036   4.840   1.00 55.78  ? 84  GLU A O     1 
ATOM   501  C  CB    . GLU A 1 87  ? 4.491   6.410   1.831   1.00 51.56  ? 84  GLU A CB    1 
ATOM   502  C  CG    . GLU A 1 87  ? 4.449   6.950   0.424   1.00 51.08  ? 84  GLU A CG    1 
ATOM   503  C  CD    . GLU A 1 87  ? 3.135   6.694   -0.274  1.00 53.82  ? 84  GLU A CD    1 
ATOM   504  O  OE1   . GLU A 1 87  ? 2.968   7.268   -1.345  1.00 56.69  ? 84  GLU A OE1   1 
ATOM   505  O  OE2   . GLU A 1 87  ? 2.289   5.927   0.265   1.00 50.64  ? 84  GLU A OE2   1 
ATOM   506  N  N     . ALA A 1 88  ? 6.360   5.308   4.393   1.00 55.19  ? 85  ALA A N     1 
ATOM   507  C  CA    . ALA A 1 88  ? 6.193   4.709   5.737   1.00 52.38  ? 85  ALA A CA    1 
ATOM   508  C  C     . ALA A 1 88  ? 7.506   4.356   6.445   1.00 52.95  ? 85  ALA A C     1 
ATOM   509  O  O     . ALA A 1 88  ? 7.404   3.786   7.565   1.00 44.11  ? 85  ALA A O     1 
ATOM   510  C  CB    . ALA A 1 88  ? 5.318   3.485   5.616   1.00 55.64  ? 85  ALA A CB    1 
ATOM   511  N  N     . GLY A 1 89  ? 8.687   4.602   5.863   1.00 52.81  ? 86  GLY A N     1 
ATOM   512  C  CA    . GLY A 1 89  ? 9.955   4.256   6.548   1.00 51.58  ? 86  GLY A CA    1 
ATOM   513  C  C     . GLY A 1 89  ? 10.003  2.793   6.954   1.00 49.48  ? 86  GLY A C     1 
ATOM   514  O  O     . GLY A 1 89  ? 10.535  2.467   8.036   1.00 52.09  ? 86  GLY A O     1 
ATOM   515  N  N     . CYS A 1 90  ? 9.446   1.933   6.107   1.00 55.44  ? 87  CYS A N     1 
ATOM   516  C  CA    . CYS A 1 90  ? 9.372   0.469   6.320   1.00 57.41  ? 87  CYS A CA    1 
ATOM   517  C  C     . CYS A 1 90  ? 10.293  -0.214  5.306   1.00 51.52  ? 87  CYS A C     1 
ATOM   518  O  O     . CYS A 1 90  ? 10.394  0.232   4.137   1.00 50.13  ? 87  CYS A O     1 
ATOM   519  C  CB    . CYS A 1 90  ? 7.930   -0.038  6.243   1.00 56.70  ? 87  CYS A CB    1 
ATOM   520  S  SG    . CYS A 1 90  ? 7.729   -1.835  6.467   1.00 60.86  ? 87  CYS A SG    1 
ATOM   521  N  N     . ILE A 1 91  ? 10.939  -1.263  5.788   1.00 50.80  ? 88  ILE A N     1 
ATOM   522  C  CA    . ILE A 1 91  ? 11.897  -2.138  5.074   1.00 54.82  ? 88  ILE A CA    1 
ATOM   523  C  C     . ILE A 1 91  ? 11.454  -3.542  5.450   1.00 50.97  ? 88  ILE A C     1 
ATOM   524  O  O     . ILE A 1 91  ? 11.255  -3.775  6.652   1.00 51.41  ? 88  ILE A O     1 
ATOM   525  C  CB    . ILE A 1 91  ? 13.356  -1.871  5.526   1.00 64.63  ? 88  ILE A CB    1 
ATOM   526  C  CG1   . ILE A 1 91  ? 13.813  -0.427  5.301   1.00 63.32  ? 88  ILE A CG1   1 
ATOM   527  C  CG2   . ILE A 1 91  ? 14.309  -2.859  4.875   1.00 62.70  ? 88  ILE A CG2   1 
ATOM   528  C  CD1   . ILE A 1 91  ? 14.063  -0.074  3.850   1.00 66.10  ? 88  ILE A CD1   1 
ATOM   529  N  N     . GLY A 1 92  ? 11.299  -4.419  4.467   1.00 50.68  ? 89  GLY A N     1 
ATOM   530  C  CA    . GLY A 1 92  ? 10.938  -5.825  4.714   1.00 50.31  ? 89  GLY A CA    1 
ATOM   531  C  C     . GLY A 1 92  ? 11.240  -6.656  3.496   1.00 49.05  ? 89  GLY A C     1 
ATOM   532  O  O     . GLY A 1 92  ? 11.822  -6.111  2.533   1.00 48.40  ? 89  GLY A O     1 
ATOM   533  N  N     . LYS A 1 93  ? 10.876  -7.931  3.516   1.00 53.78  ? 90  LYS A N     1 
ATOM   534  C  CA    . LYS A 1 93  ? 10.947  -8.769  2.298   1.00 55.64  ? 90  LYS A CA    1 
ATOM   535  C  C     . LYS A 1 93  ? 9.524   -8.992  1.789   1.00 54.23  ? 90  LYS A C     1 
ATOM   536  O  O     . LYS A 1 93  ? 8.602   -9.238  2.605   1.00 49.31  ? 90  LYS A O     1 
ATOM   537  C  CB    . LYS A 1 93  ? 11.685  -10.086 2.545   1.00 66.73  ? 90  LYS A CB    1 
ATOM   538  C  CG    . LYS A 1 93  ? 11.072  -11.027 3.571   1.00 77.47  ? 90  LYS A CG    1 
ATOM   539  C  CD    . LYS A 1 93  ? 11.914  -12.279 3.756   1.00 91.67  ? 90  LYS A CD    1 
ATOM   540  C  CE    . LYS A 1 93  ? 11.540  -13.094 4.980   1.00 102.98 ? 90  LYS A CE    1 
ATOM   541  N  NZ    . LYS A 1 93  ? 12.516  -14.184 5.233   1.00 108.13 ? 90  LYS A NZ    1 
ATOM   542  N  N     . ILE A 1 94  ? 9.369   -8.891  0.477   1.00 53.30  ? 91  ILE A N     1 
ATOM   543  C  CA    . ILE A 1 94  ? 8.134   -9.301  -0.243  1.00 55.08  ? 91  ILE A CA    1 
ATOM   544  C  C     . ILE A 1 94  ? 7.974   -10.828 -0.122  1.00 55.14  ? 91  ILE A C     1 
ATOM   545  O  O     . ILE A 1 94  ? 8.842   -11.559 -0.615  1.00 55.53  ? 91  ILE A O     1 
ATOM   546  C  CB    . ILE A 1 94  ? 8.193   -8.772  -1.684  1.00 54.11  ? 91  ILE A CB    1 
ATOM   547  C  CG1   . ILE A 1 94  ? 7.984   -7.253  -1.670  1.00 57.47  ? 91  ILE A CG1   1 
ATOM   548  C  CG2   . ILE A 1 94  ? 7.191   -9.486  -2.576  1.00 58.94  ? 91  ILE A CG2   1 
ATOM   549  C  CD1   . ILE A 1 94  ? 7.885   -6.608  -3.034  1.00 59.81  ? 91  ILE A CD1   1 
ATOM   550  N  N     . VAL A 1 95  ? 6.920   -11.275 0.564   1.00 48.68  ? 92  VAL A N     1 
ATOM   551  C  CA    . VAL A 1 95  ? 6.625   -12.715 0.804   1.00 53.76  ? 92  VAL A CA    1 
ATOM   552  C  C     . VAL A 1 95  ? 5.461   -13.200 -0.077  1.00 51.96  ? 92  VAL A C     1 
ATOM   553  O  O     . VAL A 1 95  ? 5.268   -14.407 -0.121  1.00 50.72  ? 92  VAL A O     1 
ATOM   554  C  CB    . VAL A 1 95  ? 6.364   -12.988 2.297   1.00 55.75  ? 92  VAL A CB    1 
ATOM   555  C  CG1   . VAL A 1 95  ? 7.589   -12.646 3.127   1.00 60.12  ? 92  VAL A CG1   1 
ATOM   556  C  CG2   . VAL A 1 95  ? 5.139   -12.258 2.822   1.00 57.21  ? 92  VAL A CG2   1 
ATOM   557  N  N     . ALA A 1 96  ? 4.726   -12.328 -0.771  1.00 51.92  ? 93  ALA A N     1 
ATOM   558  C  CA    . ALA A 1 96  ? 3.603   -12.743 -1.647  1.00 51.22  ? 93  ALA A CA    1 
ATOM   559  C  C     . ALA A 1 96  ? 3.241   -11.633 -2.633  1.00 51.43  ? 93  ALA A C     1 
ATOM   560  O  O     . ALA A 1 96  ? 3.431   -10.449 -2.357  1.00 55.41  ? 93  ALA A O     1 
ATOM   561  C  CB    . ALA A 1 96  ? 2.401   -13.154 -0.822  1.00 50.63  ? 93  ALA A CB    1 
ATOM   562  N  N     . ASN A 1 97  ? 2.747   -12.043 -3.781  1.00 50.06  ? 94  ASN A N     1 
ATOM   563  C  CA    . ASN A 1 97  ? 2.122   -11.169 -4.791  1.00 54.06  ? 94  ASN A CA    1 
ATOM   564  C  C     . ASN A 1 97  ? 0.614   -11.269 -4.524  1.00 54.57  ? 94  ASN A C     1 
ATOM   565  O  O     . ASN A 1 97  ? 0.101   -12.389 -4.465  1.00 51.77  ? 94  ASN A O     1 
ATOM   566  C  CB    . ASN A 1 97  ? 2.619   -11.601 -6.168  1.00 50.47  ? 94  ASN A CB    1 
ATOM   567  C  CG    . ASN A 1 97  ? 1.846   -11.021 -7.323  1.00 51.54  ? 94  ASN A CG    1 
ATOM   568  O  OD1   . ASN A 1 97  ? 0.752   -10.498 -7.149  1.00 50.58  ? 94  ASN A OD1   1 
ATOM   569  N  ND2   . ASN A 1 97  ? 2.432   -11.101 -8.509  1.00 51.47  ? 94  ASN A ND2   1 
ATOM   570  N  N     . LEU A 1 98  ? -0.052  -10.147 -4.270  1.00 48.86  ? 95  LEU A N     1 
ATOM   571  C  CA    . LEU A 1 98  ? -1.487  -10.136 -3.883  1.00 52.04  ? 95  LEU A CA    1 
ATOM   572  C  C     . LEU A 1 98  ? -2.325  -9.836  -5.126  1.00 49.79  ? 95  LEU A C     1 
ATOM   573  O  O     . LEU A 1 98  ? -3.517  -9.610  -4.992  1.00 52.39  ? 95  LEU A O     1 
ATOM   574  C  CB    . LEU A 1 98  ? -1.682  -9.111  -2.760  1.00 48.99  ? 95  LEU A CB    1 
ATOM   575  C  CG    . LEU A 1 98  ? -0.917  -9.456  -1.484  1.00 50.45  ? 95  LEU A CG    1 
ATOM   576  C  CD1   . LEU A 1 98  ? -1.131  -8.418  -0.404  1.00 48.57  ? 95  LEU A CD1   1 
ATOM   577  C  CD2   . LEU A 1 98  ? -1.314  -10.823 -0.969  1.00 52.26  ? 95  LEU A CD2   1 
ATOM   578  N  N     . GLY A 1 99  ? -1.691  -9.840  -6.292  1.00 47.50  ? 96  GLY A N     1 
ATOM   579  C  CA    . GLY A 1 99  ? -2.363  -9.618  -7.576  1.00 48.67  ? 96  GLY A CA    1 
ATOM   580  C  C     . GLY A 1 99  ? -2.714  -8.158  -7.749  1.00 52.92  ? 96  GLY A C     1 
ATOM   581  O  O     . GLY A 1 99  ? -2.004  -7.303  -7.160  1.00 51.31  ? 96  GLY A O     1 
ATOM   582  N  N     . THR A 1 100 ? -3.762  -7.888  -8.528  1.00 50.64  ? 97  THR A N     1 
ATOM   583  C  CA    . THR A 1 100 ? -4.238  -6.520  -8.858  1.00 57.16  ? 97  THR A CA    1 
ATOM   584  C  C     . THR A 1 100 ? -5.677  -6.287  -8.373  1.00 50.65  ? 97  THR A C     1 
ATOM   585  O  O     . THR A 1 100 ? -6.396  -7.264  -8.072  1.00 52.40  ? 97  THR A O     1 
ATOM   586  C  CB    . THR A 1 100 ? -4.202  -6.241  -10.359 1.00 55.83  ? 97  THR A CB    1 
ATOM   587  O  OG1   . THR A 1 100 ? -5.152  -7.139  -10.921 1.00 56.81  ? 97  THR A OG1   1 
ATOM   588  C  CG2   . THR A 1 100 ? -2.833  -6.436  -10.973 1.00 64.76  ? 97  THR A CG2   1 
ATOM   589  N  N     . VAL A 1 101 ? -6.026  -5.009  -8.282  1.00 52.19  ? 98  VAL A N     1 
ATOM   590  C  CA    . VAL A 1 101 ? -7.367  -4.469  -7.928  1.00 57.00  ? 98  VAL A CA    1 
ATOM   591  C  C     . VAL A 1 101 ? -7.502  -3.174  -8.713  1.00 57.91  ? 98  VAL A C     1 
ATOM   592  O  O     . VAL A 1 101 ? -6.507  -2.478  -8.896  1.00 57.22  ? 98  VAL A O     1 
ATOM   593  C  CB    . VAL A 1 101 ? -7.557  -4.236  -6.419  1.00 59.73  ? 98  VAL A CB    1 
ATOM   594  C  CG1   . VAL A 1 101 ? -7.792  -5.538  -5.672  1.00 64.27  ? 98  VAL A CG1   1 
ATOM   595  C  CG2   . VAL A 1 101 ? -6.398  -3.476  -5.796  1.00 60.98  ? 98  VAL A CG2   1 
ATOM   596  N  N     . GLU A 1 102 ? -8.678  -2.937  -9.257  1.00 67.40  ? 99  GLU A N     1 
ATOM   597  C  CA    . GLU A 1 102 ? -8.921  -1.776  -10.129 1.00 72.87  ? 99  GLU A CA    1 
ATOM   598  C  C     . GLU A 1 102 ? -9.650  -0.728  -9.304  1.00 76.59  ? 99  GLU A C     1 
ATOM   599  O  O     . GLU A 1 102 ? -9.952  -0.963  -8.123  1.00 77.89  ? 99  GLU A O     1 
ATOM   600  C  CB    . GLU A 1 102 ? -9.717  -2.178  -11.367 1.00 76.07  ? 99  GLU A CB    1 
ATOM   601  C  CG    . GLU A 1 102 ? -8.858  -2.736  -12.480 1.00 81.80  ? 99  GLU A CG    1 
ATOM   602  C  CD    . GLU A 1 102 ? -9.667  -3.465  -13.536 1.00 93.29  ? 99  GLU A CD    1 
ATOM   603  O  OE1   . GLU A 1 102 ? -10.671 -2.894  -14.008 1.00 107.01 ? 99  GLU A OE1   1 
ATOM   604  O  OE2   . GLU A 1 102 ? -9.311  -4.613  -13.869 1.00 100.19 ? 99  GLU A OE2   1 
ATOM   605  N  N     . ASP A 1 103 ? -9.918  0.388   -9.954  1.00 103.86 ? 100 ASP A N     1 
ATOM   606  C  CA    . ASP A 1 103 ? -10.680 1.517   -9.396  1.00 110.39 ? 100 ASP A CA    1 
ATOM   607  C  C     . ASP A 1 103 ? -12.090 1.493   -9.963  1.00 122.11 ? 100 ASP A C     1 
ATOM   608  O  O     . ASP A 1 103 ? -12.226 1.288   -11.186 1.00 135.63 ? 100 ASP A O     1 
ATOM   609  C  CB    . ASP A 1 103 ? -10.035 2.838   -9.775  1.00 113.12 ? 100 ASP A CB    1 
ATOM   610  C  CG    . ASP A 1 103 ? -10.105 3.735   -8.572  1.00 121.45 ? 100 ASP A CG    1 
ATOM   611  O  OD1   . ASP A 1 103 ? -10.932 4.676   -8.593  1.00 139.71 ? 100 ASP A OD1   1 
ATOM   612  O  OD2   . ASP A 1 103 ? -9.413  3.407   -7.588  1.00 123.75 ? 100 ASP A OD2   1 
ATOM   613  N  N     . MET A 1 104 ? -13.095 1.727   -9.125  1.00 128.48 ? 101 MET A N     1 
ATOM   614  C  CA    . MET A 1 104 ? -14.496 1.794   -9.607  1.00 131.83 ? 101 MET A CA    1 
ATOM   615  C  C     . MET A 1 104 ? -14.975 3.255   -9.651  1.00 122.88 ? 101 MET A C     1 
ATOM   616  O  O     . MET A 1 104 ? -16.159 3.466   -9.964  1.00 123.62 ? 101 MET A O     1 
ATOM   617  C  CB    . MET A 1 104 ? -15.406 0.916   -8.742  1.00 135.76 ? 101 MET A CB    1 
ATOM   618  C  CG    . MET A 1 104 ? -15.072 -0.581  -8.826  1.00 133.87 ? 101 MET A CG    1 
ATOM   619  S  SD    . MET A 1 104 ? -14.443 -1.125  -10.451 1.00 135.60 ? 101 MET A SD    1 
ATOM   620  C  CE    . MET A 1 104 ? -14.188 -2.878  -10.189 1.00 126.02 ? 101 MET A CE    1 
ATOM   621  N  N     . ARG A 1 105 ? -14.085 4.228   -9.431  1.00 114.71 ? 102 ARG A N     1 
ATOM   622  C  CA    . ARG A 1 105 ? -14.399 5.672   -9.602  1.00 121.43 ? 102 ARG A CA    1 
ATOM   623  C  C     . ARG A 1 105 ? -13.326 6.320   -10.490 1.00 114.90 ? 102 ARG A C     1 
ATOM   624  O  O     . ARG A 1 105 ? -13.703 7.153   -11.341 1.00 103.14 ? 102 ARG A O     1 
ATOM   625  C  CB    . ARG A 1 105 ? -14.549 6.328   -8.226  1.00 129.37 ? 102 ARG A CB    1 
ATOM   626  C  CG    . ARG A 1 105 ? -14.989 7.785   -8.280  1.00 144.12 ? 102 ARG A CG    1 
ATOM   627  C  CD    . ARG A 1 105 ? -15.213 8.381   -6.901  1.00 153.33 ? 102 ARG A CD    1 
ATOM   628  N  NE    . ARG A 1 105 ? -15.666 9.769   -6.945  1.00 164.74 ? 102 ARG A NE    1 
ATOM   629  C  CZ    . ARG A 1 105 ? -16.094 10.470  -5.894  1.00 166.12 ? 102 ARG A CZ    1 
ATOM   630  N  NH1   . ARG A 1 105 ? -16.142 9.916   -4.693  1.00 163.46 ? 102 ARG A NH1   1 
ATOM   631  N  NH2   . ARG A 1 105 ? -16.480 11.727  -6.048  1.00 163.89 ? 102 ARG A NH2   1 
ATOM   632  N  N     . PRO A 1 130 ? -14.179 3.981   -17.639 1.00 114.02 ? 127 PRO A N     1 
ATOM   633  C  CA    . PRO A 1 130 ? -13.236 2.912   -17.292 1.00 109.74 ? 127 PRO A CA    1 
ATOM   634  C  C     . PRO A 1 130 ? -12.513 3.173   -15.974 1.00 105.16 ? 127 PRO A C     1 
ATOM   635  O  O     . PRO A 1 130 ? -12.746 4.202   -15.344 1.00 97.68  ? 127 PRO A O     1 
ATOM   636  C  CB    . PRO A 1 130 ? -12.280 2.967   -18.496 1.00 109.77 ? 127 PRO A CB    1 
ATOM   637  C  CG    . PRO A 1 130 ? -12.216 4.444   -18.852 1.00 110.35 ? 127 PRO A CG    1 
ATOM   638  C  CD    . PRO A 1 130 ? -13.587 5.005   -18.514 1.00 111.60 ? 127 PRO A CD    1 
ATOM   639  N  N     . PRO A 1 131 ? -11.608 2.278   -15.509 1.00 105.23 ? 128 PRO A N     1 
ATOM   640  C  CA    . PRO A 1 131 ? -10.891 2.523   -14.265 1.00 100.82 ? 128 PRO A CA    1 
ATOM   641  C  C     . PRO A 1 131 ? -9.845  3.606   -14.545 1.00 93.46  ? 128 PRO A C     1 
ATOM   642  O  O     . PRO A 1 131 ? -9.399  3.747   -15.679 1.00 84.07  ? 128 PRO A O     1 
ATOM   643  C  CB    . PRO A 1 131 ? -10.257 1.177   -13.878 1.00 101.10 ? 128 PRO A CB    1 
ATOM   644  C  CG    . PRO A 1 131 ? -10.735 0.191   -14.939 1.00 109.73 ? 128 PRO A CG    1 
ATOM   645  C  CD    . PRO A 1 131 ? -11.166 1.021   -16.134 1.00 109.46 ? 128 PRO A CD    1 
ATOM   646  N  N     . ARG A 1 132 ? -9.524  4.367   -13.504 1.00 92.77  ? 129 ARG A N     1 
ATOM   647  C  CA    . ARG A 1 132 ? -8.465  5.405   -13.513 1.00 87.92  ? 129 ARG A CA    1 
ATOM   648  C  C     . ARG A 1 132 ? -7.157  4.783   -13.018 1.00 74.67  ? 129 ARG A C     1 
ATOM   649  O  O     . ARG A 1 132 ? -6.105  5.203   -13.512 1.00 63.55  ? 129 ARG A O     1 
ATOM   650  C  CB    . ARG A 1 132 ? -8.850  6.597   -12.631 1.00 94.17  ? 129 ARG A CB    1 
ATOM   651  C  CG    . ARG A 1 132 ? -9.629  6.217   -11.380 1.00 98.16  ? 129 ARG A CG    1 
ATOM   652  C  CD    . ARG A 1 132 ? -8.979  6.689   -10.098 1.00 103.04 ? 129 ARG A CD    1 
ATOM   653  N  NE    . ARG A 1 132 ? -9.410  8.016   -9.673  1.00 113.21 ? 129 ARG A NE    1 
ATOM   654  C  CZ    . ARG A 1 132 ? -10.567 8.296   -9.068  1.00 115.01 ? 129 ARG A CZ    1 
ATOM   655  N  NH1   . ARG A 1 132 ? -11.449 7.343   -8.823  1.00 119.49 ? 129 ARG A NH1   1 
ATOM   656  N  NH2   . ARG A 1 132 ? -10.847 9.537   -8.713  1.00 109.90 ? 129 ARG A NH2   1 
ATOM   657  N  N     . THR A 1 133 ? -7.230  3.815   -12.095 1.00 65.22  ? 130 THR A N     1 
ATOM   658  C  CA    . THR A 1 133 ? -6.047  3.236   -11.406 1.00 61.49  ? 130 THR A CA    1 
ATOM   659  C  C     . THR A 1 133 ? -6.104  1.701   -11.394 1.00 55.48  ? 130 THR A C     1 
ATOM   660  O  O     . THR A 1 133 ? -7.109  1.149   -10.952 1.00 53.76  ? 130 THR A O     1 
ATOM   661  C  CB    . THR A 1 133 ? -5.935  3.819   -9.994  1.00 61.91  ? 130 THR A CB    1 
ATOM   662  O  OG1   . THR A 1 133 ? -6.019  5.240   -10.104 1.00 70.86  ? 130 THR A OG1   1 
ATOM   663  C  CG2   . THR A 1 133 ? -4.644  3.435   -9.313  1.00 62.45  ? 130 THR A CG2   1 
ATOM   664  N  N     . GLU A 1 134 ? -5.035  1.048   -11.853 1.00 54.64  ? 131 GLU A N     1 
ATOM   665  C  CA    . GLU A 1 134 ? -4.765  -0.413  -11.709 1.00 51.17  ? 131 GLU A CA    1 
ATOM   666  C  C     . GLU A 1 134 ? -3.663  -0.576  -10.653 1.00 48.13  ? 131 GLU A C     1 
ATOM   667  O  O     . GLU A 1 134 ? -2.553  -0.168  -10.916 1.00 48.94  ? 131 GLU A O     1 
ATOM   668  C  CB    . GLU A 1 134 ? -4.351  -0.968  -13.073 1.00 52.87  ? 131 GLU A CB    1 
ATOM   669  C  CG    . GLU A 1 134 ? -4.208  -2.474  -13.169 1.00 57.95  ? 131 GLU A CG    1 
ATOM   670  C  CD    . GLU A 1 134 ? -3.683  -2.896  -14.538 1.00 59.47  ? 131 GLU A CD    1 
ATOM   671  O  OE1   . GLU A 1 134 ? -4.419  -2.718  -15.540 1.00 62.79  ? 131 GLU A OE1   1 
ATOM   672  O  OE2   . GLU A 1 134 ? -2.508  -3.333  -14.618 1.00 62.65  ? 131 GLU A OE2   1 
ATOM   673  N  N     . PHE A 1 135 ? -3.978  -1.151  -9.497  1.00 47.11  ? 132 PHE A N     1 
ATOM   674  C  CA    . PHE A 1 135 ? -3.048  -1.343  -8.366  1.00 48.72  ? 132 PHE A CA    1 
ATOM   675  C  C     . PHE A 1 135 ? -2.440  -2.745  -8.405  1.00 54.43  ? 132 PHE A C     1 
ATOM   676  O  O     . PHE A 1 135 ? -3.208  -3.723  -8.574  1.00 46.45  ? 132 PHE A O     1 
ATOM   677  C  CB    . PHE A 1 135 ? -3.779  -1.218  -7.034  1.00 49.45  ? 132 PHE A CB    1 
ATOM   678  C  CG    . PHE A 1 135 ? -4.411  0.117   -6.754  1.00 55.41  ? 132 PHE A CG    1 
ATOM   679  C  CD1   . PHE A 1 135 ? -3.762  1.054   -5.959  1.00 56.21  ? 132 PHE A CD1   1 
ATOM   680  C  CD2   . PHE A 1 135 ? -5.685  0.413   -7.223  1.00 54.85  ? 132 PHE A CD2   1 
ATOM   681  C  CE1   . PHE A 1 135 ? -4.355  2.275   -5.673  1.00 55.48  ? 132 PHE A CE1   1 
ATOM   682  C  CE2   . PHE A 1 135 ? -6.277  1.634   -6.926  1.00 57.38  ? 132 PHE A CE2   1 
ATOM   683  C  CZ    . PHE A 1 135 ? -5.614  2.560   -6.150  1.00 54.82  ? 132 PHE A CZ    1 
ATOM   684  N  N     . HIS A 1 136 ? -1.124  -2.843  -8.175  1.00 48.19  ? 133 HIS A N     1 
ATOM   685  C  CA    . HIS A 1 136 ? -0.401  -4.125  -8.001  1.00 44.14  ? 133 HIS A CA    1 
ATOM   686  C  C     . HIS A 1 136 ? 0.083   -4.216  -6.570  1.00 41.40  ? 133 HIS A C     1 
ATOM   687  O  O     . HIS A 1 136 ? 0.975   -3.448  -6.228  1.00 47.42  ? 133 HIS A O     1 
ATOM   688  C  CB    . HIS A 1 136 ? 0.763   -4.225  -8.980  1.00 46.88  ? 133 HIS A CB    1 
ATOM   689  C  CG    . HIS A 1 136 ? 0.306   -4.220  -10.389 1.00 44.85  ? 133 HIS A CG    1 
ATOM   690  N  ND1   . HIS A 1 136 ? 0.443   -5.318  -11.207 1.00 46.84  ? 133 HIS A ND1   1 
ATOM   691  C  CD2   . HIS A 1 136 ? -0.345  -3.284  -11.103 1.00 50.78  ? 133 HIS A CD2   1 
ATOM   692  C  CE1   . HIS A 1 136 ? -0.049  -5.041  -12.394 1.00 45.80  ? 133 HIS A CE1   1 
ATOM   693  N  NE2   . HIS A 1 136 ? -0.555  -3.795  -12.357 1.00 47.87  ? 133 HIS A NE2   1 
ATOM   694  N  N     . PHE A 1 137 ? -0.467  -5.128  -5.777  1.00 42.18  ? 134 PHE A N     1 
ATOM   695  C  CA    . PHE A 1 137 ? -0.115  -5.251  -4.348  1.00 45.89  ? 134 PHE A CA    1 
ATOM   696  C  C     . PHE A 1 137 ? 0.735   -6.496  -4.090  1.00 46.12  ? 134 PHE A C     1 
ATOM   697  O  O     . PHE A 1 137 ? 0.528   -7.531  -4.739  1.00 47.67  ? 134 PHE A O     1 
ATOM   698  C  CB    . PHE A 1 137 ? -1.378  -5.228  -3.488  1.00 45.37  ? 134 PHE A CB    1 
ATOM   699  C  CG    . PHE A 1 137 ? -1.795  -3.829  -3.124  1.00 49.89  ? 134 PHE A CG    1 
ATOM   700  C  CD1   . PHE A 1 137 ? -1.193  -3.174  -2.061  1.00 49.67  ? 134 PHE A CD1   1 
ATOM   701  C  CD2   . PHE A 1 137 ? -2.722  -3.137  -3.898  1.00 49.05  ? 134 PHE A CD2   1 
ATOM   702  C  CE1   . PHE A 1 137 ? -1.541  -1.866  -1.744  1.00 53.79  ? 134 PHE A CE1   1 
ATOM   703  C  CE2   . PHE A 1 137 ? -3.067  -1.832  -3.585  1.00 51.79  ? 134 PHE A CE2   1 
ATOM   704  C  CZ    . PHE A 1 137 ? -2.477  -1.199  -2.506  1.00 55.41  ? 134 PHE A CZ    1 
ATOM   705  N  N     . TYR A 1 138 ? 1.636   -6.352  -3.117  1.00 44.99  ? 135 TYR A N     1 
ATOM   706  C  CA    . TYR A 1 138 ? 2.485   -7.402  -2.519  1.00 43.39  ? 135 TYR A CA    1 
ATOM   707  C  C     . TYR A 1 138 ? 2.321   -7.319  -1.012  1.00 41.86  ? 135 TYR A C     1 
ATOM   708  O  O     . TYR A 1 138 ? 2.081   -6.230  -0.498  1.00 43.75  ? 135 TYR A O     1 
ATOM   709  C  CB    . TYR A 1 138 ? 3.944   -7.194  -2.928  1.00 44.05  ? 135 TYR A CB    1 
ATOM   710  C  CG    . TYR A 1 138 ? 4.122   -7.258  -4.419  1.00 42.76  ? 135 TYR A CG    1 
ATOM   711  C  CD1   . TYR A 1 138 ? 4.389   -8.462  -5.049  1.00 44.95  ? 135 TYR A CD1   1 
ATOM   712  C  CD2   . TYR A 1 138 ? 3.922   -6.141  -5.210  1.00 43.93  ? 135 TYR A CD2   1 
ATOM   713  C  CE1   . TYR A 1 138 ? 4.488   -8.550  -6.425  1.00 43.54  ? 135 TYR A CE1   1 
ATOM   714  C  CE2   . TYR A 1 138 ? 4.030   -6.206  -6.589  1.00 47.84  ? 135 TYR A CE2   1 
ATOM   715  C  CZ    . TYR A 1 138 ? 4.304   -7.418  -7.198  1.00 49.36  ? 135 TYR A CZ    1 
ATOM   716  O  OH    . TYR A 1 138 ? 4.402   -7.479  -8.553  1.00 51.47  ? 135 TYR A OH    1 
ATOM   717  N  N     . GLU A 1 139 ? 2.358   -8.475  -0.364  1.00 43.68  ? 136 GLU A N     1 
ATOM   718  C  CA    . GLU A 1 139 ? 2.516   -8.654  1.099   1.00 48.19  ? 136 GLU A CA    1 
ATOM   719  C  C     . GLU A 1 139 ? 4.012   -8.499  1.399   1.00 54.26  ? 136 GLU A C     1 
ATOM   720  O  O     . GLU A 1 139 ? 4.832   -9.108  0.690   1.00 49.53  ? 136 GLU A O     1 
ATOM   721  C  CB    . GLU A 1 139 ? 1.971   -10.028 1.485   1.00 48.98  ? 136 GLU A CB    1 
ATOM   722  C  CG    . GLU A 1 139 ? 1.718   -10.268 2.971   1.00 56.48  ? 136 GLU A CG    1 
ATOM   723  C  CD    . GLU A 1 139 ? 1.232   -11.684 3.306   1.00 65.32  ? 136 GLU A CD    1 
ATOM   724  O  OE1   . GLU A 1 139 ? 1.875   -12.361 4.179   1.00 64.71  ? 136 GLU A OE1   1 
ATOM   725  O  OE2   . GLU A 1 139 ? 0.222   -12.135 2.680   1.00 57.46  ? 136 GLU A OE2   1 
ATOM   726  N  N     . LEU A 1 140 ? 4.354   -7.671  2.379   1.00 55.57  ? 137 LEU A N     1 
ATOM   727  C  CA    . LEU A 1 140 ? 5.740   -7.511  2.875   1.00 58.47  ? 137 LEU A CA    1 
ATOM   728  C  C     . LEU A 1 140 ? 5.768   -7.932  4.349   1.00 56.30  ? 137 LEU A C     1 
ATOM   729  O  O     . LEU A 1 140 ? 4.843   -7.551  5.074   1.00 57.34  ? 137 LEU A O     1 
ATOM   730  C  CB    . LEU A 1 140 ? 6.127   -6.047  2.653   1.00 60.90  ? 137 LEU A CB    1 
ATOM   731  C  CG    . LEU A 1 140 ? 7.502   -5.615  3.156   1.00 61.64  ? 137 LEU A CG    1 
ATOM   732  C  CD1   . LEU A 1 140 ? 8.142   -4.643  2.167   1.00 61.94  ? 137 LEU A CD1   1 
ATOM   733  C  CD2   . LEU A 1 140 ? 7.400   -4.988  4.538   1.00 66.20  ? 137 LEU A CD2   1 
ATOM   734  N  N     . GLU A 1 141 ? 6.750   -8.741  4.752   1.00 58.15  ? 138 GLU A N     1 
ATOM   735  C  CA    . GLU A 1 141 ? 7.071   -8.994  6.182   1.00 58.30  ? 138 GLU A CA    1 
ATOM   736  C  C     . GLU A 1 141 ? 7.952   -7.842  6.638   1.00 53.78  ? 138 GLU A C     1 
ATOM   737  O  O     . GLU A 1 141 ? 8.959   -7.584  5.984   1.00 52.25  ? 138 GLU A O     1 
ATOM   738  C  CB    . GLU A 1 141 ? 7.797   -10.320 6.399   1.00 64.34  ? 138 GLU A CB    1 
ATOM   739  C  CG    . GLU A 1 141 ? 7.819   -10.748 7.855   1.00 73.03  ? 138 GLU A CG    1 
ATOM   740  C  CD    . GLU A 1 141 ? 8.523   -12.068 8.130   1.00 84.01  ? 138 GLU A CD    1 
ATOM   741  O  OE1   . GLU A 1 141 ? 8.903   -12.295 9.295   1.00 94.49  ? 138 GLU A OE1   1 
ATOM   742  O  OE2   . GLU A 1 141 ? 8.688   -12.873 7.185   1.00 93.79  ? 138 GLU A OE2   1 
ATOM   743  N  N     . ILE A 1 142 ? 7.533   -7.130  7.673   1.00 57.58  ? 139 ILE A N     1 
ATOM   744  C  CA    . ILE A 1 142 ? 8.283   -5.955  8.195   1.00 60.36  ? 139 ILE A CA    1 
ATOM   745  C  C     . ILE A 1 142 ? 9.552   -6.486  8.845   1.00 58.70  ? 139 ILE A C     1 
ATOM   746  O  O     . ILE A 1 142 ? 9.447   -7.404  9.673   1.00 59.11  ? 139 ILE A O     1 
ATOM   747  C  CB    . ILE A 1 142 ? 7.455   -5.141  9.192   1.00 61.20  ? 139 ILE A CB    1 
ATOM   748  C  CG1   . ILE A 1 142 ? 6.194   -4.579  8.537   1.00 68.74  ? 139 ILE A CG1   1 
ATOM   749  C  CG2   . ILE A 1 142 ? 8.317   -4.050  9.805   1.00 65.25  ? 139 ILE A CG2   1 
ATOM   750  C  CD1   . ILE A 1 142 ? 5.116   -4.193  9.518   1.00 71.13  ? 139 ILE A CD1   1 
ATOM   751  N  N     . GLU A 1 143 ? 10.701  -5.961  8.445   1.00 56.30  ? 140 GLU A N     1 
ATOM   752  C  CA    . GLU A 1 143 ? 11.974  -6.285  9.128   1.00 62.86  ? 140 GLU A CA    1 
ATOM   753  C  C     . GLU A 1 143 ? 12.413  -5.074  9.952   1.00 65.24  ? 140 GLU A C     1 
ATOM   754  O  O     . GLU A 1 143 ? 13.002  -5.272  11.017  1.00 64.88  ? 140 GLU A O     1 
ATOM   755  C  CB    . GLU A 1 143 ? 13.001  -6.731  8.099   1.00 61.39  ? 140 GLU A CB    1 
ATOM   756  C  CG    . GLU A 1 143 ? 12.589  -8.008  7.407   1.00 66.27  ? 140 GLU A CG    1 
ATOM   757  C  CD    . GLU A 1 143 ? 13.393  -8.301  6.155   1.00 75.09  ? 140 GLU A CD    1 
ATOM   758  O  OE1   . GLU A 1 143 ? 14.265  -7.474  5.812   1.00 77.72  ? 140 GLU A OE1   1 
ATOM   759  O  OE2   . GLU A 1 143 ? 13.130  -9.343  5.514   1.00 86.61  ? 140 GLU A OE2   1 
ATOM   760  N  N     . ASN A 1 144 ? 12.091  -3.862  9.515   1.00 63.83  ? 141 ASN A N     1 
ATOM   761  C  CA    . ASN A 1 144 ? 12.503  -2.665  10.279  1.00 69.54  ? 141 ASN A CA    1 
ATOM   762  C  C     . ASN A 1 144 ? 11.611  -1.476  9.913   1.00 63.56  ? 141 ASN A C     1 
ATOM   763  O  O     . ASN A 1 144 ? 11.315  -1.271  8.720   1.00 61.84  ? 141 ASN A O     1 
ATOM   764  C  CB    . ASN A 1 144 ? 13.995  -2.389  10.059  1.00 78.07  ? 141 ASN A CB    1 
ATOM   765  C  CG    . ASN A 1 144 ? 14.665  -1.668  11.213  1.00 75.90  ? 141 ASN A CG    1 
ATOM   766  O  OD1   . ASN A 1 144 ? 14.126  -1.597  12.316  1.00 72.42  ? 141 ASN A OD1   1 
ATOM   767  N  ND2   . ASN A 1 144 ? 15.843  -1.122  10.955  1.00 77.92  ? 141 ASN A ND2   1 
ATOM   768  N  N     . LEU A 1 145 ? 11.212  -0.735  10.940  1.00 60.66  ? 142 LEU A N     1 
ATOM   769  C  CA    . LEU A 1 145 ? 10.544  0.581   10.844  1.00 64.92  ? 142 LEU A CA    1 
ATOM   770  C  C     . LEU A 1 145 ? 11.534  1.640   11.311  1.00 66.11  ? 142 LEU A C     1 
ATOM   771  O  O     . LEU A 1 145 ? 11.977  1.581   12.469  1.00 65.78  ? 142 LEU A O     1 
ATOM   772  C  CB    . LEU A 1 145 ? 9.300   0.588   11.738  1.00 69.30  ? 142 LEU A CB    1 
ATOM   773  C  CG    . LEU A 1 145 ? 8.165   -0.343  11.316  1.00 69.35  ? 142 LEU A CG    1 
ATOM   774  C  CD1   . LEU A 1 145 ? 7.046   -0.302  12.340  1.00 70.37  ? 142 LEU A CD1   1 
ATOM   775  C  CD2   . LEU A 1 145 ? 7.647   0.023   9.932   1.00 70.03  ? 142 LEU A CD2   1 
ATOM   776  N  N     . LEU A 1 146 ? 11.887  2.564   10.438  1.00 66.18  ? 143 LEU A N     1 
ATOM   777  C  CA    . LEU A 1 146 ? 12.933  3.547   10.764  1.00 63.98  ? 143 LEU A CA    1 
ATOM   778  C  C     . LEU A 1 146 ? 12.203  4.785   11.262  1.00 69.13  ? 143 LEU A C     1 
ATOM   779  O  O     . LEU A 1 146 ? 11.140  5.079   10.697  1.00 62.41  ? 143 LEU A O     1 
ATOM   780  C  CB    . LEU A 1 146 ? 13.797  3.779   9.518   1.00 65.01  ? 143 LEU A CB    1 
ATOM   781  C  CG    . LEU A 1 146 ? 14.792  2.656   9.199   1.00 63.23  ? 143 LEU A CG    1 
ATOM   782  C  CD1   . LEU A 1 146 ? 15.728  2.403   10.374  1.00 66.85  ? 143 LEU A CD1   1 
ATOM   783  C  CD2   . LEU A 1 146 ? 14.094  1.352   8.826   1.00 64.06  ? 143 LEU A CD2   1 
ATOM   784  N  N     . ASP A 1 147 ? 12.725  5.441   12.302  1.00 74.22  ? 144 ASP A N     1 
ATOM   785  C  CA    . ASP A 1 147 ? 12.093  6.645   12.908  1.00 76.69  ? 144 ASP A CA    1 
ATOM   786  C  C     . ASP A 1 147 ? 12.126  7.817   11.926  1.00 69.99  ? 144 ASP A C     1 
ATOM   787  O  O     . ASP A 1 147 ? 11.324  8.736   12.112  1.00 86.21  ? 144 ASP A O     1 
ATOM   788  C  CB    . ASP A 1 147 ? 12.748  7.033   14.233  1.00 85.83  ? 144 ASP A CB    1 
ATOM   789  C  CG    . ASP A 1 147 ? 12.430  6.066   15.363  1.00 98.67  ? 144 ASP A CG    1 
ATOM   790  O  OD1   . ASP A 1 147 ? 11.244  5.705   15.514  1.00 107.95 ? 144 ASP A OD1   1 
ATOM   791  O  OD2   . ASP A 1 147 ? 13.374  5.668   16.075  1.00 105.40 ? 144 ASP A OD2   1 
ATOM   792  N  N     . LYS A 1 148 ? 12.995  7.791   10.917  1.00 69.70  ? 145 LYS A N     1 
ATOM   793  C  CA    . LYS A 1 148 ? 13.133  8.897   9.934   1.00 71.35  ? 145 LYS A CA    1 
ATOM   794  C  C     . LYS A 1 148 ? 12.998  8.320   8.519   1.00 68.21  ? 145 LYS A C     1 
ATOM   795  O  O     . LYS A 1 148 ? 13.557  7.239   8.283   1.00 78.21  ? 145 LYS A O     1 
ATOM   796  C  CB    . LYS A 1 148 ? 14.476  9.580   10.202  1.00 78.83  ? 145 LYS A CB    1 
ATOM   797  C  CG    . LYS A 1 148 ? 14.947  10.574  9.152   1.00 87.88  ? 145 LYS A CG    1 
ATOM   798  C  CD    . LYS A 1 148 ? 16.459  10.742  9.141   1.00 94.00  ? 145 LYS A CD    1 
ATOM   799  C  CE    . LYS A 1 148 ? 16.901  12.151  8.807   1.00 96.10  ? 145 LYS A CE    1 
ATOM   800  N  NZ    . LYS A 1 148 ? 16.227  12.676  7.596   1.00 94.74  ? 145 LYS A NZ    1 
ATOM   801  N  N     . PHE A 1 149 ? 12.265  9.000   7.628   1.00 68.48  ? 146 PHE A N     1 
ATOM   802  C  CA    . PHE A 1 149 ? 12.002  8.571   6.225   1.00 61.77  ? 146 PHE A CA    1 
ATOM   803  C  C     . PHE A 1 149 ? 11.459  9.774   5.464   1.00 62.67  ? 146 PHE A C     1 
ATOM   804  O  O     . PHE A 1 149 ? 11.012  10.746  6.074   1.00 66.02  ? 146 PHE A O     1 
ATOM   805  C  CB    . PHE A 1 149 ? 11.075  7.350   6.195   1.00 61.74  ? 146 PHE A CB    1 
ATOM   806  C  CG    . PHE A 1 149 ? 9.745   7.555   6.877   1.00 60.84  ? 146 PHE A CG    1 
ATOM   807  C  CD1   . PHE A 1 149 ? 8.651   8.028   6.163   1.00 61.60  ? 146 PHE A CD1   1 
ATOM   808  C  CD2   . PHE A 1 149 ? 9.593   7.293   8.231   1.00 61.22  ? 146 PHE A CD2   1 
ATOM   809  C  CE1   . PHE A 1 149 ? 7.433   8.233   6.790   1.00 57.53  ? 146 PHE A CE1   1 
ATOM   810  C  CE2   . PHE A 1 149 ? 8.371   7.489   8.856   1.00 60.93  ? 146 PHE A CE2   1 
ATOM   811  C  CZ    . PHE A 1 149 ? 7.294   7.950   8.131   1.00 63.16  ? 146 PHE A CZ    1 
ATOM   812  N  N     . PRO A 1 150 ? 11.538  9.790   4.118   1.00 59.87  ? 147 PRO A N     1 
ATOM   813  C  CA    . PRO A 1 150 ? 11.258  11.013  3.366   1.00 63.22  ? 147 PRO A CA    1 
ATOM   814  C  C     . PRO A 1 150 ? 9.994   11.774  3.813   1.00 71.15  ? 147 PRO A C     1 
ATOM   815  O  O     . PRO A 1 150 ? 10.068  12.972  3.927   1.00 73.66  ? 147 PRO A O     1 
ATOM   816  C  CB    . PRO A 1 150 ? 11.175  10.520  1.915   1.00 59.30  ? 147 PRO A CB    1 
ATOM   817  C  CG    . PRO A 1 150 ? 12.104  9.317   1.890   1.00 59.59  ? 147 PRO A CG    1 
ATOM   818  C  CD    . PRO A 1 150 ? 11.987  8.683   3.262   1.00 57.56  ? 147 PRO A CD    1 
ATOM   819  N  N     . GLU A 1 151 ? 8.879   11.092  4.077   1.00 72.49  ? 148 GLU A N     1 
ATOM   820  C  CA    . GLU A 1 151 ? 7.561   11.757  4.285   1.00 71.64  ? 148 GLU A CA    1 
ATOM   821  C  C     . GLU A 1 151 ? 7.177   11.734  5.772   1.00 70.11  ? 148 GLU A C     1 
ATOM   822  O  O     . GLU A 1 151 ? 5.984   11.876  6.056   1.00 70.08  ? 148 GLU A O     1 
ATOM   823  C  CB    . GLU A 1 151 ? 6.526   11.085  3.381   1.00 72.17  ? 148 GLU A CB    1 
ATOM   824  C  CG    . GLU A 1 151 ? 6.947   11.091  1.925   1.00 68.59  ? 148 GLU A CG    1 
ATOM   825  C  CD    . GLU A 1 151 ? 5.836   10.850  0.925   1.00 72.49  ? 148 GLU A CD    1 
ATOM   826  O  OE1   . GLU A 1 151 ? 4.809   10.278  1.313   1.00 74.05  ? 148 GLU A OE1   1 
ATOM   827  O  OE2   . GLU A 1 151 ? 6.003   11.253  -0.241  1.00 79.74  ? 148 GLU A OE2   1 
ATOM   828  N  N     . CYS A 1 152 ? 8.149   11.616  6.685   1.00 66.58  ? 149 CYS A N     1 
ATOM   829  C  CA    . CYS A 1 152 ? 7.902   11.384  8.131   1.00 73.27  ? 149 CYS A CA    1 
ATOM   830  C  C     . CYS A 1 152 ? 7.286   12.637  8.761   1.00 77.53  ? 149 CYS A C     1 
ATOM   831  O  O     . CYS A 1 152 ? 6.772   12.517  9.890   1.00 72.01  ? 149 CYS A O     1 
ATOM   832  C  CB    . CYS A 1 152 ? 9.157   10.929  8.882   1.00 84.00  ? 149 CYS A CB    1 
ATOM   833  S  SG    . CYS A 1 152 ? 10.320  12.236  9.370   1.00 80.78  ? 149 CYS A SG    1 
ATOM   834  N  N     . HIS A 1 153 ? 7.301   13.780  8.065   1.00 74.42  ? 150 HIS A N     1 
ATOM   835  C  CA    . HIS A 1 153 ? 6.729   15.043  8.597   1.00 87.34  ? 150 HIS A CA    1 
ATOM   836  C  C     . HIS A 1 153 ? 5.332   15.286  8.018   1.00 87.65  ? 150 HIS A C     1 
ATOM   837  O  O     . HIS A 1 153 ? 4.562   16.003  8.679   1.00 77.55  ? 150 HIS A O     1 
ATOM   838  C  CB    . HIS A 1 153 ? 7.717   16.204  8.422   1.00 96.54  ? 150 HIS A CB    1 
ATOM   839  C  CG    . HIS A 1 153 ? 8.919   16.054  9.299   1.00 107.36 ? 150 HIS A CG    1 
ATOM   840  N  ND1   . HIS A 1 153 ? 8.840   16.112  10.686  1.00 107.41 ? 150 HIS A ND1   1 
ATOM   841  C  CD2   . HIS A 1 153 ? 10.215  15.805  9.006   1.00 105.99 ? 150 HIS A CD2   1 
ATOM   842  C  CE1   . HIS A 1 153 ? 10.037  15.926  11.202  1.00 105.87 ? 150 HIS A CE1   1 
ATOM   843  N  NE2   . HIS A 1 153 ? 10.899  15.736  10.192  1.00 106.37 ? 150 HIS A NE2   1 
ATOM   844  N  N     . LYS A 1 154 ? 4.974   14.659  6.895   1.00 89.43  ? 151 LYS A N     1 
ATOM   845  C  CA    . LYS A 1 154 ? 3.659   14.905  6.244   1.00 85.69  ? 151 LYS A CA    1 
ATOM   846  C  C     . LYS A 1 154 ? 2.727   13.683  6.389   1.00 77.05  ? 151 LYS A C     1 
ATOM   847  O  O     . LYS A 1 154 ? 1.697   13.666  5.702   1.00 87.02  ? 151 LYS A O     1 
ATOM   848  C  CB    . LYS A 1 154 ? 3.901   15.392  4.808   1.00 85.93  ? 151 LYS A CB    1 
ATOM   849  C  CG    . LYS A 1 154 ? 3.799   14.373  3.678   1.00 90.33  ? 151 LYS A CG    1 
ATOM   850  C  CD    . LYS A 1 154 ? 3.867   15.030  2.304   1.00 94.03  ? 151 LYS A CD    1 
ATOM   851  C  CE    . LYS A 1 154 ? 3.495   14.113  1.157   1.00 95.28  ? 151 LYS A CE    1 
ATOM   852  N  NZ    . LYS A 1 154 ? 4.313   14.385  -0.048  1.00 97.07  ? 151 LYS A NZ    1 
ATOM   853  N  N     . ARG A 1 155 ? 3.006   12.748  7.308   1.00 69.25  ? 152 ARG A N     1 
ATOM   854  C  CA    . ARG A 1 155 ? 2.260   11.462  7.435   1.00 71.40  ? 152 ARG A CA    1 
ATOM   855  C  C     . ARG A 1 155 ? 2.475   10.836  8.815   1.00 71.96  ? 152 ARG A C     1 
ATOM   856  O  O     . ARG A 1 155 ? 3.645   10.678  9.220   1.00 79.02  ? 152 ARG A O     1 
ATOM   857  C  CB    . ARG A 1 155 ? 2.733   10.416  6.417   1.00 74.80  ? 152 ARG A CB    1 
ATOM   858  C  CG    . ARG A 1 155 ? 2.138   10.549  5.022   1.00 67.27  ? 152 ARG A CG    1 
ATOM   859  C  CD    . ARG A 1 155 ? 2.451   9.336   4.177   1.00 58.30  ? 152 ARG A CD    1 
ATOM   860  N  NE    . ARG A 1 155 ? 2.511   9.687   2.767   1.00 60.73  ? 152 ARG A NE    1 
ATOM   861  C  CZ    . ARG A 1 155 ? 1.458   9.818   1.964   1.00 63.35  ? 152 ARG A CZ    1 
ATOM   862  N  NH1   . ARG A 1 155 ? 0.232   9.630   2.434   1.00 65.86  ? 152 ARG A NH1   1 
ATOM   863  N  NH2   . ARG A 1 155 ? 1.635   10.147  0.692   1.00 59.97  ? 152 ARG A NH2   1 
ATOM   864  N  N     . HIS A 1 156 ? 1.387   10.446  9.483   1.00 64.08  ? 153 HIS A N     1 
ATOM   865  C  CA    . HIS A 1 156 ? 1.439   9.607   10.704  1.00 69.16  ? 153 HIS A CA    1 
ATOM   866  C  C     . HIS A 1 156 ? 1.454   8.164   10.226  1.00 65.21  ? 153 HIS A C     1 
ATOM   867  O  O     . HIS A 1 156 ? 1.138   7.935   9.057   1.00 65.22  ? 153 HIS A O     1 
ATOM   868  C  CB    . HIS A 1 156 ? 0.289   9.913   11.672  1.00 75.49  ? 153 HIS A CB    1 
ATOM   869  C  CG    . HIS A 1 156 ? 0.146   11.368  11.979  1.00 87.81  ? 153 HIS A CG    1 
ATOM   870  N  ND1   . HIS A 1 156 ? 0.677   11.936  13.124  1.00 89.74  ? 153 HIS A ND1   1 
ATOM   871  C  CD2   . HIS A 1 156 ? -0.430  12.376  11.282  1.00 91.92  ? 153 HIS A CD2   1 
ATOM   872  C  CE1   . HIS A 1 156 ? 0.420   13.232  13.124  1.00 98.74  ? 153 HIS A CE1   1 
ATOM   873  N  NE2   . HIS A 1 156 ? -0.258  13.529  12.001  1.00 93.87  ? 153 HIS A NE2   1 
ATOM   874  N  N     . ARG A 1 157 ? 1.813   7.240   11.101  1.00 62.94  ? 154 ARG A N     1 
ATOM   875  C  CA    . ARG A 1 157 ? 2.021   5.834   10.721  1.00 66.13  ? 154 ARG A CA    1 
ATOM   876  C  C     . ARG A 1 157 ? 1.788   4.996   11.969  1.00 69.02  ? 154 ARG A C     1 
ATOM   877  O  O     . ARG A 1 157 ? 2.257   5.409   13.047  1.00 72.77  ? 154 ARG A O     1 
ATOM   878  C  CB    . ARG A 1 157 ? 3.425   5.675   10.131  1.00 68.24  ? 154 ARG A CB    1 
ATOM   879  C  CG    . ARG A 1 157 ? 4.098   4.363   10.491  1.00 70.26  ? 154 ARG A CG    1 
ATOM   880  C  CD    . ARG A 1 157 ? 5.540   4.358   10.044  1.00 71.61  ? 154 ARG A CD    1 
ATOM   881  N  NE    . ARG A 1 157 ? 6.452   4.181   11.164  1.00 71.30  ? 154 ARG A NE    1 
ATOM   882  C  CZ    . ARG A 1 157 ? 7.780   4.257   11.087  1.00 69.94  ? 154 ARG A CZ    1 
ATOM   883  N  NH1   . ARG A 1 157 ? 8.385   4.491   9.933   1.00 63.53  ? 154 ARG A NH1   1 
ATOM   884  N  NH2   . ARG A 1 157 ? 8.501   4.081   12.177  1.00 70.34  ? 154 ARG A NH2   1 
ATOM   885  N  N     . LYS A 1 158 ? 1.070   3.883   11.827  1.00 65.73  ? 155 LYS A N     1 
ATOM   886  C  CA    . LYS A 1 158 ? 0.747   3.018   12.977  1.00 64.15  ? 155 LYS A CA    1 
ATOM   887  C  C     . LYS A 1 158 ? 0.327   1.626   12.512  1.00 58.31  ? 155 LYS A C     1 
ATOM   888  O  O     . LYS A 1 158 ? -0.236  1.476   11.409  1.00 57.61  ? 155 LYS A O     1 
ATOM   889  C  CB    . LYS A 1 158 ? -0.343  3.668   13.830  1.00 70.53  ? 155 LYS A CB    1 
ATOM   890  C  CG    . LYS A 1 158 ? -0.413  3.133   15.249  1.00 74.56  ? 155 LYS A CG    1 
ATOM   891  C  CD    . LYS A 1 158 ? -1.611  3.634   15.994  1.00 80.50  ? 155 LYS A CD    1 
ATOM   892  C  CE    . LYS A 1 158 ? -1.917  2.783   17.204  1.00 86.78  ? 155 LYS A CE    1 
ATOM   893  N  NZ    . LYS A 1 158 ? -2.623  3.570   18.241  1.00 94.48  ? 155 LYS A NZ    1 
ATOM   894  N  N     . LEU A 1 159 ? 0.623   0.661   13.368  1.00 56.05  ? 156 LEU A N     1 
ATOM   895  C  CA    . LEU A 1 159 ? 0.187   -0.742  13.266  1.00 63.00  ? 156 LEU A CA    1 
ATOM   896  C  C     . LEU A 1 159 ? -1.261  -0.818  13.725  1.00 71.99  ? 156 LEU A C     1 
ATOM   897  O  O     . LEU A 1 159 ? -1.657  0.029   14.576  1.00 69.19  ? 156 LEU A O     1 
ATOM   898  C  CB    . LEU A 1 159 ? 1.098   -1.604  14.142  1.00 66.54  ? 156 LEU A CB    1 
ATOM   899  C  CG    . LEU A 1 159 ? 2.554   -1.689  13.678  1.00 71.78  ? 156 LEU A CG    1 
ATOM   900  C  CD1   . LEU A 1 159 ? 3.350   -2.672  14.525  1.00 72.36  ? 156 LEU A CD1   1 
ATOM   901  C  CD2   . LEU A 1 159 ? 2.631   -2.085  12.211  1.00 73.02  ? 156 LEU A CD2   1 
ATOM   902  N  N     . TYR A 1 160 ? -1.993  -1.787  13.165  1.00 69.63  ? 157 TYR A N     1 
ATOM   903  C  CA    . TYR A 1 160 ? -3.432  -2.051  13.412  1.00 64.17  ? 157 TYR A CA    1 
ATOM   904  C  C     . TYR A 1 160 ? -3.725  -3.543  13.258  1.00 62.26  ? 157 TYR A C     1 
ATOM   905  O  O     . TYR A 1 160 ? -3.216  -4.150  12.302  1.00 59.89  ? 157 TYR A O     1 
ATOM   906  C  CB    . TYR A 1 160 ? -4.280  -1.258  12.424  1.00 61.58  ? 157 TYR A CB    1 
ATOM   907  C  CG    . TYR A 1 160 ? -4.383  0.211   12.729  1.00 59.11  ? 157 TYR A CG    1 
ATOM   908  C  CD1   . TYR A 1 160 ? -5.029  0.666   13.867  1.00 63.72  ? 157 TYR A CD1   1 
ATOM   909  C  CD2   . TYR A 1 160 ? -3.885  1.149   11.851  1.00 64.45  ? 157 TYR A CD2   1 
ATOM   910  C  CE1   . TYR A 1 160 ? -5.161  2.019   14.129  1.00 62.71  ? 157 TYR A CE1   1 
ATOM   911  C  CE2   . TYR A 1 160 ? -4.010  2.505   12.092  1.00 63.85  ? 157 TYR A CE2   1 
ATOM   912  C  CZ    . TYR A 1 160 ? -4.654  2.939   13.231  1.00 61.07  ? 157 TYR A CZ    1 
ATOM   913  O  OH    . TYR A 1 160 ? -4.744  4.276   13.461  1.00 66.53  ? 157 TYR A OH    1 
ATOM   914  N  N     . SER A 1 161 ? -4.525  -4.099  14.172  1.00 64.11  ? 158 SER A N     1 
ATOM   915  C  CA    . SER A 1 161 ? -5.171  -5.433  14.045  1.00 67.61  ? 158 SER A CA    1 
ATOM   916  C  C     . SER A 1 161 ? -6.046  -5.442  12.781  1.00 60.28  ? 158 SER A C     1 
ATOM   917  O  O     . SER A 1 161 ? -6.392  -4.326  12.268  1.00 46.81  ? 158 SER A O     1 
ATOM   918  C  CB    . SER A 1 161 ? -5.991  -5.775  15.270  1.00 71.58  ? 158 SER A CB    1 
ATOM   919  O  OG    . SER A 1 161 ? -7.205  -5.027  15.288  1.00 77.33  ? 158 SER A OG    1 
ATOM   920  N  N     . TYR A 1 162 ? -6.407  -6.632  12.289  1.00 58.58  ? 159 TYR A N     1 
ATOM   921  C  CA    . TYR A 1 162 ? -7.225  -6.765  11.053  1.00 58.22  ? 159 TYR A CA    1 
ATOM   922  C  C     . TYR A 1 162 ? -8.510  -5.932  11.162  1.00 57.03  ? 159 TYR A C     1 
ATOM   923  O  O     . TYR A 1 162 ? -8.843  -5.168  10.237  1.00 62.05  ? 159 TYR A O     1 
ATOM   924  C  CB    . TYR A 1 162 ? -7.583  -8.217  10.760  1.00 61.31  ? 159 TYR A CB    1 
ATOM   925  C  CG    . TYR A 1 162 ? -8.587  -8.280  9.644   1.00 61.16  ? 159 TYR A CG    1 
ATOM   926  C  CD1   . TYR A 1 162 ? -8.220  -7.982  8.345   1.00 57.39  ? 159 TYR A CD1   1 
ATOM   927  C  CD2   . TYR A 1 162 ? -9.922  -8.524  9.906   1.00 66.62  ? 159 TYR A CD2   1 
ATOM   928  C  CE1   . TYR A 1 162 ? -9.150  -7.971  7.320   1.00 64.90  ? 159 TYR A CE1   1 
ATOM   929  C  CE2   . TYR A 1 162 ? -10.863 -8.541  8.889   1.00 66.40  ? 159 TYR A CE2   1 
ATOM   930  C  CZ    . TYR A 1 162 ? -10.476 -8.262  7.592   1.00 65.33  ? 159 TYR A CZ    1 
ATOM   931  O  OH    . TYR A 1 162 ? -11.403 -8.253  6.594   1.00 58.67  ? 159 TYR A OH    1 
ATOM   932  N  N     . THR A 1 163 ? -9.190  -6.038  12.303  1.00 62.52  ? 160 THR A N     1 
ATOM   933  C  CA    . THR A 1 163 ? -10.509 -5.403  12.581  1.00 65.07  ? 160 THR A CA    1 
ATOM   934  C  C     . THR A 1 163 ? -10.438 -3.872  12.452  1.00 63.61  ? 160 THR A C     1 
ATOM   935  O  O     . THR A 1 163 ? -11.310 -3.302  11.760  1.00 55.19  ? 160 THR A O     1 
ATOM   936  C  CB    . THR A 1 163 ? -11.011 -5.866  13.953  1.00 68.71  ? 160 THR A CB    1 
ATOM   937  O  OG1   . THR A 1 163 ? -10.924 -7.295  13.965  1.00 73.30  ? 160 THR A OG1   1 
ATOM   938  C  CG2   . THR A 1 163 ? -12.421 -5.404  14.245  1.00 70.11  ? 160 THR A CG2   1 
ATOM   939  N  N     . GLU A 1 164 ? -9.443  -3.217  13.067  1.00 67.31  ? 161 GLU A N     1 
ATOM   940  C  CA    . GLU A 1 164 ? -9.337  -1.724  13.089  1.00 69.51  ? 161 GLU A CA    1 
ATOM   941  C  C     . GLU A 1 164 ? -8.983  -1.209  11.691  1.00 57.62  ? 161 GLU A C     1 
ATOM   942  O  O     . GLU A 1 164 ? -9.488  -0.146  11.272  1.00 55.87  ? 161 GLU A O     1 
ATOM   943  C  CB    . GLU A 1 164 ? -8.273  -1.261  14.084  1.00 83.47  ? 161 GLU A CB    1 
ATOM   944  C  CG    . GLU A 1 164 ? -8.408  -1.867  15.474  1.00 97.36  ? 161 GLU A CG    1 
ATOM   945  C  CD    . GLU A 1 164 ? -7.389  -1.338  16.471  1.00 110.25 ? 161 GLU A CD    1 
ATOM   946  O  OE1   . GLU A 1 164 ? -6.328  -1.994  16.627  1.00 108.31 ? 161 GLU A OE1   1 
ATOM   947  O  OE2   . GLU A 1 164 ? -7.652  -0.264  17.080  1.00 107.04 ? 161 GLU A OE2   1 
ATOM   948  N  N     . ALA A 1 165 ? -8.123  -1.968  11.013  1.00 59.10  ? 162 ALA A N     1 
ATOM   949  C  CA    . ALA A 1 165 ? -7.634  -1.727  9.638   1.00 56.52  ? 162 ALA A CA    1 
ATOM   950  C  C     . ALA A 1 165 ? -8.815  -1.741  8.659   1.00 52.42  ? 162 ALA A C     1 
ATOM   951  O  O     . ALA A 1 165 ? -8.916  -0.809  7.816   1.00 55.92  ? 162 ALA A O     1 
ATOM   952  C  CB    . ALA A 1 165 ? -6.603  -2.788  9.303   1.00 51.75  ? 162 ALA A CB    1 
ATOM   953  N  N     . LYS A 1 166 ? -9.666  -2.770  8.748   1.00 51.92  ? 163 LYS A N     1 
ATOM   954  C  CA    . LYS A 1 166 ? -10.896 -2.907  7.911   1.00 55.36  ? 163 LYS A CA    1 
ATOM   955  C  C     . LYS A 1 166 ? -11.784 -1.672  8.116   1.00 53.55  ? 163 LYS A C     1 
ATOM   956  O  O     . LYS A 1 166 ? -12.146 -1.017  7.104   1.00 51.85  ? 163 LYS A O     1 
ATOM   957  C  CB    . LYS A 1 166 ? -11.593 -4.219  8.275   1.00 63.10  ? 163 LYS A CB    1 
ATOM   958  C  CG    . LYS A 1 166 ? -12.920 -4.480  7.583   1.00 74.37  ? 163 LYS A CG    1 
ATOM   959  C  CD    . LYS A 1 166 ? -13.570 -5.787  8.025   1.00 83.88  ? 163 LYS A CD    1 
ATOM   960  C  CE    . LYS A 1 166 ? -14.584 -6.328  7.032   1.00 94.90  ? 163 LYS A CE    1 
ATOM   961  N  NZ    . LYS A 1 166 ? -15.963 -5.841  7.288   1.00 99.84  ? 163 LYS A NZ    1 
ATOM   962  N  N     . GLN A 1 167 ? -12.040 -1.289  9.375   1.00 56.37  ? 164 GLN A N     1 
ATOM   963  C  CA    . GLN A 1 167 ? -12.865 -0.092  9.686   1.00 57.64  ? 164 GLN A CA    1 
ATOM   964  C  C     . GLN A 1 167 ? -12.207 1.156   9.100   1.00 55.59  ? 164 GLN A C     1 
ATOM   965  O  O     . GLN A 1 167 ? -12.931 1.956   8.453   1.00 53.51  ? 164 GLN A O     1 
ATOM   966  C  CB    . GLN A 1 167 ? -13.117 0.086   11.187  1.00 68.06  ? 164 GLN A CB    1 
ATOM   967  C  CG    . GLN A 1 167 ? -14.289 1.023   11.490  1.00 73.31  ? 164 GLN A CG    1 
ATOM   968  C  CD    . GLN A 1 167 ? -15.581 0.634   10.795  1.00 76.52  ? 164 GLN A CD    1 
ATOM   969  O  OE1   . GLN A 1 167 ? -16.033 -0.511  10.862  1.00 66.62  ? 164 GLN A OE1   1 
ATOM   970  N  NE2   . GLN A 1 167 ? -16.202 1.588   10.114  1.00 78.09  ? 164 GLN A NE2   1 
ATOM   971  N  N     . ASN A 1 168 ? -10.896 1.325   9.309   1.00 55.39  ? 165 ASN A N     1 
ATOM   972  C  CA    . ASN A 1 168 ? -10.129 2.474   8.758   1.00 51.24  ? 165 ASN A CA    1 
ATOM   973  C  C     . ASN A 1 168 ? -10.359 2.572   7.249   1.00 49.00  ? 165 ASN A C     1 
ATOM   974  O  O     . ASN A 1 168 ? -10.538 3.701   6.732   1.00 50.48  ? 165 ASN A O     1 
ATOM   975  C  CB    . ASN A 1 168 ? -8.627  2.368   9.038   1.00 60.24  ? 165 ASN A CB    1 
ATOM   976  C  CG    . ASN A 1 168 ? -8.264  2.638   10.482  1.00 66.64  ? 165 ASN A CG    1 
ATOM   977  O  OD1   . ASN A 1 168 ? -8.960  3.380   11.170  1.00 79.07  ? 165 ASN A OD1   1 
ATOM   978  N  ND2   . ASN A 1 168 ? -7.177  2.045   10.944  1.00 64.95  ? 165 ASN A ND2   1 
ATOM   979  N  N     . LEU A 1 169 ? -10.301 1.451   6.529   1.00 51.35  ? 166 LEU A N     1 
ATOM   980  C  CA    . LEU A 1 169 ? -10.367 1.491   5.038   1.00 52.97  ? 166 LEU A CA    1 
ATOM   981  C  C     . LEU A 1 169 ? -11.813 1.751   4.587   1.00 53.83  ? 166 LEU A C     1 
ATOM   982  O  O     . LEU A 1 169 ? -12.005 2.417   3.531   1.00 48.00  ? 166 LEU A O     1 
ATOM   983  C  CB    . LEU A 1 169 ? -9.810  0.182   4.467   1.00 51.43  ? 166 LEU A CB    1 
ATOM   984  C  CG    . LEU A 1 169 ? -8.288  0.033   4.540   1.00 53.30  ? 166 LEU A CG    1 
ATOM   985  C  CD1   . LEU A 1 169 ? -7.850  -1.367  4.153   1.00 49.65  ? 166 LEU A CD1   1 
ATOM   986  C  CD2   . LEU A 1 169 ? -7.605  1.064   3.658   1.00 47.80  ? 166 LEU A CD2   1 
ATOM   987  N  N     . ILE A 1 170 ? -12.802 1.253   5.334   1.00 55.37  ? 167 ILE A N     1 
ATOM   988  C  CA    . ILE A 1 170 ? -14.214 1.656   5.069   1.00 61.50  ? 167 ILE A CA    1 
ATOM   989  C  C     . ILE A 1 170 ? -14.329 3.148   5.412   1.00 54.56  ? 167 ILE A C     1 
ATOM   990  O  O     . ILE A 1 170 ? -14.730 3.893   4.516   1.00 48.07  ? 167 ILE A O     1 
ATOM   991  C  CB    . ILE A 1 170 ? -15.232 0.752   5.784   1.00 61.44  ? 167 ILE A CB    1 
ATOM   992  C  CG1   . ILE A 1 170 ? -15.202 -0.662  5.205   1.00 58.04  ? 167 ILE A CG1   1 
ATOM   993  C  CG2   . ILE A 1 170 ? -16.632 1.330   5.697   1.00 68.57  ? 167 ILE A CG2   1 
ATOM   994  C  CD1   . ILE A 1 170 ? -15.501 -1.718  6.224   1.00 59.56  ? 167 ILE A CD1   1 
ATOM   995  N  N     . ASP A 1 171 ? -13.837 3.593   6.573   1.00 54.35  ? 168 ASP A N     1 
ATOM   996  C  CA    . ASP A 1 171 ? -13.836 5.043   6.923   1.00 60.49  ? 168 ASP A CA    1 
ATOM   997  C  C     . ASP A 1 171 ? -13.135 5.854   5.815   1.00 64.26  ? 168 ASP A C     1 
ATOM   998  O  O     . ASP A 1 171 ? -13.658 6.930   5.461   1.00 60.27  ? 168 ASP A O     1 
ATOM   999  C  CB    . ASP A 1 171 ? -13.244 5.301   8.311   1.00 69.19  ? 168 ASP A CB    1 
ATOM   1000 C  CG    . ASP A 1 171 ? -14.056 4.698   9.444   1.00 80.81  ? 168 ASP A CG    1 
ATOM   1001 O  OD1   . ASP A 1 171 ? -15.258 4.436   9.217   1.00 91.57  ? 168 ASP A OD1   1 
ATOM   1002 O  OD2   . ASP A 1 171 ? -13.478 4.479   10.541  1.00 90.31  ? 168 ASP A OD2   1 
ATOM   1003 N  N     . ALA A 1 172 ? -12.029 5.362   5.235   1.00 61.28  ? 169 ALA A N     1 
ATOM   1004 C  CA    . ALA A 1 172 ? -11.310 6.059   4.137   1.00 57.72  ? 169 ALA A CA    1 
ATOM   1005 C  C     . ALA A 1 172 ? -12.044 5.898   2.802   1.00 54.66  ? 169 ALA A C     1 
ATOM   1006 O  O     . ALA A 1 172 ? -11.713 6.657   1.890   1.00 55.34  ? 169 ALA A O     1 
ATOM   1007 C  CB    . ALA A 1 172 ? -9.891  5.565   4.036   1.00 60.88  ? 169 ALA A CB    1 
ATOM   1008 N  N     . LYS A 1 173 ? -12.982 4.943   2.692   1.00 60.22  ? 170 LYS A N     1 
ATOM   1009 C  CA    . LYS A 1 173 ? -13.782 4.654   1.468   1.00 56.89  ? 170 LYS A CA    1 
ATOM   1010 C  C     . LYS A 1 173 ? -12.846 4.055   0.413   1.00 55.39  ? 170 LYS A C     1 
ATOM   1011 O  O     . LYS A 1 173 ? -12.899 4.484   -0.754  1.00 49.63  ? 170 LYS A O     1 
ATOM   1012 C  CB    . LYS A 1 173 ? -14.493 5.917   0.963   1.00 63.38  ? 170 LYS A CB    1 
ATOM   1013 C  CG    . LYS A 1 173 ? -15.405 6.585   1.994   1.00 70.94  ? 170 LYS A CG    1 
ATOM   1014 C  CD    . LYS A 1 173 ? -15.411 8.100   1.938   1.00 76.08  ? 170 LYS A CD    1 
ATOM   1015 C  CE    . LYS A 1 173 ? -16.611 8.684   1.225   1.00 82.64  ? 170 LYS A CE    1 
ATOM   1016 N  NZ    . LYS A 1 173 ? -17.571 9.293   2.176   1.00 89.37  ? 170 LYS A NZ    1 
ATOM   1017 N  N     . ARG A 1 174 ? -12.018 3.083   0.800   1.00 55.57  ? 171 ARG A N     1 
ATOM   1018 C  CA    . ARG A 1 174 ? -11.051 2.443   -0.139  1.00 54.36  ? 171 ARG A CA    1 
ATOM   1019 C  C     . ARG A 1 174 ? -11.312 0.948   -0.138  1.00 49.29  ? 171 ARG A C     1 
ATOM   1020 O  O     . ARG A 1 174 ? -10.562 0.191   0.467   1.00 50.21  ? 171 ARG A O     1 
ATOM   1021 C  CB    . ARG A 1 174 ? -9.621  2.793   0.270   1.00 55.22  ? 171 ARG A CB    1 
ATOM   1022 C  CG    . ARG A 1 174 ? -9.364  4.292   0.361   1.00 57.44  ? 171 ARG A CG    1 
ATOM   1023 C  CD    . ARG A 1 174 ? -9.571  5.019   -0.949  1.00 60.38  ? 171 ARG A CD    1 
ATOM   1024 N  NE    . ARG A 1 174 ? -8.703  4.478   -1.995  1.00 72.84  ? 171 ARG A NE    1 
ATOM   1025 C  CZ    . ARG A 1 174 ? -7.608  5.067   -2.486  1.00 69.37  ? 171 ARG A CZ    1 
ATOM   1026 N  NH1   . ARG A 1 174 ? -7.226  6.258   -2.058  1.00 77.46  ? 171 ARG A NH1   1 
ATOM   1027 N  NH2   . ARG A 1 174 ? -6.910  4.476   -3.437  1.00 66.93  ? 171 ARG A NH2   1 
ATOM   1028 N  N     . PRO A 1 175 ? -12.432 0.495   -0.745  1.00 53.95  ? 172 PRO A N     1 
ATOM   1029 C  CA    . PRO A 1 175 ? -12.728 -0.935  -0.826  1.00 52.75  ? 172 PRO A CA    1 
ATOM   1030 C  C     . PRO A 1 175 ? -11.646 -1.716  -1.592  1.00 43.90  ? 172 PRO A C     1 
ATOM   1031 O  O     . PRO A 1 175 ? -11.352 -2.818  -1.198  1.00 47.98  ? 172 PRO A O     1 
ATOM   1032 C  CB    . PRO A 1 175 ? -14.082 -0.984  -1.559  1.00 51.17  ? 172 PRO A CB    1 
ATOM   1033 C  CG    . PRO A 1 175 ? -14.154 0.327   -2.320  1.00 48.64  ? 172 PRO A CG    1 
ATOM   1034 C  CD    . PRO A 1 175 ? -13.448 1.318   -1.426  1.00 49.81  ? 172 PRO A CD    1 
ATOM   1035 N  N     . GLU A 1 176 ? -11.071 -1.133  -2.643  1.00 42.24  ? 173 GLU A N     1 
ATOM   1036 C  CA    . GLU A 1 176 ? -9.983  -1.798  -3.405  1.00 48.77  ? 173 GLU A CA    1 
ATOM   1037 C  C     . GLU A 1 176 ? -8.811  -2.089  -2.453  1.00 45.22  ? 173 GLU A C     1 
ATOM   1038 O  O     . GLU A 1 176 ? -8.281  -3.181  -2.524  1.00 46.46  ? 173 GLU A O     1 
ATOM   1039 C  CB    . GLU A 1 176 ? -9.584  -0.992  -4.634  1.00 52.03  ? 173 GLU A CB    1 
ATOM   1040 C  CG    . GLU A 1 176 ? -8.773  0.243   -4.331  1.00 57.38  ? 173 GLU A CG    1 
ATOM   1041 C  CD    . GLU A 1 176 ? -9.591  1.445   -3.889  1.00 63.05  ? 173 GLU A CD    1 
ATOM   1042 O  OE1   . GLU A 1 176 ? -10.600 1.261   -3.170  1.00 63.35  ? 173 GLU A OE1   1 
ATOM   1043 O  OE2   . GLU A 1 176 ? -9.239  2.561   -4.299  1.00 64.69  ? 173 GLU A OE2   1 
ATOM   1044 N  N     . LEU A 1 177 ? -8.494  -1.200  -1.516  1.00 46.83  ? 174 LEU A N     1 
ATOM   1045 C  CA    . LEU A 1 177 ? -7.371  -1.424  -0.559  1.00 49.01  ? 174 LEU A CA    1 
ATOM   1046 C  C     . LEU A 1 177 ? -7.779  -2.495  0.452   1.00 45.94  ? 174 LEU A C     1 
ATOM   1047 O  O     . LEU A 1 177 ? -6.922  -3.274  0.907   1.00 44.30  ? 174 LEU A O     1 
ATOM   1048 C  CB    . LEU A 1 177 ? -7.018  -0.108  0.140   1.00 48.44  ? 174 LEU A CB    1 
ATOM   1049 C  CG    . LEU A 1 177 ? -5.962  0.756   -0.544  1.00 52.94  ? 174 LEU A CG    1 
ATOM   1050 C  CD1   . LEU A 1 177 ? -6.148  0.827   -2.046  1.00 56.36  ? 174 LEU A CD1   1 
ATOM   1051 C  CD2   . LEU A 1 177 ? -5.956  2.154   0.042   1.00 55.53  ? 174 LEU A CD2   1 
ATOM   1052 N  N     . LEU A 1 178 ? -9.051  -2.529  0.813   1.00 46.56  ? 175 LEU A N     1 
ATOM   1053 C  CA    . LEU A 1 178 ? -9.529  -3.556  1.765   1.00 49.71  ? 175 LEU A CA    1 
ATOM   1054 C  C     . LEU A 1 178 ? -9.452  -4.923  1.073   1.00 45.07  ? 175 LEU A C     1 
ATOM   1055 O  O     . LEU A 1 178 ? -9.087  -5.920  1.754   1.00 44.82  ? 175 LEU A O     1 
ATOM   1056 C  CB    . LEU A 1 178 ? -10.949 -3.186  2.215   1.00 54.26  ? 175 LEU A CB    1 
ATOM   1057 C  CG    . LEU A 1 178 ? -11.664 -4.203  3.097   1.00 54.40  ? 175 LEU A CG    1 
ATOM   1058 C  CD1   . LEU A 1 178 ? -10.833 -4.577  4.321   1.00 59.49  ? 175 LEU A CD1   1 
ATOM   1059 C  CD2   . LEU A 1 178 ? -13.013 -3.645  3.517   1.00 60.62  ? 175 LEU A CD2   1 
ATOM   1060 N  N     . GLU A 1 179 ? -9.737  -4.976  -0.230  1.00 46.08  ? 176 GLU A N     1 
ATOM   1061 C  CA    . GLU A 1 179 ? -9.681  -6.246  -0.994  1.00 51.48  ? 176 GLU A CA    1 
ATOM   1062 C  C     . GLU A 1 179 ? -8.243  -6.769  -0.970  1.00 49.11  ? 176 GLU A C     1 
ATOM   1063 O  O     . GLU A 1 179 ? -8.019  -7.961  -0.661  1.00 47.96  ? 176 GLU A O     1 
ATOM   1064 C  CB    . GLU A 1 179 ? -10.125 -6.042  -2.437  1.00 56.23  ? 176 GLU A CB    1 
ATOM   1065 C  CG    . GLU A 1 179 ? -10.180 -7.349  -3.211  1.00 69.80  ? 176 GLU A CG    1 
ATOM   1066 C  CD    . GLU A 1 179 ? -10.989 -7.296  -4.497  1.00 86.35  ? 176 GLU A CD    1 
ATOM   1067 O  OE1   . GLU A 1 179 ? -11.263 -8.378  -5.058  1.00 101.06 ? 176 GLU A OE1   1 
ATOM   1068 O  OE2   . GLU A 1 179 ? -11.335 -6.176  -4.947  1.00 96.98  ? 176 GLU A OE2   1 
ATOM   1069 N  N     . ALA A 1 180 ? -7.292  -5.894  -1.286  1.00 49.70  ? 177 ALA A N     1 
ATOM   1070 C  CA    . ALA A 1 180 ? -5.849  -6.198  -1.160  1.00 49.28  ? 177 ALA A CA    1 
ATOM   1071 C  C     . ALA A 1 180 ? -5.541  -6.723  0.252   1.00 46.91  ? 177 ALA A C     1 
ATOM   1072 O  O     . ALA A 1 180 ? -4.912  -7.783  0.354   1.00 48.61  ? 177 ALA A O     1 
ATOM   1073 C  CB    . ALA A 1 180 ? -5.047  -4.981  -1.510  1.00 51.02  ? 177 ALA A CB    1 
ATOM   1074 N  N     . LEU A 1 181 ? -6.000  -6.055  1.316   1.00 50.37  ? 178 LEU A N     1 
ATOM   1075 C  CA    . LEU A 1 181 ? -5.734  -6.506  2.714   1.00 47.04  ? 178 LEU A CA    1 
ATOM   1076 C  C     . LEU A 1 181 ? -6.329  -7.902  2.941   1.00 45.51  ? 178 LEU A C     1 
ATOM   1077 O  O     . LEU A 1 181 ? -5.689  -8.705  3.629   1.00 44.12  ? 178 LEU A O     1 
ATOM   1078 C  CB    . LEU A 1 181 ? -6.288  -5.492  3.721   1.00 50.65  ? 178 LEU A CB    1 
ATOM   1079 C  CG    . LEU A 1 181 ? -6.184  -5.898  5.192   1.00 53.53  ? 178 LEU A CG    1 
ATOM   1080 C  CD1   . LEU A 1 181 ? -4.736  -5.950  5.643   1.00 57.64  ? 178 LEU A CD1   1 
ATOM   1081 C  CD2   . LEU A 1 181 ? -6.966  -4.945  6.083   1.00 57.50  ? 178 LEU A CD2   1 
ATOM   1082 N  N     . ASN A 1 182 ? -7.502  -8.195  2.374   1.00 46.78  ? 179 ASN A N     1 
ATOM   1083 C  CA    . ASN A 1 182 ? -8.213  -9.492  2.574   1.00 45.48  ? 179 ASN A CA    1 
ATOM   1084 C  C     . ASN A 1 182 ? -7.485  -10.639 1.875   1.00 45.69  ? 179 ASN A C     1 
ATOM   1085 O  O     . ASN A 1 182 ? -7.598  -11.779 2.352   1.00 47.96  ? 179 ASN A O     1 
ATOM   1086 C  CB    . ASN A 1 182 ? -9.664  -9.414  2.089   1.00 50.02  ? 179 ASN A CB    1 
ATOM   1087 C  CG    . ASN A 1 182 ? -10.497 -8.644  3.084   1.00 52.90  ? 179 ASN A CG    1 
ATOM   1088 O  OD1   . ASN A 1 182 ? -10.126 -8.551  4.261   1.00 54.99  ? 179 ASN A OD1   1 
ATOM   1089 N  ND2   . ASN A 1 182 ? -11.577 -8.050  2.614   1.00 49.32  ? 179 ASN A ND2   1 
ATOM   1090 N  N     . ARG A 1 183 ? -6.773  -10.358 0.788   1.00 42.47  ? 180 ARG A N     1 
ATOM   1091 C  CA    . ARG A 1 183 ? -5.927  -11.366 0.102   1.00 44.52  ? 180 ARG A CA    1 
ATOM   1092 C  C     . ARG A 1 183 ? -4.668  -11.681 0.923   1.00 45.90  ? 180 ARG A C     1 
ATOM   1093 O  O     . ARG A 1 183 ? -4.055  -12.711 0.660   1.00 53.43  ? 180 ARG A O     1 
ATOM   1094 C  CB    . ARG A 1 183 ? -5.569  -10.859 -1.296  1.00 42.04  ? 180 ARG A CB    1 
ATOM   1095 C  CG    . ARG A 1 183 ? -6.782  -10.667 -2.193  1.00 40.36  ? 180 ARG A CG    1 
ATOM   1096 C  CD    . ARG A 1 183 ? -6.290  -10.074 -3.489  1.00 43.82  ? 180 ARG A CD    1 
ATOM   1097 N  NE    . ARG A 1 183 ? -7.392  -9.661  -4.322  1.00 44.92  ? 180 ARG A NE    1 
ATOM   1098 C  CZ    . ARG A 1 183 ? -7.287  -9.098  -5.516  1.00 48.19  ? 180 ARG A CZ    1 
ATOM   1099 N  NH1   . ARG A 1 183 ? -6.108  -8.868  -6.066  1.00 49.49  ? 180 ARG A NH1   1 
ATOM   1100 N  NH2   . ARG A 1 183 ? -8.382  -8.763  -6.171  1.00 53.85  ? 180 ARG A NH2   1 
ATOM   1101 N  N     . SER A 1 184 ? -4.288  -10.849 1.886   1.00 51.93  ? 181 SER A N     1 
ATOM   1102 C  CA    . SER A 1 184 ? -3.042  -11.037 2.685   1.00 53.01  ? 181 SER A CA    1 
ATOM   1103 C  C     . SER A 1 184 ? -3.214  -12.134 3.751   1.00 51.99  ? 181 SER A C     1 
ATOM   1104 O  O     . SER A 1 184 ? -4.348  -12.562 4.032   1.00 49.18  ? 181 SER A O     1 
ATOM   1105 C  CB    . SER A 1 184 ? -2.590  -9.738  3.326   1.00 50.24  ? 181 SER A CB    1 
ATOM   1106 O  OG    . SER A 1 184 ? -3.135  -9.599  4.635   1.00 53.19  ? 181 SER A OG    1 
ATOM   1107 N  N     . ALA A 1 185 ? -2.111  -12.534 4.375   1.00 52.03  ? 182 ALA A N     1 
ATOM   1108 C  CA    . ALA A 1 185 ? -2.088  -13.639 5.354   1.00 53.32  ? 182 ALA A CA    1 
ATOM   1109 C  C     . ALA A 1 185 ? -2.343  -13.064 6.747   1.00 55.16  ? 182 ALA A C     1 
ATOM   1110 O  O     . ALA A 1 185 ? -2.067  -13.773 7.749   1.00 55.67  ? 182 ALA A O     1 
ATOM   1111 C  CB    . ALA A 1 185 ? -0.781  -14.386 5.269   1.00 49.41  ? 182 ALA A CB    1 
ATOM   1112 N  N     . ILE A 1 186 ? -2.856  -11.835 6.818   1.00 49.18  ? 183 ILE A N     1 
ATOM   1113 C  CA    . ILE A 1 186 ? -3.194  -11.221 8.132   1.00 55.65  ? 183 ILE A CA    1 
ATOM   1114 C  C     . ILE A 1 186 ? -4.206  -12.125 8.839   1.00 58.46  ? 183 ILE A C     1 
ATOM   1115 O  O     . ILE A 1 186 ? -5.088  -12.710 8.178   1.00 59.02  ? 183 ILE A O     1 
ATOM   1116 C  CB    . ILE A 1 186 ? -3.720  -9.781  8.016   1.00 53.77  ? 183 ILE A CB    1 
ATOM   1117 C  CG1   . ILE A 1 186 ? -3.836  -9.155  9.407   1.00 56.90  ? 183 ILE A CG1   1 
ATOM   1118 C  CG2   . ILE A 1 186 ? -5.043  -9.721  7.258   1.00 52.31  ? 183 ILE A CG2   1 
ATOM   1119 C  CD1   . ILE A 1 186 ? -3.893  -7.642  9.413   1.00 55.08  ? 183 ILE A CD1   1 
ATOM   1120 N  N     . ILE A 1 187 ? -4.059  -12.225 10.150  1.00 64.97  ? 184 ILE A N     1 
ATOM   1121 C  CA    . ILE A 1 187 ? -5.008  -12.943 11.038  1.00 69.48  ? 184 ILE A CA    1 
ATOM   1122 C  C     . ILE A 1 187 ? -6.227  -12.042 11.207  1.00 68.81  ? 184 ILE A C     1 
ATOM   1123 O  O     . ILE A 1 187 ? -6.047  -10.856 11.551  1.00 62.50  ? 184 ILE A O     1 
ATOM   1124 C  CB    . ILE A 1 187 ? -4.336  -13.297 12.375  1.00 74.09  ? 184 ILE A CB    1 
ATOM   1125 C  CG1   . ILE A 1 187 ? -3.304  -14.413 12.182  1.00 73.26  ? 184 ILE A CG1   1 
ATOM   1126 C  CG2   . ILE A 1 187 ? -5.374  -13.642 13.435  1.00 78.82  ? 184 ILE A CG2   1 
ATOM   1127 C  CD1   . ILE A 1 187 ? -2.031  -14.219 12.974  1.00 76.39  ? 184 ILE A CD1   1 
ATOM   1128 N  N     . LYS A 1 188 ? -7.406  -12.601 10.947  1.00 70.57  ? 185 LYS A N     1 
ATOM   1129 C  CA    . LYS A 1 188 ? -8.700  -11.882 10.934  1.00 78.82  ? 185 LYS A CA    1 
ATOM   1130 C  C     . LYS A 1 188 ? -9.395  -12.021 12.298  1.00 79.38  ? 185 LYS A C     1 
ATOM   1131 O  O     . LYS A 1 188 ? -10.230 -11.157 12.605  1.00 81.51  ? 185 LYS A O     1 
ATOM   1132 C  CB    . LYS A 1 188 ? -9.500  -12.408 9.741   1.00 78.32  ? 185 LYS A CB    1 
ATOM   1133 C  CG    . LYS A 1 188 ? -9.012  -11.887 8.393   1.00 77.76  ? 185 LYS A CG    1 
ATOM   1134 C  CD    . LYS A 1 188 ? -8.626  -12.970 7.409   1.00 78.90  ? 185 LYS A CD    1 
ATOM   1135 C  CE    . LYS A 1 188 ? -8.074  -12.418 6.109   1.00 79.47  ? 185 LYS A CE    1 
ATOM   1136 N  NZ    . LYS A 1 188 ? -9.116  -11.708 5.336   1.00 73.27  ? 185 LYS A NZ    1 
ATOM   1137 N  N     . ASP A 1 189 ? -9.028  -13.036 13.091  1.00 94.24  ? 186 ASP A N     1 
ATOM   1138 C  CA    . ASP A 1 189 ? -9.474  -13.248 14.501  1.00 97.43  ? 186 ASP A CA    1 
ATOM   1139 C  C     . ASP A 1 189 ? -8.942  -12.119 15.393  1.00 100.30 ? 186 ASP A C     1 
ATOM   1140 O  O     . ASP A 1 189 ? -9.689  -11.257 15.858  1.00 94.98  ? 186 ASP A O     1 
ATOM   1141 C  CB    . ASP A 1 189 ? -8.994  -14.599 15.044  1.00 98.71  ? 186 ASP A CB    1 
ATOM   1142 C  CG    . ASP A 1 189 ? -9.141  -15.740 14.050  1.00 102.49 ? 186 ASP A CG    1 
ATOM   1143 O  OD1   . ASP A 1 189 ? -9.890  -15.567 13.064  1.00 104.14 ? 186 ASP A OD1   1 
ATOM   1144 O  OD2   . ASP A 1 189 ? -8.494  -16.779 14.258  1.00 98.26  ? 186 ASP A OD2   1 
HETATM 1145 N  N9    . 5FA B 2 .   ? -7.756  8.829   -5.195  1.00 128.79 ? 201 5FA A N9    1 
HETATM 1146 C  C8    . 5FA B 2 .   ? -8.692  9.025   -4.244  1.00 125.22 ? 201 5FA A C8    1 
HETATM 1147 N  N7    . 5FA B 2 .   ? -9.482  7.931   -4.164  1.00 123.40 ? 201 5FA A N7    1 
HETATM 1148 C  C5    . 5FA B 2 .   ? -9.037  7.048   -5.083  1.00 127.92 ? 201 5FA A C5    1 
HETATM 1149 C  C6    . 5FA B 2 .   ? -9.470  5.678   -5.484  1.00 124.88 ? 201 5FA A C6    1 
HETATM 1150 N  N6    . 5FA B 2 .   ? -10.520 5.045   -4.895  1.00 117.45 ? 201 5FA A N6    1 
HETATM 1151 N  N1    . 5FA B 2 .   ? -8.772  5.074   -6.471  1.00 127.97 ? 201 5FA A N1    1 
HETATM 1152 C  C2    . 5FA B 2 .   ? -7.742  5.724   -7.034  1.00 122.46 ? 201 5FA A C2    1 
HETATM 1153 N  N3    . 5FA B 2 .   ? -7.283  6.943   -6.737  1.00 125.28 ? 201 5FA A N3    1 
HETATM 1154 C  C4    . 5FA B 2 .   ? -7.938  7.623   -5.745  1.00 133.47 ? 201 5FA A C4    1 
HETATM 1155 O  "O5'" . 5FA B 2 .   ? -4.873  9.747   -3.085  1.00 65.04  ? 201 5FA A "O5'" 1 
HETATM 1156 C  "C5'" . 5FA B 2 .   ? -3.843  9.716   -4.045  1.00 82.58  ? 201 5FA A "C5'" 1 
HETATM 1157 C  "C4'" . 5FA B 2 .   ? -4.481  10.207  -5.298  1.00 95.47  ? 201 5FA A "C4'" 1 
HETATM 1158 O  "O4'" . 5FA B 2 .   ? -5.420  9.193   -5.626  1.00 104.94 ? 201 5FA A "O4'" 1 
HETATM 1159 C  "C3'" . 5FA B 2 .   ? -5.210  11.517  -5.093  1.00 104.86 ? 201 5FA A "C3'" 1 
HETATM 1160 O  "O3'" . 5FA B 2 .   ? -5.113  12.323  -6.273  1.00 103.40 ? 201 5FA A "O3'" 1 
HETATM 1161 C  "C2'" . 5FA B 2 .   ? -6.616  11.027  -4.787  1.00 112.46 ? 201 5FA A "C2'" 1 
HETATM 1162 O  "O2'" . 5FA B 2 .   ? -7.633  11.968  -5.125  1.00 109.73 ? 201 5FA A "O2'" 1 
HETATM 1163 C  "C1'" . 5FA B 2 .   ? -6.705  9.774   -5.643  1.00 117.36 ? 201 5FA A "C1'" 1 
HETATM 1164 P  PA    . 5FA B 2 .   ? -4.568  8.931   -1.780  1.00 68.02  ? 201 5FA A PA    1 
HETATM 1165 O  O1A   . 5FA B 2 .   ? -4.827  7.514   -2.176  1.00 68.52  ? 201 5FA A O1A   1 
HETATM 1166 O  O2A   . 5FA B 2 .   ? -5.197  9.496   -0.530  1.00 71.66  ? 201 5FA A O2A   1 
HETATM 1167 O  O3A   . 5FA B 2 .   ? -2.991  9.015   -1.543  1.00 76.18  ? 201 5FA A O3A   1 
HETATM 1168 P  PB    . 5FA B 2 .   ? -2.086  10.116  -0.832  1.00 70.24  ? 201 5FA A PB    1 
HETATM 1169 O  O1B   . 5FA B 2 .   ? -2.740  11.464  -1.002  1.00 74.30  ? 201 5FA A O1B   1 
HETATM 1170 O  O2B   . 5FA B 2 .   ? -1.703  9.699   0.553   1.00 66.01  ? 201 5FA A O2B   1 
HETATM 1171 O  O3B   . 5FA B 2 .   ? -0.747  10.068  -1.665  1.00 85.50  ? 201 5FA A O3B   1 
HETATM 1172 P  PG    . 5FA B 2 .   ? -0.272  11.117  -2.764  1.00 100.84 ? 201 5FA A PG    1 
HETATM 1173 O  O2G   . 5FA B 2 .   ? 0.931   11.843  -2.173  1.00 108.98 ? 201 5FA A O2G   1 
HETATM 1174 O  O1G   . 5FA B 2 .   ? -1.459  11.952  -3.196  1.00 101.63 ? 201 5FA A O1G   1 
HETATM 1175 O  O3G   . 5FA B 2 .   ? 0.141   10.152  -4.011  1.00 105.41 ? 201 5FA A O3G   1 
HETATM 1176 P  PD    . 5FA B 2 .   ? -0.602  9.162   -5.085  1.00 118.79 ? 201 5FA A PD    1 
HETATM 1177 O  O1D   . 5FA B 2 .   ? -1.064  7.937   -4.332  1.00 102.15 ? 201 5FA A O1D   1 
HETATM 1178 O  O2D   . 5FA B 2 .   ? -1.530  9.970   -5.974  1.00 108.79 ? 201 5FA A O2D   1 
HETATM 1179 O  O3D   . 5FA B 2 .   ? 0.607   8.684   -6.042  1.00 107.60 ? 201 5FA A O3D   1 
HETATM 1180 P  PE    . 5FA B 2 .   ? 2.172   9.126   -6.057  1.00 112.72 ? 201 5FA A PE    1 
HETATM 1181 O  O1E   . 5FA B 2 .   ? 2.172   10.670  -6.223  1.00 91.54  ? 201 5FA A O1E   1 
HETATM 1182 O  O2E   . 5FA B 2 .   ? 2.719   8.582   -4.720  1.00 81.41  ? 201 5FA A O2E   1 
HETATM 1183 O  O3E   . 5FA B 2 .   ? 2.888   8.331   -7.139  1.00 81.78  ? 201 5FA A O3E   1 
HETATM 1184 N  N9    . ADE C 3 .   ? -9.380  -13.881 -4.735  0.25 32.00  ? 202 ADE A N9    1 
HETATM 1185 C  C8    . ADE C 3 .   ? -8.470  -14.419 -3.878  0.25 31.09  ? 202 ADE A C8    1 
HETATM 1186 N  N7    . ADE C 3 .   ? -7.226  -14.095 -4.157  0.25 32.40  ? 202 ADE A N7    1 
HETATM 1187 C  C5    . ADE C 3 .   ? -7.338  -13.278 -5.279  0.25 29.48  ? 202 ADE A C5    1 
HETATM 1188 C  C6    . ADE C 3 .   ? -6.396  -12.603 -6.075  0.25 30.19  ? 202 ADE A C6    1 
HETATM 1189 N  N6    . ADE C 3 .   ? -5.089  -12.667 -5.825  0.25 31.01  ? 202 ADE A N6    1 
HETATM 1190 N  N1    . ADE C 3 .   ? -6.842  -11.871 -7.122  0.25 29.99  ? 202 ADE A N1    1 
HETATM 1191 C  C2    . ADE C 3 .   ? -8.161  -11.832 -7.345  0.25 30.75  ? 202 ADE A C2    1 
HETATM 1192 N  N3    . ADE C 3 .   ? -9.142  -12.425 -6.670  0.25 30.38  ? 202 ADE A N3    1 
HETATM 1193 C  C4    . ADE C 3 .   ? -8.665  -13.145 -5.640  0.25 30.12  ? 202 ADE A C4    1 
HETATM 1194 CA CA    . CA  D 4 .   ? 1.351   7.664   -2.889  1.00 115.10 ? 203 CA  A CA    1 
HETATM 1195 O  O     . HOH E 5 .   ? -1.913  6.130   -5.423  1.00 49.34  ? 301 HOH A O     1 
HETATM 1196 O  O     . HOH E 5 .   ? -2.861  13.732  -2.605  1.00 73.23  ? 302 HOH A O     1 
HETATM 1197 O  O     . HOH E 5 .   ? -5.383  11.834  -2.010  1.00 59.91  ? 303 HOH A O     1 
HETATM 1198 O  O     . HOH E 5 .   ? -2.459  11.209  -7.816  1.00 56.51  ? 304 HOH A O     1 
HETATM 1199 O  O     . HOH E 5 .   ? 0.797   12.300  -5.060  1.00 52.59  ? 305 HOH A O     1 
HETATM 1200 O  O     . HOH E 5 .   ? -8.477  12.892  -2.955  1.00 58.30  ? 306 HOH A O     1 
HETATM 1201 O  O     . HOH E 5 .   ? -6.614  -1.609  -16.126 1.00 56.39  ? 307 HOH A O     1 
HETATM 1202 O  O     . HOH E 5 .   ? -1.197  12.666  6.316   1.00 57.14  ? 308 HOH A O     1 
HETATM 1203 O  O     . HOH E 5 .   ? 10.880  -0.590  1.426   1.00 59.36  ? 309 HOH A O     1 
HETATM 1204 O  O     . HOH E 5 .   ? -11.964 7.154   -6.310  1.00 57.67  ? 310 HOH A O     1 
HETATM 1205 O  O     . HOH E 5 .   ? -0.759  -14.208 1.403   1.00 62.89  ? 311 HOH A O     1 
HETATM 1206 O  O     . HOH E 5 .   ? 0.691   -7.808  -7.603  1.00 56.61  ? 312 HOH A O     1 
HETATM 1207 O  O     . HOH E 5 .   ? -8.729  -9.151  14.385  1.00 71.65  ? 313 HOH A O     1 
HETATM 1208 O  O     . HOH E 5 .   ? -5.735  -10.308 -9.091  0.50 52.90  ? 314 HOH A O     1 
HETATM 1209 O  O     . HOH E 5 .   ? 4.039   13.995  -2.770  1.00 76.12  ? 315 HOH A O     1 
HETATM 1210 O  O     . HOH E 5 .   ? 0.716   -1.837  4.609   1.00 48.05  ? 316 HOH A O     1 
HETATM 1211 O  O     . HOH E 5 .   ? -0.306  6.849   -0.642  1.00 55.38  ? 317 HOH A O     1 
HETATM 1212 O  O     . HOH E 5 .   ? -4.641  6.025   -5.005  1.00 55.33  ? 318 HOH A O     1 
HETATM 1213 O  O     . HOH E 5 .   ? -14.143 -7.086  3.970   1.00 58.19  ? 319 HOH A O     1 
HETATM 1214 O  O     . HOH E 5 .   ? -11.451 2.847   12.981  1.00 66.94  ? 320 HOH A O     1 
HETATM 1215 O  O     . HOH E 5 .   ? 3.268   7.998   14.531  1.00 66.83  ? 321 HOH A O     1 
HETATM 1216 O  O     . HOH E 5 .   ? 2.847   -15.186 -4.206  1.00 51.71  ? 322 HOH A O     1 
HETATM 1217 O  O     . HOH E 5 .   ? 2.695   13.928  -5.837  1.00 69.39  ? 323 HOH A O     1 
HETATM 1218 O  O     . HOH E 5 .   ? -13.016 -1.814  -6.804  1.00 61.72  ? 324 HOH A O     1 
HETATM 1219 O  O     . HOH E 5 .   ? -9.707  -7.938  -9.388  1.00 63.74  ? 325 HOH A O     1 
HETATM 1220 O  O     . HOH E 5 .   ? 0.863   7.227   16.359  1.00 71.58  ? 326 HOH A O     1 
HETATM 1221 O  O     . HOH E 5 .   ? -12.059 -16.521 -3.211  1.00 67.45  ? 327 HOH A O     1 
HETATM 1222 O  O     . HOH E 5 .   ? -11.456 13.887  -3.977  1.00 68.62  ? 328 HOH A O     1 
HETATM 1223 O  O     . HOH E 5 .   ? -12.995 12.279  -2.776  1.00 53.57  ? 329 HOH A O     1 
HETATM 1224 O  O     . HOH E 5 .   ? -13.398 14.965  -1.836  1.00 71.26  ? 330 HOH A O     1 
HETATM 1225 O  O     . HOH E 5 .   ? 8.645   15.227  -2.295  1.00 75.56  ? 331 HOH A O     1 
HETATM 1226 O  O     . HOH E 5 .   ? -10.796 -16.278 2.330   1.00 69.87  ? 332 HOH A O     1 
# 
